data_5N2N
# 
_entry.id   5N2N 
# 
_audit_conform.dict_name       mmcif_pdbx.dic 
_audit_conform.dict_version    5.383 
_audit_conform.dict_location   http://mmcif.pdb.org/dictionaries/ascii/mmcif_pdbx.dic 
# 
loop_
_database_2.database_id 
_database_2.database_code 
_database_2.pdbx_database_accession 
_database_2.pdbx_DOI 
PDB   5N2N         pdb_00005n2n 10.2210/pdb5n2n/pdb 
WWPDB D_1200003359 ?            ?                   
# 
loop_
_pdbx_audit_revision_history.ordinal 
_pdbx_audit_revision_history.data_content_type 
_pdbx_audit_revision_history.major_revision 
_pdbx_audit_revision_history.minor_revision 
_pdbx_audit_revision_history.revision_date 
1 'Structure model' 1 0 2017-09-13 
2 'Structure model' 1 1 2017-11-01 
3 'Structure model' 1 2 2024-01-17 
# 
_pdbx_audit_revision_details.ordinal             1 
_pdbx_audit_revision_details.revision_ordinal    1 
_pdbx_audit_revision_details.data_content_type   'Structure model' 
_pdbx_audit_revision_details.provider            repository 
_pdbx_audit_revision_details.type                'Initial release' 
_pdbx_audit_revision_details.description         ? 
_pdbx_audit_revision_details.details             ? 
# 
loop_
_pdbx_audit_revision_group.ordinal 
_pdbx_audit_revision_group.revision_ordinal 
_pdbx_audit_revision_group.data_content_type 
_pdbx_audit_revision_group.group 
1 2 'Structure model' 'Database references'    
2 3 'Structure model' 'Data collection'        
3 3 'Structure model' 'Database references'    
4 3 'Structure model' 'Derived calculations'   
5 3 'Structure model' 'Refinement description' 
# 
loop_
_pdbx_audit_revision_category.ordinal 
_pdbx_audit_revision_category.revision_ordinal 
_pdbx_audit_revision_category.data_content_type 
_pdbx_audit_revision_category.category 
1 2 'Structure model' citation                      
2 3 'Structure model' chem_comp_atom                
3 3 'Structure model' chem_comp_bond                
4 3 'Structure model' database_2                    
5 3 'Structure model' pdbx_initial_refinement_model 
6 3 'Structure model' pdbx_struct_conn_angle        
7 3 'Structure model' struct_conn                   
# 
loop_
_pdbx_audit_revision_item.ordinal 
_pdbx_audit_revision_item.revision_ordinal 
_pdbx_audit_revision_item.data_content_type 
_pdbx_audit_revision_item.item 
1  2 'Structure model' '_citation.journal_volume'                  
2  2 'Structure model' '_citation.page_first'                      
3  2 'Structure model' '_citation.page_last'                       
4  2 'Structure model' '_citation.title'                           
5  3 'Structure model' '_database_2.pdbx_DOI'                      
6  3 'Structure model' '_database_2.pdbx_database_accession'       
7  3 'Structure model' '_pdbx_struct_conn_angle.ptnr1_auth_seq_id' 
8  3 'Structure model' '_pdbx_struct_conn_angle.ptnr3_auth_seq_id' 
9  3 'Structure model' '_pdbx_struct_conn_angle.value'             
10 3 'Structure model' '_struct_conn.pdbx_dist_value'              
11 3 'Structure model' '_struct_conn.ptnr1_label_atom_id'          
12 3 'Structure model' '_struct_conn.ptnr2_auth_comp_id'           
13 3 'Structure model' '_struct_conn.ptnr2_auth_seq_id'            
14 3 'Structure model' '_struct_conn.ptnr2_label_asym_id'          
15 3 'Structure model' '_struct_conn.ptnr2_label_atom_id'          
16 3 'Structure model' '_struct_conn.ptnr2_label_comp_id'          
# 
_pdbx_database_status.status_code                     REL 
_pdbx_database_status.status_code_sf                  REL 
_pdbx_database_status.status_code_mr                  ? 
_pdbx_database_status.entry_id                        5N2N 
_pdbx_database_status.recvd_initial_deposition_date   2017-02-08 
_pdbx_database_status.SG_entry                        N 
_pdbx_database_status.deposit_site                    PDBE 
_pdbx_database_status.process_site                    PDBE 
_pdbx_database_status.status_code_cs                  ? 
_pdbx_database_status.methods_development_category    ? 
_pdbx_database_status.pdb_format_compatible           Y 
_pdbx_database_status.status_code_nmr_data            ? 
# 
loop_
_pdbx_database_related.db_name 
_pdbx_database_related.details 
_pdbx_database_related.db_id 
_pdbx_database_related.content_type 
PDB . 3MM4 unspecified 
PDB . 3MMN unspecified 
PDB . 5LNM unspecified 
PDB . 5LNN unspecified 
# 
loop_
_audit_author.name 
_audit_author.pdbx_ordinal 
_audit_author.identifier_ORCID 
'Otrusinova, O.'  1  ? 
'Demo, G.'        2  ? 
'Padrta, P.'      3  ? 
'Jasenakova, Z.'  4  ? 
'Pekarova, B.'    5  ? 
'Gelova, Z.'      6  ? 
'Szmitkowska, A.' 7  ? 
'Kaderavek, P.'   8  ? 
'Jansen, S.'      9  ? 
'Zachrdla, M.'    10 ? 
'Klumpler, T.'    11 ? 
'Marek, J.'       12 ? 
'Hritz, J.'       13 ? 
'Janda, L.'       14 ? 
'Iwai, H.'        15 ? 
'Wimmerova, M.'   16 ? 
'Hejatko, J.'     17 ? 
'Zidek, L.'       18 ? 
# 
_citation.abstract                  ? 
_citation.abstract_id_CAS           ? 
_citation.book_id_ISBN              ? 
_citation.book_publisher            ? 
_citation.book_publisher_city       ? 
_citation.book_title                ? 
_citation.coordinate_linkage        ? 
_citation.country                   US 
_citation.database_id_Medline       ? 
_citation.details                   ? 
_citation.id                        primary 
_citation.journal_abbrev            'J. Biol. Chem.' 
_citation.journal_id_ASTM           JBCHA3 
_citation.journal_id_CSD            0071 
_citation.journal_id_ISSN           1083-351X 
_citation.journal_full              ? 
_citation.journal_issue             ? 
_citation.journal_volume            292 
_citation.language                  ? 
_citation.page_first                17525 
_citation.page_last                 17540 
_citation.title                     
;Conformational dynamics are a key factor in signaling mediated by the receiver domain of a sensor histidine kinase from Arabidopsis thaliana.
;
_citation.year                      2017 
_citation.database_id_CSD           ? 
_citation.pdbx_database_id_DOI      10.1074/jbc.M117.790212 
_citation.pdbx_database_id_PubMed   28860196 
_citation.unpublished_flag          ? 
# 
loop_
_citation_author.citation_id 
_citation_author.name 
_citation_author.ordinal 
_citation_author.identifier_ORCID 
primary 'Otrusinova, O.'  1  ? 
primary 'Demo, G.'        2  ? 
primary 'Padrta, P.'      3  ? 
primary 'Jasenakova, Z.'  4  ? 
primary 'Pekarova, B.'    5  ? 
primary 'Gelova, Z.'      6  ? 
primary 'Szmitkowska, A.' 7  ? 
primary 'Kaderavek, P.'   8  ? 
primary 'Jansen, S.'      9  ? 
primary 'Zachrdla, M.'    10 ? 
primary 'Klumpler, T.'    11 ? 
primary 'Marek, J.'       12 ? 
primary 'Hritz, J.'       13 ? 
primary 'Janda, L.'       14 ? 
primary 'Iwai, H.'        15 ? 
primary 'Wimmerova, M.'   16 ? 
primary 'Hejatko, J.'     17 ? 
primary 'Zidek, L.'       18 ? 
# 
loop_
_entity.id 
_entity.type 
_entity.src_method 
_entity.pdbx_description 
_entity.formula_weight 
_entity.pdbx_number_of_molecules 
_entity.pdbx_ec 
_entity.pdbx_mutation 
_entity.pdbx_fragment 
_entity.details 
1 polymer     man 'Histidine kinase CKI1'     23225.879 1  2.7.13.3 ? ? ? 
2 non-polymer syn 'MAGNESIUM ION'             24.305    1  ?        ? ? ? 
3 non-polymer syn 'BERYLLIUM TRIFLUORIDE ION' 66.007    1  ?        ? ? ? 
4 water       nat water                       18.015    53 ?        ? ? ? 
# 
_entity_name_com.entity_id   1 
_entity_name_com.name        'Protein CYTOKININ-INDEPENDENT 1' 
# 
_entity_poly.entity_id                      1 
_entity_poly.type                           'polypeptide(L)' 
_entity_poly.nstd_linkage                   no 
_entity_poly.nstd_monomer                   no 
_entity_poly.pdbx_seq_one_letter_code       
;GSSHHHHHHSSGLVPRGSHMASTDSESETRVKSVRTGRKPIGNPEDEQETSKPSDDEFLRGKRVLVVDDNFISRKVATGK
LKKMGVSEVEQCDSGKEALRLVTEGLTQREEQGSVDKLPFDYIFMDCQMPEMDGYEATREIRKVEKSYGVRTPIIAVSGH
DPGSEEARETIQAGMDAFLDKSLNQLANVIREIESKRHLEHHHHHH
;
_entity_poly.pdbx_seq_one_letter_code_can   
;GSSHHHHHHSSGLVPRGSHMASTDSESETRVKSVRTGRKPIGNPEDEQETSKPSDDEFLRGKRVLVVDDNFISRKVATGK
LKKMGVSEVEQCDSGKEALRLVTEGLTQREEQGSVDKLPFDYIFMDCQMPEMDGYEATREIRKVEKSYGVRTPIIAVSGH
DPGSEEARETIQAGMDAFLDKSLNQLANVIREIESKRHLEHHHHHH
;
_entity_poly.pdbx_strand_id                 A 
_entity_poly.pdbx_target_identifier         ? 
# 
loop_
_pdbx_entity_nonpoly.entity_id 
_pdbx_entity_nonpoly.name 
_pdbx_entity_nonpoly.comp_id 
2 'MAGNESIUM ION'             MG  
3 'BERYLLIUM TRIFLUORIDE ION' BEF 
4 water                       HOH 
# 
loop_
_entity_poly_seq.entity_id 
_entity_poly_seq.num 
_entity_poly_seq.mon_id 
_entity_poly_seq.hetero 
1 1   GLY n 
1 2   SER n 
1 3   SER n 
1 4   HIS n 
1 5   HIS n 
1 6   HIS n 
1 7   HIS n 
1 8   HIS n 
1 9   HIS n 
1 10  SER n 
1 11  SER n 
1 12  GLY n 
1 13  LEU n 
1 14  VAL n 
1 15  PRO n 
1 16  ARG n 
1 17  GLY n 
1 18  SER n 
1 19  HIS n 
1 20  MET n 
1 21  ALA n 
1 22  SER n 
1 23  THR n 
1 24  ASP n 
1 25  SER n 
1 26  GLU n 
1 27  SER n 
1 28  GLU n 
1 29  THR n 
1 30  ARG n 
1 31  VAL n 
1 32  LYS n 
1 33  SER n 
1 34  VAL n 
1 35  ARG n 
1 36  THR n 
1 37  GLY n 
1 38  ARG n 
1 39  LYS n 
1 40  PRO n 
1 41  ILE n 
1 42  GLY n 
1 43  ASN n 
1 44  PRO n 
1 45  GLU n 
1 46  ASP n 
1 47  GLU n 
1 48  GLN n 
1 49  GLU n 
1 50  THR n 
1 51  SER n 
1 52  LYS n 
1 53  PRO n 
1 54  SER n 
1 55  ASP n 
1 56  ASP n 
1 57  GLU n 
1 58  PHE n 
1 59  LEU n 
1 60  ARG n 
1 61  GLY n 
1 62  LYS n 
1 63  ARG n 
1 64  VAL n 
1 65  LEU n 
1 66  VAL n 
1 67  VAL n 
1 68  ASP n 
1 69  ASP n 
1 70  ASN n 
1 71  PHE n 
1 72  ILE n 
1 73  SER n 
1 74  ARG n 
1 75  LYS n 
1 76  VAL n 
1 77  ALA n 
1 78  THR n 
1 79  GLY n 
1 80  LYS n 
1 81  LEU n 
1 82  LYS n 
1 83  LYS n 
1 84  MET n 
1 85  GLY n 
1 86  VAL n 
1 87  SER n 
1 88  GLU n 
1 89  VAL n 
1 90  GLU n 
1 91  GLN n 
1 92  CYS n 
1 93  ASP n 
1 94  SER n 
1 95  GLY n 
1 96  LYS n 
1 97  GLU n 
1 98  ALA n 
1 99  LEU n 
1 100 ARG n 
1 101 LEU n 
1 102 VAL n 
1 103 THR n 
1 104 GLU n 
1 105 GLY n 
1 106 LEU n 
1 107 THR n 
1 108 GLN n 
1 109 ARG n 
1 110 GLU n 
1 111 GLU n 
1 112 GLN n 
1 113 GLY n 
1 114 SER n 
1 115 VAL n 
1 116 ASP n 
1 117 LYS n 
1 118 LEU n 
1 119 PRO n 
1 120 PHE n 
1 121 ASP n 
1 122 TYR n 
1 123 ILE n 
1 124 PHE n 
1 125 MET n 
1 126 ASP n 
1 127 CYS n 
1 128 GLN n 
1 129 MET n 
1 130 PRO n 
1 131 GLU n 
1 132 MET n 
1 133 ASP n 
1 134 GLY n 
1 135 TYR n 
1 136 GLU n 
1 137 ALA n 
1 138 THR n 
1 139 ARG n 
1 140 GLU n 
1 141 ILE n 
1 142 ARG n 
1 143 LYS n 
1 144 VAL n 
1 145 GLU n 
1 146 LYS n 
1 147 SER n 
1 148 TYR n 
1 149 GLY n 
1 150 VAL n 
1 151 ARG n 
1 152 THR n 
1 153 PRO n 
1 154 ILE n 
1 155 ILE n 
1 156 ALA n 
1 157 VAL n 
1 158 SER n 
1 159 GLY n 
1 160 HIS n 
1 161 ASP n 
1 162 PRO n 
1 163 GLY n 
1 164 SER n 
1 165 GLU n 
1 166 GLU n 
1 167 ALA n 
1 168 ARG n 
1 169 GLU n 
1 170 THR n 
1 171 ILE n 
1 172 GLN n 
1 173 ALA n 
1 174 GLY n 
1 175 MET n 
1 176 ASP n 
1 177 ALA n 
1 178 PHE n 
1 179 LEU n 
1 180 ASP n 
1 181 LYS n 
1 182 SER n 
1 183 LEU n 
1 184 ASN n 
1 185 GLN n 
1 186 LEU n 
1 187 ALA n 
1 188 ASN n 
1 189 VAL n 
1 190 ILE n 
1 191 ARG n 
1 192 GLU n 
1 193 ILE n 
1 194 GLU n 
1 195 SER n 
1 196 LYS n 
1 197 ARG n 
1 198 HIS n 
1 199 LEU n 
1 200 GLU n 
1 201 HIS n 
1 202 HIS n 
1 203 HIS n 
1 204 HIS n 
1 205 HIS n 
1 206 HIS n 
# 
_entity_src_gen.entity_id                          1 
_entity_src_gen.pdbx_src_id                        1 
_entity_src_gen.pdbx_alt_source_flag               sample 
_entity_src_gen.pdbx_seq_type                      'Biological sequence' 
_entity_src_gen.pdbx_beg_seq_num                   1 
_entity_src_gen.pdbx_end_seq_num                   206 
_entity_src_gen.gene_src_common_name               'thale cress' 
_entity_src_gen.gene_src_genus                     ? 
_entity_src_gen.pdbx_gene_src_gene                 'CKI1, At2g47430, T30B22.27' 
_entity_src_gen.gene_src_species                   ? 
_entity_src_gen.gene_src_strain                    ? 
_entity_src_gen.gene_src_tissue                    ? 
_entity_src_gen.gene_src_tissue_fraction           ? 
_entity_src_gen.gene_src_details                   ? 
_entity_src_gen.pdbx_gene_src_fragment             ? 
_entity_src_gen.pdbx_gene_src_scientific_name      'Arabidopsis thaliana' 
_entity_src_gen.pdbx_gene_src_ncbi_taxonomy_id     3702 
_entity_src_gen.pdbx_gene_src_variant              ? 
_entity_src_gen.pdbx_gene_src_cell_line            ? 
_entity_src_gen.pdbx_gene_src_atcc                 ? 
_entity_src_gen.pdbx_gene_src_organ                ? 
_entity_src_gen.pdbx_gene_src_organelle            ? 
_entity_src_gen.pdbx_gene_src_cell                 ? 
_entity_src_gen.pdbx_gene_src_cellular_location    ? 
_entity_src_gen.host_org_common_name               ? 
_entity_src_gen.pdbx_host_org_scientific_name      
;Escherichia coli 'BL21-Gold(DE3)pLysS AG'
;
_entity_src_gen.pdbx_host_org_ncbi_taxonomy_id     866768 
_entity_src_gen.host_org_genus                     ? 
_entity_src_gen.pdbx_host_org_gene                 ? 
_entity_src_gen.pdbx_host_org_organ                ? 
_entity_src_gen.host_org_species                   ? 
_entity_src_gen.pdbx_host_org_tissue               ? 
_entity_src_gen.pdbx_host_org_tissue_fraction      ? 
_entity_src_gen.pdbx_host_org_strain               ? 
_entity_src_gen.pdbx_host_org_variant              ? 
_entity_src_gen.pdbx_host_org_cell_line            ? 
_entity_src_gen.pdbx_host_org_atcc                 ? 
_entity_src_gen.pdbx_host_org_culture_collection   ? 
_entity_src_gen.pdbx_host_org_cell                 ? 
_entity_src_gen.pdbx_host_org_organelle            ? 
_entity_src_gen.pdbx_host_org_cellular_location    ? 
_entity_src_gen.pdbx_host_org_vector_type          ? 
_entity_src_gen.pdbx_host_org_vector               ? 
_entity_src_gen.host_org_details                   ? 
_entity_src_gen.expression_system_id               ? 
_entity_src_gen.plasmid_name                       ? 
_entity_src_gen.plasmid_details                    ? 
_entity_src_gen.pdbx_description                   ? 
# 
loop_
_chem_comp.id 
_chem_comp.type 
_chem_comp.mon_nstd_flag 
_chem_comp.name 
_chem_comp.pdbx_synonyms 
_chem_comp.formula 
_chem_comp.formula_weight 
ALA 'L-peptide linking' y ALANINE                     ? 'C3 H7 N O2'     89.093  
ARG 'L-peptide linking' y ARGININE                    ? 'C6 H15 N4 O2 1' 175.209 
ASN 'L-peptide linking' y ASPARAGINE                  ? 'C4 H8 N2 O3'    132.118 
ASP 'L-peptide linking' y 'ASPARTIC ACID'             ? 'C4 H7 N O4'     133.103 
BEF non-polymer         . 'BERYLLIUM TRIFLUORIDE ION' ? 'Be F3 -1'       66.007  
CYS 'L-peptide linking' y CYSTEINE                    ? 'C3 H7 N O2 S'   121.158 
GLN 'L-peptide linking' y GLUTAMINE                   ? 'C5 H10 N2 O3'   146.144 
GLU 'L-peptide linking' y 'GLUTAMIC ACID'             ? 'C5 H9 N O4'     147.129 
GLY 'peptide linking'   y GLYCINE                     ? 'C2 H5 N O2'     75.067  
HIS 'L-peptide linking' y HISTIDINE                   ? 'C6 H10 N3 O2 1' 156.162 
HOH non-polymer         . WATER                       ? 'H2 O'           18.015  
ILE 'L-peptide linking' y ISOLEUCINE                  ? 'C6 H13 N O2'    131.173 
LEU 'L-peptide linking' y LEUCINE                     ? 'C6 H13 N O2'    131.173 
LYS 'L-peptide linking' y LYSINE                      ? 'C6 H15 N2 O2 1' 147.195 
MET 'L-peptide linking' y METHIONINE                  ? 'C5 H11 N O2 S'  149.211 
MG  non-polymer         . 'MAGNESIUM ION'             ? 'Mg 2'           24.305  
PHE 'L-peptide linking' y PHENYLALANINE               ? 'C9 H11 N O2'    165.189 
PRO 'L-peptide linking' y PROLINE                     ? 'C5 H9 N O2'     115.130 
SER 'L-peptide linking' y SERINE                      ? 'C3 H7 N O3'     105.093 
THR 'L-peptide linking' y THREONINE                   ? 'C4 H9 N O3'     119.119 
TYR 'L-peptide linking' y TYROSINE                    ? 'C9 H11 N O3'    181.189 
VAL 'L-peptide linking' y VALINE                      ? 'C5 H11 N O2'    117.146 
# 
loop_
_pdbx_poly_seq_scheme.asym_id 
_pdbx_poly_seq_scheme.entity_id 
_pdbx_poly_seq_scheme.seq_id 
_pdbx_poly_seq_scheme.mon_id 
_pdbx_poly_seq_scheme.ndb_seq_num 
_pdbx_poly_seq_scheme.pdb_seq_num 
_pdbx_poly_seq_scheme.auth_seq_num 
_pdbx_poly_seq_scheme.pdb_mon_id 
_pdbx_poly_seq_scheme.auth_mon_id 
_pdbx_poly_seq_scheme.pdb_strand_id 
_pdbx_poly_seq_scheme.pdb_ins_code 
_pdbx_poly_seq_scheme.hetero 
A 1 1   GLY 1   925  ?    ?   ?   A . n 
A 1 2   SER 2   926  ?    ?   ?   A . n 
A 1 3   SER 3   927  ?    ?   ?   A . n 
A 1 4   HIS 4   928  ?    ?   ?   A . n 
A 1 5   HIS 5   929  ?    ?   ?   A . n 
A 1 6   HIS 6   930  ?    ?   ?   A . n 
A 1 7   HIS 7   931  ?    ?   ?   A . n 
A 1 8   HIS 8   932  ?    ?   ?   A . n 
A 1 9   HIS 9   933  ?    ?   ?   A . n 
A 1 10  SER 10  934  934  SER SER A . n 
A 1 11  SER 11  935  935  SER SER A . n 
A 1 12  GLY 12  936  936  GLY GLY A . n 
A 1 13  LEU 13  937  937  LEU LEU A . n 
A 1 14  VAL 14  938  938  VAL VAL A . n 
A 1 15  PRO 15  939  939  PRO PRO A . n 
A 1 16  ARG 16  940  ?    ?   ?   A . n 
A 1 17  GLY 17  941  ?    ?   ?   A . n 
A 1 18  SER 18  942  ?    ?   ?   A . n 
A 1 19  HIS 19  943  ?    ?   ?   A . n 
A 1 20  MET 20  944  ?    ?   ?   A . n 
A 1 21  ALA 21  945  ?    ?   ?   A . n 
A 1 22  SER 22  946  ?    ?   ?   A . n 
A 1 23  THR 23  947  ?    ?   ?   A . n 
A 1 24  ASP 24  948  ?    ?   ?   A . n 
A 1 25  SER 25  949  ?    ?   ?   A . n 
A 1 26  GLU 26  950  ?    ?   ?   A . n 
A 1 27  SER 27  951  ?    ?   ?   A . n 
A 1 28  GLU 28  952  ?    ?   ?   A . n 
A 1 29  THR 29  953  ?    ?   ?   A . n 
A 1 30  ARG 30  954  ?    ?   ?   A . n 
A 1 31  VAL 31  955  ?    ?   ?   A . n 
A 1 32  LYS 32  956  ?    ?   ?   A . n 
A 1 33  SER 33  957  ?    ?   ?   A . n 
A 1 34  VAL 34  958  ?    ?   ?   A . n 
A 1 35  ARG 35  959  ?    ?   ?   A . n 
A 1 36  THR 36  960  ?    ?   ?   A . n 
A 1 37  GLY 37  961  ?    ?   ?   A . n 
A 1 38  ARG 38  962  ?    ?   ?   A . n 
A 1 39  LYS 39  963  ?    ?   ?   A . n 
A 1 40  PRO 40  964  ?    ?   ?   A . n 
A 1 41  ILE 41  965  ?    ?   ?   A . n 
A 1 42  GLY 42  966  ?    ?   ?   A . n 
A 1 43  ASN 43  967  ?    ?   ?   A . n 
A 1 44  PRO 44  968  ?    ?   ?   A . n 
A 1 45  GLU 45  969  ?    ?   ?   A . n 
A 1 46  ASP 46  970  ?    ?   ?   A . n 
A 1 47  GLU 47  971  ?    ?   ?   A . n 
A 1 48  GLN 48  972  ?    ?   ?   A . n 
A 1 49  GLU 49  973  ?    ?   ?   A . n 
A 1 50  THR 50  974  ?    ?   ?   A . n 
A 1 51  SER 51  975  ?    ?   ?   A . n 
A 1 52  LYS 52  976  ?    ?   ?   A . n 
A 1 53  PRO 53  977  ?    ?   ?   A . n 
A 1 54  SER 54  978  978  SER SER A . n 
A 1 55  ASP 55  979  979  ASP ASP A . n 
A 1 56  ASP 56  980  980  ASP ASP A . n 
A 1 57  GLU 57  981  981  GLU GLU A . n 
A 1 58  PHE 58  982  982  PHE PHE A . n 
A 1 59  LEU 59  983  983  LEU LEU A . n 
A 1 60  ARG 60  984  984  ARG ARG A . n 
A 1 61  GLY 61  985  985  GLY GLY A . n 
A 1 62  LYS 62  986  986  LYS LYS A . n 
A 1 63  ARG 63  987  987  ARG ARG A . n 
A 1 64  VAL 64  988  988  VAL VAL A . n 
A 1 65  LEU 65  989  989  LEU LEU A . n 
A 1 66  VAL 66  990  990  VAL VAL A . n 
A 1 67  VAL 67  991  991  VAL VAL A . n 
A 1 68  ASP 68  992  992  ASP ASP A . n 
A 1 69  ASP 69  993  993  ASP ASP A . n 
A 1 70  ASN 70  994  994  ASN ASN A . n 
A 1 71  PHE 71  995  995  PHE PHE A . n 
A 1 72  ILE 72  996  996  ILE ILE A . n 
A 1 73  SER 73  997  997  SER SER A . n 
A 1 74  ARG 74  998  998  ARG ARG A . n 
A 1 75  LYS 75  999  999  LYS LYS A . n 
A 1 76  VAL 76  1000 1000 VAL VAL A . n 
A 1 77  ALA 77  1001 1001 ALA ALA A . n 
A 1 78  THR 78  1002 1002 THR THR A . n 
A 1 79  GLY 79  1003 1003 GLY GLY A . n 
A 1 80  LYS 80  1004 1004 LYS LYS A . n 
A 1 81  LEU 81  1005 1005 LEU LEU A . n 
A 1 82  LYS 82  1006 1006 LYS LYS A . n 
A 1 83  LYS 83  1007 1007 LYS LYS A . n 
A 1 84  MET 84  1008 1008 MET MET A . n 
A 1 85  GLY 85  1009 1009 GLY GLY A . n 
A 1 86  VAL 86  1010 1010 VAL VAL A . n 
A 1 87  SER 87  1011 1011 SER SER A . n 
A 1 88  GLU 88  1012 1012 GLU GLU A . n 
A 1 89  VAL 89  1013 1013 VAL VAL A . n 
A 1 90  GLU 90  1014 1014 GLU GLU A . n 
A 1 91  GLN 91  1015 1015 GLN GLN A . n 
A 1 92  CYS 92  1016 1016 CYS CYS A . n 
A 1 93  ASP 93  1017 1017 ASP ASP A . n 
A 1 94  SER 94  1018 1018 SER SER A . n 
A 1 95  GLY 95  1019 1019 GLY GLY A . n 
A 1 96  LYS 96  1020 1020 LYS LYS A . n 
A 1 97  GLU 97  1021 1021 GLU GLU A . n 
A 1 98  ALA 98  1022 1022 ALA ALA A . n 
A 1 99  LEU 99  1023 1023 LEU LEU A . n 
A 1 100 ARG 100 1024 1024 ARG ARG A . n 
A 1 101 LEU 101 1025 1025 LEU LEU A . n 
A 1 102 VAL 102 1026 1026 VAL VAL A . n 
A 1 103 THR 103 1027 1027 THR THR A . n 
A 1 104 GLU 104 1028 1028 GLU GLU A . n 
A 1 105 GLY 105 1029 1029 GLY GLY A . n 
A 1 106 LEU 106 1030 1030 LEU LEU A . n 
A 1 107 THR 107 1031 1031 THR THR A . n 
A 1 108 GLN 108 1032 1032 GLN GLN A . n 
A 1 109 ARG 109 1033 1033 ARG ARG A . n 
A 1 110 GLU 110 1034 1034 GLU GLU A . n 
A 1 111 GLU 111 1035 1035 GLU GLU A . n 
A 1 112 GLN 112 1036 1036 GLN GLN A . n 
A 1 113 GLY 113 1037 1037 GLY GLY A . n 
A 1 114 SER 114 1038 1038 SER SER A . n 
A 1 115 VAL 115 1039 1039 VAL VAL A . n 
A 1 116 ASP 116 1040 1040 ASP ASP A . n 
A 1 117 LYS 117 1041 1041 LYS LYS A . n 
A 1 118 LEU 118 1042 1042 LEU LEU A . n 
A 1 119 PRO 119 1043 1043 PRO PRO A . n 
A 1 120 PHE 120 1044 1044 PHE PHE A . n 
A 1 121 ASP 121 1045 1045 ASP ASP A . n 
A 1 122 TYR 122 1046 1046 TYR TYR A . n 
A 1 123 ILE 123 1047 1047 ILE ILE A . n 
A 1 124 PHE 124 1048 1048 PHE PHE A . n 
A 1 125 MET 125 1049 1049 MET MET A . n 
A 1 126 ASP 126 1050 1050 ASP ASP A . n 
A 1 127 CYS 127 1051 1051 CYS CYS A . n 
A 1 128 GLN 128 1052 1052 GLN GLN A . n 
A 1 129 MET 129 1053 1053 MET MET A . n 
A 1 130 PRO 130 1054 1054 PRO PRO A . n 
A 1 131 GLU 131 1055 1055 GLU GLU A . n 
A 1 132 MET 132 1056 1056 MET MET A . n 
A 1 133 ASP 133 1057 1057 ASP ASP A . n 
A 1 134 GLY 134 1058 1058 GLY GLY A . n 
A 1 135 TYR 135 1059 1059 TYR TYR A . n 
A 1 136 GLU 136 1060 1060 GLU GLU A . n 
A 1 137 ALA 137 1061 1061 ALA ALA A . n 
A 1 138 THR 138 1062 1062 THR THR A . n 
A 1 139 ARG 139 1063 1063 ARG ARG A . n 
A 1 140 GLU 140 1064 1064 GLU GLU A . n 
A 1 141 ILE 141 1065 1065 ILE ILE A . n 
A 1 142 ARG 142 1066 1066 ARG ARG A . n 
A 1 143 LYS 143 1067 1067 LYS LYS A . n 
A 1 144 VAL 144 1068 1068 VAL VAL A . n 
A 1 145 GLU 145 1069 1069 GLU GLU A . n 
A 1 146 LYS 146 1070 1070 LYS LYS A . n 
A 1 147 SER 147 1071 1071 SER SER A . n 
A 1 148 TYR 148 1072 1072 TYR TYR A . n 
A 1 149 GLY 149 1073 1073 GLY GLY A . n 
A 1 150 VAL 150 1074 1074 VAL VAL A . n 
A 1 151 ARG 151 1075 1075 ARG ARG A . n 
A 1 152 THR 152 1076 1076 THR THR A . n 
A 1 153 PRO 153 1077 1077 PRO PRO A . n 
A 1 154 ILE 154 1078 1078 ILE ILE A . n 
A 1 155 ILE 155 1079 1079 ILE ILE A . n 
A 1 156 ALA 156 1080 1080 ALA ALA A . n 
A 1 157 VAL 157 1081 1081 VAL VAL A . n 
A 1 158 SER 158 1082 1082 SER SER A . n 
A 1 159 GLY 159 1083 1083 GLY GLY A . n 
A 1 160 HIS 160 1084 1084 HIS HIS A . n 
A 1 161 ASP 161 1085 1085 ASP ASP A . n 
A 1 162 PRO 162 1086 1086 PRO PRO A . n 
A 1 163 GLY 163 1087 1087 GLY GLY A . n 
A 1 164 SER 164 1088 1088 SER SER A . n 
A 1 165 GLU 165 1089 1089 GLU GLU A . n 
A 1 166 GLU 166 1090 1090 GLU GLU A . n 
A 1 167 ALA 167 1091 1091 ALA ALA A . n 
A 1 168 ARG 168 1092 1092 ARG ARG A . n 
A 1 169 GLU 169 1093 1093 GLU GLU A . n 
A 1 170 THR 170 1094 1094 THR THR A . n 
A 1 171 ILE 171 1095 1095 ILE ILE A . n 
A 1 172 GLN 172 1096 1096 GLN GLN A . n 
A 1 173 ALA 173 1097 1097 ALA ALA A . n 
A 1 174 GLY 174 1098 1098 GLY GLY A . n 
A 1 175 MET 175 1099 1099 MET MET A . n 
A 1 176 ASP 176 1100 1100 ASP ASP A . n 
A 1 177 ALA 177 1101 1101 ALA ALA A . n 
A 1 178 PHE 178 1102 1102 PHE PHE A . n 
A 1 179 LEU 179 1103 1103 LEU LEU A . n 
A 1 180 ASP 180 1104 1104 ASP ASP A . n 
A 1 181 LYS 181 1105 1105 LYS LYS A . n 
A 1 182 SER 182 1106 1106 SER SER A . n 
A 1 183 LEU 183 1107 1107 LEU LEU A . n 
A 1 184 ASN 184 1108 1108 ASN ASN A . n 
A 1 185 GLN 185 1109 1109 GLN GLN A . n 
A 1 186 LEU 186 1110 1110 LEU LEU A . n 
A 1 187 ALA 187 1111 1111 ALA ALA A . n 
A 1 188 ASN 188 1112 1112 ASN ASN A . n 
A 1 189 VAL 189 1113 1113 VAL VAL A . n 
A 1 190 ILE 190 1114 1114 ILE ILE A . n 
A 1 191 ARG 191 1115 1115 ARG ARG A . n 
A 1 192 GLU 192 1116 1116 GLU GLU A . n 
A 1 193 ILE 193 1117 1117 ILE ILE A . n 
A 1 194 GLU 194 1118 1118 GLU GLU A . n 
A 1 195 SER 195 1119 1119 SER SER A . n 
A 1 196 LYS 196 1120 1120 LYS LYS A . n 
A 1 197 ARG 197 1121 ?    ?   ?   A . n 
A 1 198 HIS 198 1122 ?    ?   ?   A . n 
A 1 199 LEU 199 1123 ?    ?   ?   A . n 
A 1 200 GLU 200 1124 ?    ?   ?   A . n 
A 1 201 HIS 201 1125 ?    ?   ?   A . n 
A 1 202 HIS 202 1126 ?    ?   ?   A . n 
A 1 203 HIS 203 1127 ?    ?   ?   A . n 
A 1 204 HIS 204 1128 ?    ?   ?   A . n 
A 1 205 HIS 205 1129 ?    ?   ?   A . n 
A 1 206 HIS 206 1130 ?    ?   ?   A . n 
# 
loop_
_pdbx_nonpoly_scheme.asym_id 
_pdbx_nonpoly_scheme.entity_id 
_pdbx_nonpoly_scheme.mon_id 
_pdbx_nonpoly_scheme.ndb_seq_num 
_pdbx_nonpoly_scheme.pdb_seq_num 
_pdbx_nonpoly_scheme.auth_seq_num 
_pdbx_nonpoly_scheme.pdb_mon_id 
_pdbx_nonpoly_scheme.auth_mon_id 
_pdbx_nonpoly_scheme.pdb_strand_id 
_pdbx_nonpoly_scheme.pdb_ins_code 
B 2 MG  1  1201 1  MG  MG  A . 
C 3 BEF 1  1202 1  BEF BEF A . 
D 4 HOH 1  1301 30 HOH HOH A . 
D 4 HOH 2  1302 7  HOH HOH A . 
D 4 HOH 3  1303 8  HOH HOH A . 
D 4 HOH 4  1304 33 HOH HOH A . 
D 4 HOH 5  1305 2  HOH HOH A . 
D 4 HOH 6  1306 9  HOH HOH A . 
D 4 HOH 7  1307 49 HOH HOH A . 
D 4 HOH 8  1308 10 HOH HOH A . 
D 4 HOH 9  1309 1  HOH HOH A . 
D 4 HOH 10 1310 18 HOH HOH A . 
D 4 HOH 11 1311 5  HOH HOH A . 
D 4 HOH 12 1312 12 HOH HOH A . 
D 4 HOH 13 1313 27 HOH HOH A . 
D 4 HOH 14 1314 43 HOH HOH A . 
D 4 HOH 15 1315 23 HOH HOH A . 
D 4 HOH 16 1316 34 HOH HOH A . 
D 4 HOH 17 1317 21 HOH HOH A . 
D 4 HOH 18 1318 53 HOH HOH A . 
D 4 HOH 19 1319 24 HOH HOH A . 
D 4 HOH 20 1320 36 HOH HOH A . 
D 4 HOH 21 1321 40 HOH HOH A . 
D 4 HOH 22 1322 37 HOH HOH A . 
D 4 HOH 23 1323 41 HOH HOH A . 
D 4 HOH 24 1324 25 HOH HOH A . 
D 4 HOH 25 1325 39 HOH HOH A . 
D 4 HOH 26 1326 38 HOH HOH A . 
D 4 HOH 27 1327 48 HOH HOH A . 
D 4 HOH 28 1328 11 HOH HOH A . 
D 4 HOH 29 1329 14 HOH HOH A . 
D 4 HOH 30 1330 29 HOH HOH A . 
D 4 HOH 31 1331 15 HOH HOH A . 
D 4 HOH 32 1332 16 HOH HOH A . 
D 4 HOH 33 1333 52 HOH HOH A . 
D 4 HOH 34 1334 22 HOH HOH A . 
D 4 HOH 35 1335 28 HOH HOH A . 
D 4 HOH 36 1336 35 HOH HOH A . 
D 4 HOH 37 1337 42 HOH HOH A . 
D 4 HOH 38 1338 19 HOH HOH A . 
D 4 HOH 39 1339 32 HOH HOH A . 
D 4 HOH 40 1340 6  HOH HOH A . 
D 4 HOH 41 1341 51 HOH HOH A . 
D 4 HOH 42 1342 13 HOH HOH A . 
D 4 HOH 43 1343 26 HOH HOH A . 
D 4 HOH 44 1344 4  HOH HOH A . 
D 4 HOH 45 1345 17 HOH HOH A . 
D 4 HOH 46 1346 44 HOH HOH A . 
D 4 HOH 47 1347 45 HOH HOH A . 
D 4 HOH 48 1348 3  HOH HOH A . 
D 4 HOH 49 1349 50 HOH HOH A . 
D 4 HOH 50 1350 47 HOH HOH A . 
D 4 HOH 51 1351 20 HOH HOH A . 
D 4 HOH 52 1352 31 HOH HOH A . 
D 4 HOH 53 1353 46 HOH HOH A . 
# 
loop_
_software.citation_id 
_software.classification 
_software.compiler_name 
_software.compiler_version 
_software.contact_author 
_software.contact_author_email 
_software.date 
_software.description 
_software.dependencies 
_software.hardware 
_software.language 
_software.location 
_software.mods 
_software.name 
_software.os 
_software.os_version 
_software.type 
_software.version 
_software.pdbx_ordinal 
? refinement       ? ? ? ? ? ? ? ? ? ? ? REFMAC ? ? ? 5.8.0131 1 
? 'data reduction' ? ? ? ? ? ? ? ? ? ? ? XDS    ? ? ? .        2 
? 'data scaling'   ? ? ? ? ? ? ? ? ? ? ? SCALA  ? ? ? .        3 
? phasing          ? ? ? ? ? ? ? ? ? ? ? MOLREP ? ? ? .        4 
# 
_cell.angle_alpha                  90.00 
_cell.angle_alpha_esd              ? 
_cell.angle_beta                   90.00 
_cell.angle_beta_esd               ? 
_cell.angle_gamma                  90.00 
_cell.angle_gamma_esd              ? 
_cell.entry_id                     5N2N 
_cell.details                      ? 
_cell.formula_units_Z              ? 
_cell.length_a                     52.850 
_cell.length_a_esd                 ? 
_cell.length_b                     100.152 
_cell.length_b_esd                 ? 
_cell.length_c                     80.139 
_cell.length_c_esd                 ? 
_cell.volume                       ? 
_cell.volume_esd                   ? 
_cell.Z_PDB                        8 
_cell.reciprocal_angle_alpha       ? 
_cell.reciprocal_angle_beta        ? 
_cell.reciprocal_angle_gamma       ? 
_cell.reciprocal_angle_alpha_esd   ? 
_cell.reciprocal_angle_beta_esd    ? 
_cell.reciprocal_angle_gamma_esd   ? 
_cell.reciprocal_length_a          ? 
_cell.reciprocal_length_b          ? 
_cell.reciprocal_length_c          ? 
_cell.reciprocal_length_a_esd      ? 
_cell.reciprocal_length_b_esd      ? 
_cell.reciprocal_length_c_esd      ? 
_cell.pdbx_unique_axis             ? 
# 
_symmetry.entry_id                         5N2N 
_symmetry.cell_setting                     ? 
_symmetry.Int_Tables_number                20 
_symmetry.space_group_name_Hall            ? 
_symmetry.space_group_name_H-M             'C 2 2 21' 
_symmetry.pdbx_full_space_group_name_H-M   ? 
# 
_exptl.absorpt_coefficient_mu     ? 
_exptl.absorpt_correction_T_max   ? 
_exptl.absorpt_correction_T_min   ? 
_exptl.absorpt_correction_type    ? 
_exptl.absorpt_process_details    ? 
_exptl.entry_id                   5N2N 
_exptl.crystals_number            1 
_exptl.details                    ? 
_exptl.method                     'X-RAY DIFFRACTION' 
_exptl.method_details             ? 
# 
_exptl_crystal.colour                      ? 
_exptl_crystal.density_diffrn              ? 
_exptl_crystal.density_Matthews            2.29 
_exptl_crystal.density_method              ? 
_exptl_crystal.density_percent_sol         46.27 
_exptl_crystal.description                 prism 
_exptl_crystal.F_000                       ? 
_exptl_crystal.id                          1 
_exptl_crystal.preparation                 ? 
_exptl_crystal.size_max                    ? 
_exptl_crystal.size_mid                    ? 
_exptl_crystal.size_min                    ? 
_exptl_crystal.size_rad                    ? 
_exptl_crystal.colour_lustre               ? 
_exptl_crystal.colour_modifier             ? 
_exptl_crystal.colour_primary              ? 
_exptl_crystal.density_meas                ? 
_exptl_crystal.density_meas_esd            ? 
_exptl_crystal.density_meas_gt             ? 
_exptl_crystal.density_meas_lt             ? 
_exptl_crystal.density_meas_temp           ? 
_exptl_crystal.density_meas_temp_esd       ? 
_exptl_crystal.density_meas_temp_gt        ? 
_exptl_crystal.density_meas_temp_lt        ? 
_exptl_crystal.pdbx_crystal_image_url      ? 
_exptl_crystal.pdbx_crystal_image_format   ? 
_exptl_crystal.pdbx_mosaicity              ? 
_exptl_crystal.pdbx_mosaicity_esd          ? 
# 
_exptl_crystal_grow.apparatus       ? 
_exptl_crystal_grow.atmosphere      ? 
_exptl_crystal_grow.crystal_id      1 
_exptl_crystal_grow.details         ? 
_exptl_crystal_grow.method          'VAPOR DIFFUSION, HANGING DROP' 
_exptl_crystal_grow.method_ref      ? 
_exptl_crystal_grow.pH              5.05 
_exptl_crystal_grow.pressure        ? 
_exptl_crystal_grow.pressure_esd    ? 
_exptl_crystal_grow.seeding         ? 
_exptl_crystal_grow.seeding_ref     ? 
_exptl_crystal_grow.temp            289.0 
_exptl_crystal_grow.temp_details    ? 
_exptl_crystal_grow.temp_esd        ? 
_exptl_crystal_grow.time            ? 
_exptl_crystal_grow.pdbx_details    '2.54 M (NH4)2(SO4), 0.1 M MES pH 5.05, 12% glycerol' 
_exptl_crystal_grow.pdbx_pH_range   ? 
# 
_diffrn.ambient_environment    ? 
_diffrn.ambient_temp           100 
_diffrn.ambient_temp_details   ? 
_diffrn.ambient_temp_esd       ? 
_diffrn.crystal_id             1 
_diffrn.crystal_support        ? 
_diffrn.crystal_treatment      ? 
_diffrn.details                ? 
_diffrn.id                     1 
_diffrn.ambient_pressure       ? 
_diffrn.ambient_pressure_esd   ? 
_diffrn.ambient_pressure_gt    ? 
_diffrn.ambient_pressure_lt    ? 
_diffrn.ambient_temp_gt        ? 
_diffrn.ambient_temp_lt        ? 
# 
_diffrn_detector.details                      ? 
_diffrn_detector.detector                     PIXEL 
_diffrn_detector.diffrn_id                    1 
_diffrn_detector.type                         'PSI PILATUS 6M' 
_diffrn_detector.area_resol_mean              ? 
_diffrn_detector.dtime                        ? 
_diffrn_detector.pdbx_frames_total            ? 
_diffrn_detector.pdbx_collection_time_total   ? 
_diffrn_detector.pdbx_collection_date         2014-05-08 
# 
_diffrn_radiation.collimation                      ? 
_diffrn_radiation.diffrn_id                        1 
_diffrn_radiation.filter_edge                      ? 
_diffrn_radiation.inhomogeneity                    ? 
_diffrn_radiation.monochromator                    ? 
_diffrn_radiation.polarisn_norm                    ? 
_diffrn_radiation.polarisn_ratio                   ? 
_diffrn_radiation.probe                            ? 
_diffrn_radiation.type                             ? 
_diffrn_radiation.xray_symbol                      ? 
_diffrn_radiation.wavelength_id                    1 
_diffrn_radiation.pdbx_monochromatic_or_laue_m_l   M 
_diffrn_radiation.pdbx_wavelength_list             ? 
_diffrn_radiation.pdbx_wavelength                  ? 
_diffrn_radiation.pdbx_diffrn_protocol             'SINGLE WAVELENGTH' 
_diffrn_radiation.pdbx_analyzer                    ? 
_diffrn_radiation.pdbx_scattering_type             x-ray 
# 
_diffrn_radiation_wavelength.id           1 
_diffrn_radiation_wavelength.wavelength   0.9184 
_diffrn_radiation_wavelength.wt           1.0 
# 
_diffrn_source.current                     ? 
_diffrn_source.details                     ? 
_diffrn_source.diffrn_id                   1 
_diffrn_source.power                       ? 
_diffrn_source.size                        ? 
_diffrn_source.source                      SYNCHROTRON 
_diffrn_source.target                      ? 
_diffrn_source.type                        'BESSY BEAMLINE 14.1' 
_diffrn_source.voltage                     ? 
_diffrn_source.take-off_angle              ? 
_diffrn_source.pdbx_wavelength_list        0.9184 
_diffrn_source.pdbx_wavelength             ? 
_diffrn_source.pdbx_synchrotron_beamline   14.1 
_diffrn_source.pdbx_synchrotron_site       BESSY 
# 
_reflns.B_iso_Wilson_estimate            ? 
_reflns.entry_id                         5N2N 
_reflns.data_reduction_details           ? 
_reflns.data_reduction_method            ? 
_reflns.d_resolution_high                2.05 
_reflns.d_resolution_low                 46.74 
_reflns.details                          ? 
_reflns.limit_h_max                      ? 
_reflns.limit_h_min                      ? 
_reflns.limit_k_max                      ? 
_reflns.limit_k_min                      ? 
_reflns.limit_l_max                      ? 
_reflns.limit_l_min                      ? 
_reflns.number_all                       ? 
_reflns.number_obs                       13705 
_reflns.observed_criterion               ? 
_reflns.observed_criterion_F_max         ? 
_reflns.observed_criterion_F_min         ? 
_reflns.observed_criterion_I_max         ? 
_reflns.observed_criterion_I_min         ? 
_reflns.observed_criterion_sigma_F       ? 
_reflns.observed_criterion_sigma_I       ? 
_reflns.percent_possible_obs             99.9 
_reflns.R_free_details                   ? 
_reflns.Rmerge_F_all                     ? 
_reflns.Rmerge_F_obs                     ? 
_reflns.Friedel_coverage                 ? 
_reflns.number_gt                        ? 
_reflns.threshold_expression             ? 
_reflns.pdbx_redundancy                  6.5 
_reflns.pdbx_Rmerge_I_obs                0.050 
_reflns.pdbx_Rmerge_I_all                ? 
_reflns.pdbx_Rsym_value                  ? 
_reflns.pdbx_netI_over_av_sigmaI         ? 
_reflns.pdbx_netI_over_sigmaI            20.5 
_reflns.pdbx_res_netI_over_av_sigmaI_2   ? 
_reflns.pdbx_res_netI_over_sigmaI_2      ? 
_reflns.pdbx_chi_squared                 ? 
_reflns.pdbx_scaling_rejects             ? 
_reflns.pdbx_d_res_high_opt              ? 
_reflns.pdbx_d_res_low_opt               ? 
_reflns.pdbx_d_res_opt_method            ? 
_reflns.phase_calculation_details        ? 
_reflns.pdbx_Rrim_I_all                  ? 
_reflns.pdbx_Rpim_I_all                  ? 
_reflns.pdbx_d_opt                       ? 
_reflns.pdbx_number_measured_all         ? 
_reflns.pdbx_diffrn_id                   1 
_reflns.pdbx_ordinal                     1 
_reflns.pdbx_CC_half                     1 
_reflns.pdbx_R_split                     ? 
# 
_reflns_shell.d_res_high                  2.05 
_reflns_shell.d_res_low                   2.16 
_reflns_shell.meanI_over_sigI_all         ? 
_reflns_shell.meanI_over_sigI_obs         4.1 
_reflns_shell.number_measured_all         ? 
_reflns_shell.number_measured_obs         ? 
_reflns_shell.number_possible             ? 
_reflns_shell.number_unique_all           ? 
_reflns_shell.number_unique_obs           ? 
_reflns_shell.percent_possible_all        99.9 
_reflns_shell.percent_possible_obs        ? 
_reflns_shell.Rmerge_F_all                ? 
_reflns_shell.Rmerge_F_obs                ? 
_reflns_shell.Rmerge_I_all                ? 
_reflns_shell.Rmerge_I_obs                0.470 
_reflns_shell.meanI_over_sigI_gt          ? 
_reflns_shell.meanI_over_uI_all           ? 
_reflns_shell.meanI_over_uI_gt            ? 
_reflns_shell.number_measured_gt          ? 
_reflns_shell.number_unique_gt            ? 
_reflns_shell.percent_possible_gt         ? 
_reflns_shell.Rmerge_F_gt                 ? 
_reflns_shell.Rmerge_I_gt                 ? 
_reflns_shell.pdbx_redundancy             6.8 
_reflns_shell.pdbx_Rsym_value             ? 
_reflns_shell.pdbx_chi_squared            ? 
_reflns_shell.pdbx_netI_over_sigmaI_all   ? 
_reflns_shell.pdbx_netI_over_sigmaI_obs   ? 
_reflns_shell.pdbx_Rrim_I_all             ? 
_reflns_shell.pdbx_Rpim_I_all             ? 
_reflns_shell.pdbx_rejects                ? 
_reflns_shell.pdbx_ordinal                1 
_reflns_shell.pdbx_diffrn_id              1 
_reflns_shell.pdbx_CC_half                0.945 
_reflns_shell.pdbx_R_split                ? 
# 
_refine.aniso_B[1][1]                            3.23 
_refine.aniso_B[1][2]                            0.00 
_refine.aniso_B[1][3]                            -0.00 
_refine.aniso_B[2][2]                            -0.15 
_refine.aniso_B[2][3]                            0.00 
_refine.aniso_B[3][3]                            -3.08 
_refine.B_iso_max                                ? 
_refine.B_iso_mean                               46.220 
_refine.B_iso_min                                ? 
_refine.correlation_coeff_Fo_to_Fc               0.965 
_refine.correlation_coeff_Fo_to_Fc_free          0.952 
_refine.details                                  'HYDROGENS HAVE BEEN ADDED IN THE RIDING POSITIONS' 
_refine.diff_density_max                         ? 
_refine.diff_density_max_esd                     ? 
_refine.diff_density_min                         ? 
_refine.diff_density_min_esd                     ? 
_refine.diff_density_rms                         ? 
_refine.diff_density_rms_esd                     ? 
_refine.entry_id                                 5N2N 
_refine.pdbx_refine_id                           'X-RAY DIFFRACTION' 
_refine.ls_abs_structure_details                 ? 
_refine.ls_abs_structure_Flack                   ? 
_refine.ls_abs_structure_Flack_esd               ? 
_refine.ls_abs_structure_Rogers                  ? 
_refine.ls_abs_structure_Rogers_esd              ? 
_refine.ls_d_res_high                            2.05 
_refine.ls_d_res_low                             42.47 
_refine.ls_extinction_coef                       ? 
_refine.ls_extinction_coef_esd                   ? 
_refine.ls_extinction_expression                 ? 
_refine.ls_extinction_method                     ? 
_refine.ls_goodness_of_fit_all                   ? 
_refine.ls_goodness_of_fit_all_esd               ? 
_refine.ls_goodness_of_fit_obs                   ? 
_refine.ls_goodness_of_fit_obs_esd               ? 
_refine.ls_hydrogen_treatment                    ? 
_refine.ls_matrix_type                           ? 
_refine.ls_number_constraints                    ? 
_refine.ls_number_parameters                     ? 
_refine.ls_number_reflns_all                     ? 
_refine.ls_number_reflns_obs                     13028 
_refine.ls_number_reflns_R_free                  658 
_refine.ls_number_reflns_R_work                  ? 
_refine.ls_number_restraints                     ? 
_refine.ls_percent_reflns_obs                    99.91 
_refine.ls_percent_reflns_R_free                 4.8 
_refine.ls_R_factor_all                          ? 
_refine.ls_R_factor_obs                          0.18378 
_refine.ls_R_factor_R_free                       0.22515 
_refine.ls_R_factor_R_free_error                 ? 
_refine.ls_R_factor_R_free_error_details         ? 
_refine.ls_R_factor_R_work                       0.18175 
_refine.ls_R_Fsqd_factor_obs                     ? 
_refine.ls_R_I_factor_obs                        ? 
_refine.ls_redundancy_reflns_all                 ? 
_refine.ls_redundancy_reflns_obs                 ? 
_refine.ls_restrained_S_all                      ? 
_refine.ls_restrained_S_obs                      ? 
_refine.ls_shift_over_esd_max                    ? 
_refine.ls_shift_over_esd_mean                   ? 
_refine.ls_structure_factor_coef                 ? 
_refine.ls_weighting_details                     ? 
_refine.ls_weighting_scheme                      ? 
_refine.ls_wR_factor_all                         ? 
_refine.ls_wR_factor_obs                         ? 
_refine.ls_wR_factor_R_free                      ? 
_refine.ls_wR_factor_R_work                      ? 
_refine.occupancy_max                            ? 
_refine.occupancy_min                            ? 
_refine.solvent_model_details                    ? 
_refine.solvent_model_param_bsol                 ? 
_refine.solvent_model_param_ksol                 ? 
_refine.ls_R_factor_gt                           ? 
_refine.ls_goodness_of_fit_gt                    ? 
_refine.ls_goodness_of_fit_ref                   ? 
_refine.ls_shift_over_su_max                     ? 
_refine.ls_shift_over_su_max_lt                  ? 
_refine.ls_shift_over_su_mean                    ? 
_refine.ls_shift_over_su_mean_lt                 ? 
_refine.pdbx_ls_sigma_I                          ? 
_refine.pdbx_ls_sigma_F                          ? 
_refine.pdbx_ls_sigma_Fsqd                       ? 
_refine.pdbx_data_cutoff_high_absF               ? 
_refine.pdbx_data_cutoff_high_rms_absF           ? 
_refine.pdbx_data_cutoff_low_absF                ? 
_refine.pdbx_isotropic_thermal_model             ? 
_refine.pdbx_ls_cross_valid_method               THROUGHOUT 
_refine.pdbx_method_to_determine_struct          'MOLECULAR REPLACEMENT' 
_refine.pdbx_starting_model                      3MM4 
_refine.pdbx_stereochemistry_target_values       ? 
_refine.pdbx_R_Free_selection_details            RANDOM 
_refine.pdbx_stereochem_target_val_spec_case     ? 
_refine.pdbx_overall_ESU_R                       0.146 
_refine.pdbx_overall_ESU_R_Free                  0.144 
_refine.pdbx_solvent_vdw_probe_radii             1.20 
_refine.pdbx_solvent_ion_probe_radii             0.80 
_refine.pdbx_solvent_shrinkage_radii             0.80 
_refine.pdbx_real_space_R                        ? 
_refine.pdbx_density_correlation                 ? 
_refine.pdbx_pd_number_of_powder_patterns        ? 
_refine.pdbx_pd_number_of_points                 ? 
_refine.pdbx_pd_meas_number_of_points            ? 
_refine.pdbx_pd_proc_ls_prof_R_factor            ? 
_refine.pdbx_pd_proc_ls_prof_wR_factor           ? 
_refine.pdbx_pd_Marquardt_correlation_coeff      ? 
_refine.pdbx_pd_Fsqrd_R_factor                   ? 
_refine.pdbx_pd_ls_matrix_band_width             ? 
_refine.pdbx_overall_phase_error                 ? 
_refine.pdbx_overall_SU_R_free_Cruickshank_DPI   ? 
_refine.pdbx_overall_SU_R_free_Blow_DPI          ? 
_refine.pdbx_overall_SU_R_Blow_DPI               ? 
_refine.pdbx_TLS_residual_ADP_flag               ? 
_refine.pdbx_diffrn_id                           1 
_refine.overall_SU_B                             4.034 
_refine.overall_SU_ML                            0.110 
_refine.overall_SU_R_Cruickshank_DPI             ? 
_refine.overall_SU_R_free                        ? 
_refine.overall_FOM_free_R_set                   ? 
_refine.overall_FOM_work_R_set                   ? 
_refine.pdbx_average_fsc_overall                 ? 
_refine.pdbx_average_fsc_work                    ? 
_refine.pdbx_average_fsc_free                    ? 
# 
_refine_hist.pdbx_refine_id                   'X-RAY DIFFRACTION' 
_refine_hist.cycle_id                         1 
_refine_hist.pdbx_number_atoms_protein        1160 
_refine_hist.pdbx_number_atoms_nucleic_acid   0 
_refine_hist.pdbx_number_atoms_ligand         5 
_refine_hist.number_atoms_solvent             53 
_refine_hist.number_atoms_total               1218 
_refine_hist.d_res_high                       2.05 
_refine_hist.d_res_low                        42.47 
# 
loop_
_refine_ls_restr.pdbx_refine_id 
_refine_ls_restr.criterion 
_refine_ls_restr.dev_ideal 
_refine_ls_restr.dev_ideal_target 
_refine_ls_restr.number 
_refine_ls_restr.rejects 
_refine_ls_restr.type 
_refine_ls_restr.weight 
_refine_ls_restr.pdbx_restraint_function 
'X-RAY DIFFRACTION' ? 0.019  0.019  1182 ? r_bond_refined_d             ? ? 
'X-RAY DIFFRACTION' ? 0.002  0.020  1136 ? r_bond_other_d               ? ? 
'X-RAY DIFFRACTION' ? 1.850  1.989  1573 ? r_angle_refined_deg          ? ? 
'X-RAY DIFFRACTION' ? 1.020  3.000  2629 ? r_angle_other_deg            ? ? 
'X-RAY DIFFRACTION' ? 6.029  5.000  147  ? r_dihedral_angle_1_deg       ? ? 
'X-RAY DIFFRACTION' ? 39.178 24.821 56   ? r_dihedral_angle_2_deg       ? ? 
'X-RAY DIFFRACTION' ? 16.178 15.000 228  ? r_dihedral_angle_3_deg       ? ? 
'X-RAY DIFFRACTION' ? 22.273 15.000 10   ? r_dihedral_angle_4_deg       ? ? 
'X-RAY DIFFRACTION' ? 0.158  0.200  176  ? r_chiral_restr               ? ? 
'X-RAY DIFFRACTION' ? 0.009  0.020  1315 ? r_gen_planes_refined         ? ? 
'X-RAY DIFFRACTION' ? 0.001  0.020  241  ? r_gen_planes_other           ? ? 
'X-RAY DIFFRACTION' ? ?      ?      ?    ? r_nbd_refined                ? ? 
'X-RAY DIFFRACTION' ? ?      ?      ?    ? r_nbd_other                  ? ? 
'X-RAY DIFFRACTION' ? ?      ?      ?    ? r_nbtor_refined              ? ? 
'X-RAY DIFFRACTION' ? ?      ?      ?    ? r_nbtor_other                ? ? 
'X-RAY DIFFRACTION' ? ?      ?      ?    ? r_xyhbond_nbd_refined        ? ? 
'X-RAY DIFFRACTION' ? ?      ?      ?    ? r_xyhbond_nbd_other          ? ? 
'X-RAY DIFFRACTION' ? ?      ?      ?    ? r_metal_ion_refined          ? ? 
'X-RAY DIFFRACTION' ? ?      ?      ?    ? r_metal_ion_other            ? ? 
'X-RAY DIFFRACTION' ? ?      ?      ?    ? r_symmetry_vdw_refined       ? ? 
'X-RAY DIFFRACTION' ? ?      ?      ?    ? r_symmetry_vdw_other         ? ? 
'X-RAY DIFFRACTION' ? ?      ?      ?    ? r_symmetry_hbond_refined     ? ? 
'X-RAY DIFFRACTION' ? ?      ?      ?    ? r_symmetry_hbond_other       ? ? 
'X-RAY DIFFRACTION' ? ?      ?      ?    ? r_symmetry_metal_ion_refined ? ? 
'X-RAY DIFFRACTION' ? ?      ?      ?    ? r_symmetry_metal_ion_other   ? ? 
'X-RAY DIFFRACTION' ? 4.159  4.102  594  ? r_mcbond_it                  ? ? 
'X-RAY DIFFRACTION' ? 4.150  4.098  593  ? r_mcbond_other               ? ? 
'X-RAY DIFFRACTION' ? 5.479  6.123  739  ? r_mcangle_it                 ? ? 
'X-RAY DIFFRACTION' ? 5.478  6.128  740  ? r_mcangle_other              ? ? 
'X-RAY DIFFRACTION' ? 6.212  4.957  588  ? r_scbond_it                  ? ? 
'X-RAY DIFFRACTION' ? 6.220  4.969  583  ? r_scbond_other               ? ? 
'X-RAY DIFFRACTION' ? ?      ?      ?    ? r_scangle_it                 ? ? 
'X-RAY DIFFRACTION' ? 9.337  7.108  832  ? r_scangle_other              ? ? 
'X-RAY DIFFRACTION' ? 11.288 33.282 1337 ? r_long_range_B_refined       ? ? 
'X-RAY DIFFRACTION' ? 11.301 33.238 1329 ? r_long_range_B_other         ? ? 
'X-RAY DIFFRACTION' ? ?      ?      ?    ? r_rigid_bond_restr           ? ? 
'X-RAY DIFFRACTION' ? ?      ?      ?    ? r_sphericity_free            ? ? 
'X-RAY DIFFRACTION' ? ?      ?      ?    ? r_sphericity_bonded          ? ? 
# 
_refine_ls_shell.pdbx_refine_id                   'X-RAY DIFFRACTION' 
_refine_ls_shell.d_res_high                       2.050 
_refine_ls_shell.d_res_low                        2.103 
_refine_ls_shell.number_reflns_all                ? 
_refine_ls_shell.number_reflns_obs                ? 
_refine_ls_shell.number_reflns_R_free             55 
_refine_ls_shell.number_reflns_R_work             936 
_refine_ls_shell.percent_reflns_obs               100.00 
_refine_ls_shell.percent_reflns_R_free            ? 
_refine_ls_shell.R_factor_all                     ? 
_refine_ls_shell.R_factor_obs                     ? 
_refine_ls_shell.R_factor_R_free                  0.274 
_refine_ls_shell.R_factor_R_free_error            ? 
_refine_ls_shell.R_factor_R_work                  0.202 
_refine_ls_shell.redundancy_reflns_all            ? 
_refine_ls_shell.redundancy_reflns_obs            ? 
_refine_ls_shell.wR_factor_all                    ? 
_refine_ls_shell.wR_factor_obs                    ? 
_refine_ls_shell.wR_factor_R_free                 ? 
_refine_ls_shell.wR_factor_R_work                 ? 
_refine_ls_shell.pdbx_total_number_of_bins_used   20 
_refine_ls_shell.pdbx_phase_error                 ? 
_refine_ls_shell.pdbx_fsc_work                    ? 
_refine_ls_shell.pdbx_fsc_free                    ? 
# 
_struct.entry_id                     5N2N 
_struct.title                        
'Crystal structure of the receiver domain of the histidine kinase CKI1 from Arabidopsis thaliana complexed with Mg2+ and BeF3-' 
_struct.pdbx_model_details           ? 
_struct.pdbx_formula_weight          ? 
_struct.pdbx_formula_weight_method   ? 
_struct.pdbx_model_type_details      ? 
_struct.pdbx_CASP_flag               N 
# 
_struct_keywords.entry_id        5N2N 
_struct_keywords.text            'receiver domain, histidine kinase CKI1, (alpha/beta)5 fold, TRANSFERASE' 
_struct_keywords.pdbx_keywords   TRANSFERASE 
# 
loop_
_struct_asym.id 
_struct_asym.pdbx_blank_PDB_chainid_flag 
_struct_asym.pdbx_modified 
_struct_asym.entity_id 
_struct_asym.details 
A N N 1 ? 
B N N 2 ? 
C N N 3 ? 
D N N 4 ? 
# 
_struct_ref.id                         1 
_struct_ref.db_name                    UNP 
_struct_ref.db_code                    CKI1_ARATH 
_struct_ref.pdbx_db_accession          O22267 
_struct_ref.pdbx_db_isoform            ? 
_struct_ref.entity_id                  1 
_struct_ref.pdbx_seq_one_letter_code   
;MASTDSESETRVKSVRTGRKPIGNPEDEQETSKPSDDEFLRGKRVLVVDDNFISRKVATGKLKKMGVSEVEQCDSGKEAL
RLVTEGLTQREEQGSVDKLPFDYIFMDCQMPEMDGYEATREIRKVEKSYGVRTPIIAVSGHDPGSEEARETIQAGMDAFL
DKSLNQLANVIREIESKRH
;
_struct_ref.pdbx_align_begin           944 
# 
_struct_ref_seq.align_id                      1 
_struct_ref_seq.ref_id                        1 
_struct_ref_seq.pdbx_PDB_id_code              5N2N 
_struct_ref_seq.pdbx_strand_id                A 
_struct_ref_seq.seq_align_beg                 20 
_struct_ref_seq.pdbx_seq_align_beg_ins_code   ? 
_struct_ref_seq.seq_align_end                 198 
_struct_ref_seq.pdbx_seq_align_end_ins_code   ? 
_struct_ref_seq.pdbx_db_accession             O22267 
_struct_ref_seq.db_align_beg                  944 
_struct_ref_seq.pdbx_db_align_beg_ins_code    ? 
_struct_ref_seq.db_align_end                  1122 
_struct_ref_seq.pdbx_db_align_end_ins_code    ? 
_struct_ref_seq.pdbx_auth_seq_align_beg       944 
_struct_ref_seq.pdbx_auth_seq_align_end       1122 
# 
loop_
_struct_ref_seq_dif.align_id 
_struct_ref_seq_dif.pdbx_pdb_id_code 
_struct_ref_seq_dif.mon_id 
_struct_ref_seq_dif.pdbx_pdb_strand_id 
_struct_ref_seq_dif.seq_num 
_struct_ref_seq_dif.pdbx_pdb_ins_code 
_struct_ref_seq_dif.pdbx_seq_db_name 
_struct_ref_seq_dif.pdbx_seq_db_accession_code 
_struct_ref_seq_dif.db_mon_id 
_struct_ref_seq_dif.pdbx_seq_db_seq_num 
_struct_ref_seq_dif.details 
_struct_ref_seq_dif.pdbx_auth_seq_num 
_struct_ref_seq_dif.pdbx_ordinal 
1 5N2N GLY A 1   ? UNP O22267 ? ? 'expression tag' 925  1  
1 5N2N SER A 2   ? UNP O22267 ? ? 'expression tag' 926  2  
1 5N2N SER A 3   ? UNP O22267 ? ? 'expression tag' 927  3  
1 5N2N HIS A 4   ? UNP O22267 ? ? 'expression tag' 928  4  
1 5N2N HIS A 5   ? UNP O22267 ? ? 'expression tag' 929  5  
1 5N2N HIS A 6   ? UNP O22267 ? ? 'expression tag' 930  6  
1 5N2N HIS A 7   ? UNP O22267 ? ? 'expression tag' 931  7  
1 5N2N HIS A 8   ? UNP O22267 ? ? 'expression tag' 932  8  
1 5N2N HIS A 9   ? UNP O22267 ? ? 'expression tag' 933  9  
1 5N2N SER A 10  ? UNP O22267 ? ? 'expression tag' 934  10 
1 5N2N SER A 11  ? UNP O22267 ? ? 'expression tag' 935  11 
1 5N2N GLY A 12  ? UNP O22267 ? ? 'expression tag' 936  12 
1 5N2N LEU A 13  ? UNP O22267 ? ? 'expression tag' 937  13 
1 5N2N VAL A 14  ? UNP O22267 ? ? 'expression tag' 938  14 
1 5N2N PRO A 15  ? UNP O22267 ? ? 'expression tag' 939  15 
1 5N2N ARG A 16  ? UNP O22267 ? ? 'expression tag' 940  16 
1 5N2N GLY A 17  ? UNP O22267 ? ? 'expression tag' 941  17 
1 5N2N SER A 18  ? UNP O22267 ? ? 'expression tag' 942  18 
1 5N2N HIS A 19  ? UNP O22267 ? ? 'expression tag' 943  19 
1 5N2N LEU A 199 ? UNP O22267 ? ? 'expression tag' 1123 20 
1 5N2N GLU A 200 ? UNP O22267 ? ? 'expression tag' 1124 21 
1 5N2N HIS A 201 ? UNP O22267 ? ? 'expression tag' 1125 22 
1 5N2N HIS A 202 ? UNP O22267 ? ? 'expression tag' 1126 23 
1 5N2N HIS A 203 ? UNP O22267 ? ? 'expression tag' 1127 24 
1 5N2N HIS A 204 ? UNP O22267 ? ? 'expression tag' 1128 25 
1 5N2N HIS A 205 ? UNP O22267 ? ? 'expression tag' 1129 26 
1 5N2N HIS A 206 ? UNP O22267 ? ? 'expression tag' 1130 27 
# 
_pdbx_struct_assembly.id                   1 
_pdbx_struct_assembly.details              author_and_software_defined_assembly 
_pdbx_struct_assembly.method_details       PISA 
_pdbx_struct_assembly.oligomeric_details   monomeric 
_pdbx_struct_assembly.oligomeric_count     1 
# 
loop_
_pdbx_struct_assembly_prop.biol_id 
_pdbx_struct_assembly_prop.type 
_pdbx_struct_assembly_prop.value 
_pdbx_struct_assembly_prop.details 
1 'ABSA (A^2)' 350  ? 
1 MORE         -6   ? 
1 'SSA (A^2)'  7650 ? 
# 
_pdbx_struct_assembly_gen.assembly_id       1 
_pdbx_struct_assembly_gen.oper_expression   1 
_pdbx_struct_assembly_gen.asym_id_list      A,B,C,D 
# 
_pdbx_struct_oper_list.id                   1 
_pdbx_struct_oper_list.type                 'identity operation' 
_pdbx_struct_oper_list.name                 1_555 
_pdbx_struct_oper_list.symmetry_operation   x,y,z 
_pdbx_struct_oper_list.matrix[1][1]         1.0000000000 
_pdbx_struct_oper_list.matrix[1][2]         0.0000000000 
_pdbx_struct_oper_list.matrix[1][3]         0.0000000000 
_pdbx_struct_oper_list.vector[1]            0.0000000000 
_pdbx_struct_oper_list.matrix[2][1]         0.0000000000 
_pdbx_struct_oper_list.matrix[2][2]         1.0000000000 
_pdbx_struct_oper_list.matrix[2][3]         0.0000000000 
_pdbx_struct_oper_list.vector[2]            0.0000000000 
_pdbx_struct_oper_list.matrix[3][1]         0.0000000000 
_pdbx_struct_oper_list.matrix[3][2]         0.0000000000 
_pdbx_struct_oper_list.matrix[3][3]         1.0000000000 
_pdbx_struct_oper_list.vector[3]            0.0000000000 
# 
loop_
_struct_conf.conf_type_id 
_struct_conf.id 
_struct_conf.pdbx_PDB_helix_id 
_struct_conf.beg_label_comp_id 
_struct_conf.beg_label_asym_id 
_struct_conf.beg_label_seq_id 
_struct_conf.pdbx_beg_PDB_ins_code 
_struct_conf.end_label_comp_id 
_struct_conf.end_label_asym_id 
_struct_conf.end_label_seq_id 
_struct_conf.pdbx_end_PDB_ins_code 
_struct_conf.beg_auth_comp_id 
_struct_conf.beg_auth_asym_id 
_struct_conf.beg_auth_seq_id 
_struct_conf.end_auth_comp_id 
_struct_conf.end_auth_asym_id 
_struct_conf.end_auth_seq_id 
_struct_conf.pdbx_PDB_helix_class 
_struct_conf.details 
_struct_conf.pdbx_PDB_helix_length 
HELX_P HELX_P1 AA1 ASN A 70  ? MET A 84  ? ASN A 994  MET A 1008 1 ? 15 
HELX_P HELX_P2 AA2 SER A 94  ? GLY A 113 ? SER A 1018 GLY A 1037 1 ? 20 
HELX_P HELX_P3 AA3 ASP A 133 ? SER A 147 ? ASP A 1057 SER A 1071 1 ? 15 
HELX_P HELX_P4 AA4 GLY A 163 ? GLY A 174 ? GLY A 1087 GLY A 1098 1 ? 12 
HELX_P HELX_P5 AA5 GLN A 185 ? LYS A 196 ? GLN A 1109 LYS A 1120 1 ? 12 
# 
_struct_conf_type.id          HELX_P 
_struct_conf_type.criteria    ? 
_struct_conf_type.reference   ? 
# 
loop_
_struct_conn.id 
_struct_conn.conn_type_id 
_struct_conn.pdbx_leaving_atom_flag 
_struct_conn.pdbx_PDB_id 
_struct_conn.ptnr1_label_asym_id 
_struct_conn.ptnr1_label_comp_id 
_struct_conn.ptnr1_label_seq_id 
_struct_conn.ptnr1_label_atom_id 
_struct_conn.pdbx_ptnr1_label_alt_id 
_struct_conn.pdbx_ptnr1_PDB_ins_code 
_struct_conn.pdbx_ptnr1_standard_comp_id 
_struct_conn.ptnr1_symmetry 
_struct_conn.ptnr2_label_asym_id 
_struct_conn.ptnr2_label_comp_id 
_struct_conn.ptnr2_label_seq_id 
_struct_conn.ptnr2_label_atom_id 
_struct_conn.pdbx_ptnr2_label_alt_id 
_struct_conn.pdbx_ptnr2_PDB_ins_code 
_struct_conn.ptnr1_auth_asym_id 
_struct_conn.ptnr1_auth_comp_id 
_struct_conn.ptnr1_auth_seq_id 
_struct_conn.ptnr2_auth_asym_id 
_struct_conn.ptnr2_auth_comp_id 
_struct_conn.ptnr2_auth_seq_id 
_struct_conn.ptnr2_symmetry 
_struct_conn.pdbx_ptnr3_label_atom_id 
_struct_conn.pdbx_ptnr3_label_seq_id 
_struct_conn.pdbx_ptnr3_label_comp_id 
_struct_conn.pdbx_ptnr3_label_asym_id 
_struct_conn.pdbx_ptnr3_label_alt_id 
_struct_conn.pdbx_ptnr3_PDB_ins_code 
_struct_conn.details 
_struct_conn.pdbx_dist_value 
_struct_conn.pdbx_value_order 
_struct_conn.pdbx_role 
metalc1 metalc ? ? A ASP 69  OD1 ? ? ? 1_555 B MG  . MG ? ? A ASP 993  A MG  1201 1_555 ? ? ? ? ? ? ? 2.102 ? ? 
metalc2 metalc ? ? A ASP 126 OD2 ? ? ? 1_555 B MG  . MG ? ? A ASP 1050 A MG  1201 1_555 ? ? ? ? ? ? ? 2.176 ? ? 
metalc3 metalc ? ? A ASP 126 OD1 ? ? ? 1_555 C BEF . BE ? ? A ASP 1050 A BEF 1202 1_555 ? ? ? ? ? ? ? 1.758 ? ? 
metalc4 metalc ? ? A GLN 128 O   ? ? ? 1_555 B MG  . MG ? ? A GLN 1052 A MG  1201 1_555 ? ? ? ? ? ? ? 2.143 ? ? 
metalc5 metalc ? ? B MG  .   MG  ? ? ? 1_555 D HOH . O  ? ? A MG  1201 A HOH 1305 1_555 ? ? ? ? ? ? ? 2.185 ? ? 
metalc6 metalc ? ? B MG  .   MG  ? ? ? 1_555 D HOH . O  ? ? A MG  1201 A HOH 1309 1_555 ? ? ? ? ? ? ? 2.202 ? ? 
# 
_struct_conn_type.id          metalc 
_struct_conn_type.criteria    ? 
_struct_conn_type.reference   ? 
# 
loop_
_pdbx_struct_conn_angle.id 
_pdbx_struct_conn_angle.ptnr1_label_atom_id 
_pdbx_struct_conn_angle.ptnr1_label_alt_id 
_pdbx_struct_conn_angle.ptnr1_label_asym_id 
_pdbx_struct_conn_angle.ptnr1_label_comp_id 
_pdbx_struct_conn_angle.ptnr1_label_seq_id 
_pdbx_struct_conn_angle.ptnr1_auth_atom_id 
_pdbx_struct_conn_angle.ptnr1_auth_asym_id 
_pdbx_struct_conn_angle.ptnr1_auth_comp_id 
_pdbx_struct_conn_angle.ptnr1_auth_seq_id 
_pdbx_struct_conn_angle.ptnr1_PDB_ins_code 
_pdbx_struct_conn_angle.ptnr1_symmetry 
_pdbx_struct_conn_angle.ptnr2_label_atom_id 
_pdbx_struct_conn_angle.ptnr2_label_alt_id 
_pdbx_struct_conn_angle.ptnr2_label_asym_id 
_pdbx_struct_conn_angle.ptnr2_label_comp_id 
_pdbx_struct_conn_angle.ptnr2_label_seq_id 
_pdbx_struct_conn_angle.ptnr2_auth_atom_id 
_pdbx_struct_conn_angle.ptnr2_auth_asym_id 
_pdbx_struct_conn_angle.ptnr2_auth_comp_id 
_pdbx_struct_conn_angle.ptnr2_auth_seq_id 
_pdbx_struct_conn_angle.ptnr2_PDB_ins_code 
_pdbx_struct_conn_angle.ptnr2_symmetry 
_pdbx_struct_conn_angle.ptnr3_label_atom_id 
_pdbx_struct_conn_angle.ptnr3_label_alt_id 
_pdbx_struct_conn_angle.ptnr3_label_asym_id 
_pdbx_struct_conn_angle.ptnr3_label_comp_id 
_pdbx_struct_conn_angle.ptnr3_label_seq_id 
_pdbx_struct_conn_angle.ptnr3_auth_atom_id 
_pdbx_struct_conn_angle.ptnr3_auth_asym_id 
_pdbx_struct_conn_angle.ptnr3_auth_comp_id 
_pdbx_struct_conn_angle.ptnr3_auth_seq_id 
_pdbx_struct_conn_angle.ptnr3_PDB_ins_code 
_pdbx_struct_conn_angle.ptnr3_symmetry 
_pdbx_struct_conn_angle.value 
_pdbx_struct_conn_angle.value_esd 
1  OD1 ? A ASP 69  ? A ASP 993  ? 1_555 MG ? B MG  . ? A MG  1201 ? 1_555 OD2 ? A ASP 126 ? A ASP 1050 ? 1_555 78.5  ? 
2  OD1 ? A ASP 69  ? A ASP 993  ? 1_555 MG ? B MG  . ? A MG  1201 ? 1_555 O   ? A GLN 128 ? A GLN 1052 ? 1_555 93.7  ? 
3  OD2 ? A ASP 126 ? A ASP 1050 ? 1_555 MG ? B MG  . ? A MG  1201 ? 1_555 O   ? A GLN 128 ? A GLN 1052 ? 1_555 84.4  ? 
4  OD1 ? A ASP 69  ? A ASP 993  ? 1_555 MG ? B MG  . ? A MG  1201 ? 1_555 O   ? D HOH .   ? A HOH 1305 ? 1_555 91.4  ? 
5  OD2 ? A ASP 126 ? A ASP 1050 ? 1_555 MG ? B MG  . ? A MG  1201 ? 1_555 O   ? D HOH .   ? A HOH 1305 ? 1_555 84.8  ? 
6  O   ? A GLN 128 ? A GLN 1052 ? 1_555 MG ? B MG  . ? A MG  1201 ? 1_555 O   ? D HOH .   ? A HOH 1305 ? 1_555 166.9 ? 
7  OD1 ? A ASP 69  ? A ASP 993  ? 1_555 MG ? B MG  . ? A MG  1201 ? 1_555 O   ? D HOH .   ? A HOH 1309 ? 1_555 104.7 ? 
8  OD2 ? A ASP 126 ? A ASP 1050 ? 1_555 MG ? B MG  . ? A MG  1201 ? 1_555 O   ? D HOH .   ? A HOH 1309 ? 1_555 159.1 ? 
9  O   ? A GLN 128 ? A GLN 1052 ? 1_555 MG ? B MG  . ? A MG  1201 ? 1_555 O   ? D HOH .   ? A HOH 1309 ? 1_555 74.8  ? 
10 O   ? D HOH .   ? A HOH 1305 ? 1_555 MG ? B MG  . ? A MG  1201 ? 1_555 O   ? D HOH .   ? A HOH 1309 ? 1_555 115.5 ? 
11 OD1 ? A ASP 126 ? A ASP 1050 ? 1_555 BE ? C BEF . ? A BEF 1202 ? 1_555 F1  ? C BEF .   ? A BEF 1202 ? 1_555 93.3  ? 
12 OD1 ? A ASP 126 ? A ASP 1050 ? 1_555 BE ? C BEF . ? A BEF 1202 ? 1_555 F2  ? C BEF .   ? A BEF 1202 ? 1_555 99.7  ? 
13 F1  ? C BEF .   ? A BEF 1202 ? 1_555 BE ? C BEF . ? A BEF 1202 ? 1_555 F2  ? C BEF .   ? A BEF 1202 ? 1_555 112.4 ? 
14 OD1 ? A ASP 126 ? A ASP 1050 ? 1_555 BE ? C BEF . ? A BEF 1202 ? 1_555 F3  ? C BEF .   ? A BEF 1202 ? 1_555 96.6  ? 
15 F1  ? C BEF .   ? A BEF 1202 ? 1_555 BE ? C BEF . ? A BEF 1202 ? 1_555 F3  ? C BEF .   ? A BEF 1202 ? 1_555 121.1 ? 
16 F2  ? C BEF .   ? A BEF 1202 ? 1_555 BE ? C BEF . ? A BEF 1202 ? 1_555 F3  ? C BEF .   ? A BEF 1202 ? 1_555 122.6 ? 
# 
_struct_sheet.id               AA1 
_struct_sheet.type             ? 
_struct_sheet.number_strands   6 
_struct_sheet.details          ? 
# 
loop_
_struct_sheet_order.sheet_id 
_struct_sheet_order.range_id_1 
_struct_sheet_order.range_id_2 
_struct_sheet_order.offset 
_struct_sheet_order.sense 
AA1 1 2 ? anti-parallel 
AA1 2 3 ? parallel      
AA1 3 4 ? parallel      
AA1 4 5 ? parallel      
AA1 5 6 ? parallel      
# 
loop_
_struct_sheet_range.sheet_id 
_struct_sheet_range.id 
_struct_sheet_range.beg_label_comp_id 
_struct_sheet_range.beg_label_asym_id 
_struct_sheet_range.beg_label_seq_id 
_struct_sheet_range.pdbx_beg_PDB_ins_code 
_struct_sheet_range.end_label_comp_id 
_struct_sheet_range.end_label_asym_id 
_struct_sheet_range.end_label_seq_id 
_struct_sheet_range.pdbx_end_PDB_ins_code 
_struct_sheet_range.beg_auth_comp_id 
_struct_sheet_range.beg_auth_asym_id 
_struct_sheet_range.beg_auth_seq_id 
_struct_sheet_range.end_auth_comp_id 
_struct_sheet_range.end_auth_asym_id 
_struct_sheet_range.end_auth_seq_id 
AA1 1 GLY A 12  ? LEU A 13  ? GLY A 936  LEU A 937  
AA1 2 ALA A 177 ? ASP A 180 ? ALA A 1101 ASP A 1104 
AA1 3 ILE A 154 ? SER A 158 ? ILE A 1078 SER A 1082 
AA1 4 TYR A 122 ? ASP A 126 ? TYR A 1046 ASP A 1050 
AA1 5 ARG A 63  ? VAL A 67  ? ARG A 987  VAL A 991  
AA1 6 GLU A 88  ? CYS A 92  ? GLU A 1012 CYS A 1016 
# 
loop_
_pdbx_struct_sheet_hbond.sheet_id 
_pdbx_struct_sheet_hbond.range_id_1 
_pdbx_struct_sheet_hbond.range_id_2 
_pdbx_struct_sheet_hbond.range_1_label_atom_id 
_pdbx_struct_sheet_hbond.range_1_label_comp_id 
_pdbx_struct_sheet_hbond.range_1_label_asym_id 
_pdbx_struct_sheet_hbond.range_1_label_seq_id 
_pdbx_struct_sheet_hbond.range_1_PDB_ins_code 
_pdbx_struct_sheet_hbond.range_1_auth_atom_id 
_pdbx_struct_sheet_hbond.range_1_auth_comp_id 
_pdbx_struct_sheet_hbond.range_1_auth_asym_id 
_pdbx_struct_sheet_hbond.range_1_auth_seq_id 
_pdbx_struct_sheet_hbond.range_2_label_atom_id 
_pdbx_struct_sheet_hbond.range_2_label_comp_id 
_pdbx_struct_sheet_hbond.range_2_label_asym_id 
_pdbx_struct_sheet_hbond.range_2_label_seq_id 
_pdbx_struct_sheet_hbond.range_2_PDB_ins_code 
_pdbx_struct_sheet_hbond.range_2_auth_atom_id 
_pdbx_struct_sheet_hbond.range_2_auth_comp_id 
_pdbx_struct_sheet_hbond.range_2_auth_asym_id 
_pdbx_struct_sheet_hbond.range_2_auth_seq_id 
AA1 1 2 N GLY A 12  ? N GLY A 936  O PHE A 178 ? O PHE A 1102 
AA1 2 3 O LEU A 179 ? O LEU A 1103 N ALA A 156 ? N ALA A 1080 
AA1 3 4 O ILE A 155 ? O ILE A 1079 N ILE A 123 ? N ILE A 1047 
AA1 4 5 O PHE A 124 ? O PHE A 1048 N LEU A 65  ? N LEU A 989  
AA1 5 6 N VAL A 64  ? N VAL A 988  O GLU A 88  ? O GLU A 1012 
# 
loop_
_struct_site.id 
_struct_site.pdbx_evidence_code 
_struct_site.pdbx_auth_asym_id 
_struct_site.pdbx_auth_comp_id 
_struct_site.pdbx_auth_seq_id 
_struct_site.pdbx_auth_ins_code 
_struct_site.pdbx_num_residues 
_struct_site.details 
AC1 Software A MG  1201 ? 6  'binding site for residue MG A 1201'  
AC2 Software A BEF 1202 ? 10 'binding site for residue BEF A 1202' 
# 
loop_
_struct_site_gen.id 
_struct_site_gen.site_id 
_struct_site_gen.pdbx_num_res 
_struct_site_gen.label_comp_id 
_struct_site_gen.label_asym_id 
_struct_site_gen.label_seq_id 
_struct_site_gen.pdbx_auth_ins_code 
_struct_site_gen.auth_comp_id 
_struct_site_gen.auth_asym_id 
_struct_site_gen.auth_seq_id 
_struct_site_gen.label_atom_id 
_struct_site_gen.label_alt_id 
_struct_site_gen.symmetry 
_struct_site_gen.details 
1  AC1 6  ASP A 69  ? ASP A 993  . ? 1_555 ? 
2  AC1 6  ASP A 126 ? ASP A 1050 . ? 1_555 ? 
3  AC1 6  GLN A 128 ? GLN A 1052 . ? 1_555 ? 
4  AC1 6  BEF C .   ? BEF A 1202 . ? 1_555 ? 
5  AC1 6  HOH D .   ? HOH A 1305 . ? 1_555 ? 
6  AC1 6  HOH D .   ? HOH A 1309 . ? 1_555 ? 
7  AC2 10 ASP A 126 ? ASP A 1050 . ? 1_555 ? 
8  AC2 10 CYS A 127 ? CYS A 1051 . ? 1_555 ? 
9  AC2 10 GLN A 128 ? GLN A 1052 . ? 1_555 ? 
10 AC2 10 VAL A 157 ? VAL A 1081 . ? 1_555 ? 
11 AC2 10 SER A 158 ? SER A 1082 . ? 1_555 ? 
12 AC2 10 GLY A 159 ? GLY A 1083 . ? 1_555 ? 
13 AC2 10 LYS A 181 ? LYS A 1105 . ? 1_555 ? 
14 AC2 10 MG  B .   ? MG  A 1201 . ? 1_555 ? 
15 AC2 10 HOH D .   ? HOH A 1305 . ? 1_555 ? 
16 AC2 10 HOH D .   ? HOH A 1309 . ? 1_555 ? 
# 
_pdbx_validate_close_contact.id               1 
_pdbx_validate_close_contact.PDB_model_num    1 
_pdbx_validate_close_contact.auth_atom_id_1   O 
_pdbx_validate_close_contact.auth_asym_id_1   A 
_pdbx_validate_close_contact.auth_comp_id_1   HOH 
_pdbx_validate_close_contact.auth_seq_id_1    1347 
_pdbx_validate_close_contact.PDB_ins_code_1   ? 
_pdbx_validate_close_contact.label_alt_id_1   ? 
_pdbx_validate_close_contact.auth_atom_id_2   O 
_pdbx_validate_close_contact.auth_asym_id_2   A 
_pdbx_validate_close_contact.auth_comp_id_2   HOH 
_pdbx_validate_close_contact.auth_seq_id_2    1348 
_pdbx_validate_close_contact.PDB_ins_code_2   ? 
_pdbx_validate_close_contact.label_alt_id_2   ? 
_pdbx_validate_close_contact.dist             2.15 
# 
loop_
_pdbx_validate_rmsd_angle.id 
_pdbx_validate_rmsd_angle.PDB_model_num 
_pdbx_validate_rmsd_angle.auth_atom_id_1 
_pdbx_validate_rmsd_angle.auth_asym_id_1 
_pdbx_validate_rmsd_angle.auth_comp_id_1 
_pdbx_validate_rmsd_angle.auth_seq_id_1 
_pdbx_validate_rmsd_angle.PDB_ins_code_1 
_pdbx_validate_rmsd_angle.label_alt_id_1 
_pdbx_validate_rmsd_angle.auth_atom_id_2 
_pdbx_validate_rmsd_angle.auth_asym_id_2 
_pdbx_validate_rmsd_angle.auth_comp_id_2 
_pdbx_validate_rmsd_angle.auth_seq_id_2 
_pdbx_validate_rmsd_angle.PDB_ins_code_2 
_pdbx_validate_rmsd_angle.label_alt_id_2 
_pdbx_validate_rmsd_angle.auth_atom_id_3 
_pdbx_validate_rmsd_angle.auth_asym_id_3 
_pdbx_validate_rmsd_angle.auth_comp_id_3 
_pdbx_validate_rmsd_angle.auth_seq_id_3 
_pdbx_validate_rmsd_angle.PDB_ins_code_3 
_pdbx_validate_rmsd_angle.label_alt_id_3 
_pdbx_validate_rmsd_angle.angle_value 
_pdbx_validate_rmsd_angle.angle_target_value 
_pdbx_validate_rmsd_angle.angle_deviation 
_pdbx_validate_rmsd_angle.angle_standard_deviation 
_pdbx_validate_rmsd_angle.linker_flag 
1 1 NE A ARG 998  ? ? CZ A ARG 998  ? ? NH2 A ARG 998  ? ? 124.67 120.30 4.37  0.50 N 
2 1 CB A ASP 1050 ? ? CG A ASP 1050 ? ? OD2 A ASP 1050 ? ? 111.17 118.30 -7.13 0.90 N 
# 
loop_
_pdbx_validate_torsion.id 
_pdbx_validate_torsion.PDB_model_num 
_pdbx_validate_torsion.auth_comp_id 
_pdbx_validate_torsion.auth_asym_id 
_pdbx_validate_torsion.auth_seq_id 
_pdbx_validate_torsion.PDB_ins_code 
_pdbx_validate_torsion.label_alt_id 
_pdbx_validate_torsion.phi 
_pdbx_validate_torsion.psi 
1 1 ASP A 979  ? ? -140.95 30.13  
2 1 GLU A 1055 ? ? 75.86   -68.74 
# 
_pdbx_struct_special_symmetry.id              1 
_pdbx_struct_special_symmetry.PDB_model_num   1 
_pdbx_struct_special_symmetry.auth_asym_id    A 
_pdbx_struct_special_symmetry.auth_comp_id    HOH 
_pdbx_struct_special_symmetry.auth_seq_id     1342 
_pdbx_struct_special_symmetry.PDB_ins_code    ? 
_pdbx_struct_special_symmetry.label_asym_id   D 
_pdbx_struct_special_symmetry.label_comp_id   HOH 
_pdbx_struct_special_symmetry.label_seq_id    . 
# 
loop_
_pdbx_unobs_or_zero_occ_residues.id 
_pdbx_unobs_or_zero_occ_residues.PDB_model_num 
_pdbx_unobs_or_zero_occ_residues.polymer_flag 
_pdbx_unobs_or_zero_occ_residues.occupancy_flag 
_pdbx_unobs_or_zero_occ_residues.auth_asym_id 
_pdbx_unobs_or_zero_occ_residues.auth_comp_id 
_pdbx_unobs_or_zero_occ_residues.auth_seq_id 
_pdbx_unobs_or_zero_occ_residues.PDB_ins_code 
_pdbx_unobs_or_zero_occ_residues.label_asym_id 
_pdbx_unobs_or_zero_occ_residues.label_comp_id 
_pdbx_unobs_or_zero_occ_residues.label_seq_id 
1  1 Y 1 A GLY 925  ? A GLY 1   
2  1 Y 1 A SER 926  ? A SER 2   
3  1 Y 1 A SER 927  ? A SER 3   
4  1 Y 1 A HIS 928  ? A HIS 4   
5  1 Y 1 A HIS 929  ? A HIS 5   
6  1 Y 1 A HIS 930  ? A HIS 6   
7  1 Y 1 A HIS 931  ? A HIS 7   
8  1 Y 1 A HIS 932  ? A HIS 8   
9  1 Y 1 A HIS 933  ? A HIS 9   
10 1 Y 1 A ARG 940  ? A ARG 16  
11 1 Y 1 A GLY 941  ? A GLY 17  
12 1 Y 1 A SER 942  ? A SER 18  
13 1 Y 1 A HIS 943  ? A HIS 19  
14 1 Y 1 A MET 944  ? A MET 20  
15 1 Y 1 A ALA 945  ? A ALA 21  
16 1 Y 1 A SER 946  ? A SER 22  
17 1 Y 1 A THR 947  ? A THR 23  
18 1 Y 1 A ASP 948  ? A ASP 24  
19 1 Y 1 A SER 949  ? A SER 25  
20 1 Y 1 A GLU 950  ? A GLU 26  
21 1 Y 1 A SER 951  ? A SER 27  
22 1 Y 1 A GLU 952  ? A GLU 28  
23 1 Y 1 A THR 953  ? A THR 29  
24 1 Y 1 A ARG 954  ? A ARG 30  
25 1 Y 1 A VAL 955  ? A VAL 31  
26 1 Y 1 A LYS 956  ? A LYS 32  
27 1 Y 1 A SER 957  ? A SER 33  
28 1 Y 1 A VAL 958  ? A VAL 34  
29 1 Y 1 A ARG 959  ? A ARG 35  
30 1 Y 1 A THR 960  ? A THR 36  
31 1 Y 1 A GLY 961  ? A GLY 37  
32 1 Y 1 A ARG 962  ? A ARG 38  
33 1 Y 1 A LYS 963  ? A LYS 39  
34 1 Y 1 A PRO 964  ? A PRO 40  
35 1 Y 1 A ILE 965  ? A ILE 41  
36 1 Y 1 A GLY 966  ? A GLY 42  
37 1 Y 1 A ASN 967  ? A ASN 43  
38 1 Y 1 A PRO 968  ? A PRO 44  
39 1 Y 1 A GLU 969  ? A GLU 45  
40 1 Y 1 A ASP 970  ? A ASP 46  
41 1 Y 1 A GLU 971  ? A GLU 47  
42 1 Y 1 A GLN 972  ? A GLN 48  
43 1 Y 1 A GLU 973  ? A GLU 49  
44 1 Y 1 A THR 974  ? A THR 50  
45 1 Y 1 A SER 975  ? A SER 51  
46 1 Y 1 A LYS 976  ? A LYS 52  
47 1 Y 1 A PRO 977  ? A PRO 53  
48 1 Y 1 A ARG 1121 ? A ARG 197 
49 1 Y 1 A HIS 1122 ? A HIS 198 
50 1 Y 1 A LEU 1123 ? A LEU 199 
51 1 Y 1 A GLU 1124 ? A GLU 200 
52 1 Y 1 A HIS 1125 ? A HIS 201 
53 1 Y 1 A HIS 1126 ? A HIS 202 
54 1 Y 1 A HIS 1127 ? A HIS 203 
55 1 Y 1 A HIS 1128 ? A HIS 204 
56 1 Y 1 A HIS 1129 ? A HIS 205 
57 1 Y 1 A HIS 1130 ? A HIS 206 
# 
loop_
_chem_comp_atom.comp_id 
_chem_comp_atom.atom_id 
_chem_comp_atom.type_symbol 
_chem_comp_atom.pdbx_aromatic_flag 
_chem_comp_atom.pdbx_stereo_config 
_chem_comp_atom.pdbx_ordinal 
ALA N    N  N N 1   
ALA CA   C  N S 2   
ALA C    C  N N 3   
ALA O    O  N N 4   
ALA CB   C  N N 5   
ALA OXT  O  N N 6   
ALA H    H  N N 7   
ALA H2   H  N N 8   
ALA HA   H  N N 9   
ALA HB1  H  N N 10  
ALA HB2  H  N N 11  
ALA HB3  H  N N 12  
ALA HXT  H  N N 13  
ARG N    N  N N 14  
ARG CA   C  N S 15  
ARG C    C  N N 16  
ARG O    O  N N 17  
ARG CB   C  N N 18  
ARG CG   C  N N 19  
ARG CD   C  N N 20  
ARG NE   N  N N 21  
ARG CZ   C  N N 22  
ARG NH1  N  N N 23  
ARG NH2  N  N N 24  
ARG OXT  O  N N 25  
ARG H    H  N N 26  
ARG H2   H  N N 27  
ARG HA   H  N N 28  
ARG HB2  H  N N 29  
ARG HB3  H  N N 30  
ARG HG2  H  N N 31  
ARG HG3  H  N N 32  
ARG HD2  H  N N 33  
ARG HD3  H  N N 34  
ARG HE   H  N N 35  
ARG HH11 H  N N 36  
ARG HH12 H  N N 37  
ARG HH21 H  N N 38  
ARG HH22 H  N N 39  
ARG HXT  H  N N 40  
ASN N    N  N N 41  
ASN CA   C  N S 42  
ASN C    C  N N 43  
ASN O    O  N N 44  
ASN CB   C  N N 45  
ASN CG   C  N N 46  
ASN OD1  O  N N 47  
ASN ND2  N  N N 48  
ASN OXT  O  N N 49  
ASN H    H  N N 50  
ASN H2   H  N N 51  
ASN HA   H  N N 52  
ASN HB2  H  N N 53  
ASN HB3  H  N N 54  
ASN HD21 H  N N 55  
ASN HD22 H  N N 56  
ASN HXT  H  N N 57  
ASP N    N  N N 58  
ASP CA   C  N S 59  
ASP C    C  N N 60  
ASP O    O  N N 61  
ASP CB   C  N N 62  
ASP CG   C  N N 63  
ASP OD1  O  N N 64  
ASP OD2  O  N N 65  
ASP OXT  O  N N 66  
ASP H    H  N N 67  
ASP H2   H  N N 68  
ASP HA   H  N N 69  
ASP HB2  H  N N 70  
ASP HB3  H  N N 71  
ASP HD2  H  N N 72  
ASP HXT  H  N N 73  
BEF BE   BE N N 74  
BEF F1   F  N N 75  
BEF F2   F  N N 76  
BEF F3   F  N N 77  
CYS N    N  N N 78  
CYS CA   C  N R 79  
CYS C    C  N N 80  
CYS O    O  N N 81  
CYS CB   C  N N 82  
CYS SG   S  N N 83  
CYS OXT  O  N N 84  
CYS H    H  N N 85  
CYS H2   H  N N 86  
CYS HA   H  N N 87  
CYS HB2  H  N N 88  
CYS HB3  H  N N 89  
CYS HG   H  N N 90  
CYS HXT  H  N N 91  
GLN N    N  N N 92  
GLN CA   C  N S 93  
GLN C    C  N N 94  
GLN O    O  N N 95  
GLN CB   C  N N 96  
GLN CG   C  N N 97  
GLN CD   C  N N 98  
GLN OE1  O  N N 99  
GLN NE2  N  N N 100 
GLN OXT  O  N N 101 
GLN H    H  N N 102 
GLN H2   H  N N 103 
GLN HA   H  N N 104 
GLN HB2  H  N N 105 
GLN HB3  H  N N 106 
GLN HG2  H  N N 107 
GLN HG3  H  N N 108 
GLN HE21 H  N N 109 
GLN HE22 H  N N 110 
GLN HXT  H  N N 111 
GLU N    N  N N 112 
GLU CA   C  N S 113 
GLU C    C  N N 114 
GLU O    O  N N 115 
GLU CB   C  N N 116 
GLU CG   C  N N 117 
GLU CD   C  N N 118 
GLU OE1  O  N N 119 
GLU OE2  O  N N 120 
GLU OXT  O  N N 121 
GLU H    H  N N 122 
GLU H2   H  N N 123 
GLU HA   H  N N 124 
GLU HB2  H  N N 125 
GLU HB3  H  N N 126 
GLU HG2  H  N N 127 
GLU HG3  H  N N 128 
GLU HE2  H  N N 129 
GLU HXT  H  N N 130 
GLY N    N  N N 131 
GLY CA   C  N N 132 
GLY C    C  N N 133 
GLY O    O  N N 134 
GLY OXT  O  N N 135 
GLY H    H  N N 136 
GLY H2   H  N N 137 
GLY HA2  H  N N 138 
GLY HA3  H  N N 139 
GLY HXT  H  N N 140 
HIS N    N  N N 141 
HIS CA   C  N S 142 
HIS C    C  N N 143 
HIS O    O  N N 144 
HIS CB   C  N N 145 
HIS CG   C  Y N 146 
HIS ND1  N  Y N 147 
HIS CD2  C  Y N 148 
HIS CE1  C  Y N 149 
HIS NE2  N  Y N 150 
HIS OXT  O  N N 151 
HIS H    H  N N 152 
HIS H2   H  N N 153 
HIS HA   H  N N 154 
HIS HB2  H  N N 155 
HIS HB3  H  N N 156 
HIS HD1  H  N N 157 
HIS HD2  H  N N 158 
HIS HE1  H  N N 159 
HIS HE2  H  N N 160 
HIS HXT  H  N N 161 
HOH O    O  N N 162 
HOH H1   H  N N 163 
HOH H2   H  N N 164 
ILE N    N  N N 165 
ILE CA   C  N S 166 
ILE C    C  N N 167 
ILE O    O  N N 168 
ILE CB   C  N S 169 
ILE CG1  C  N N 170 
ILE CG2  C  N N 171 
ILE CD1  C  N N 172 
ILE OXT  O  N N 173 
ILE H    H  N N 174 
ILE H2   H  N N 175 
ILE HA   H  N N 176 
ILE HB   H  N N 177 
ILE HG12 H  N N 178 
ILE HG13 H  N N 179 
ILE HG21 H  N N 180 
ILE HG22 H  N N 181 
ILE HG23 H  N N 182 
ILE HD11 H  N N 183 
ILE HD12 H  N N 184 
ILE HD13 H  N N 185 
ILE HXT  H  N N 186 
LEU N    N  N N 187 
LEU CA   C  N S 188 
LEU C    C  N N 189 
LEU O    O  N N 190 
LEU CB   C  N N 191 
LEU CG   C  N N 192 
LEU CD1  C  N N 193 
LEU CD2  C  N N 194 
LEU OXT  O  N N 195 
LEU H    H  N N 196 
LEU H2   H  N N 197 
LEU HA   H  N N 198 
LEU HB2  H  N N 199 
LEU HB3  H  N N 200 
LEU HG   H  N N 201 
LEU HD11 H  N N 202 
LEU HD12 H  N N 203 
LEU HD13 H  N N 204 
LEU HD21 H  N N 205 
LEU HD22 H  N N 206 
LEU HD23 H  N N 207 
LEU HXT  H  N N 208 
LYS N    N  N N 209 
LYS CA   C  N S 210 
LYS C    C  N N 211 
LYS O    O  N N 212 
LYS CB   C  N N 213 
LYS CG   C  N N 214 
LYS CD   C  N N 215 
LYS CE   C  N N 216 
LYS NZ   N  N N 217 
LYS OXT  O  N N 218 
LYS H    H  N N 219 
LYS H2   H  N N 220 
LYS HA   H  N N 221 
LYS HB2  H  N N 222 
LYS HB3  H  N N 223 
LYS HG2  H  N N 224 
LYS HG3  H  N N 225 
LYS HD2  H  N N 226 
LYS HD3  H  N N 227 
LYS HE2  H  N N 228 
LYS HE3  H  N N 229 
LYS HZ1  H  N N 230 
LYS HZ2  H  N N 231 
LYS HZ3  H  N N 232 
LYS HXT  H  N N 233 
MET N    N  N N 234 
MET CA   C  N S 235 
MET C    C  N N 236 
MET O    O  N N 237 
MET CB   C  N N 238 
MET CG   C  N N 239 
MET SD   S  N N 240 
MET CE   C  N N 241 
MET OXT  O  N N 242 
MET H    H  N N 243 
MET H2   H  N N 244 
MET HA   H  N N 245 
MET HB2  H  N N 246 
MET HB3  H  N N 247 
MET HG2  H  N N 248 
MET HG3  H  N N 249 
MET HE1  H  N N 250 
MET HE2  H  N N 251 
MET HE3  H  N N 252 
MET HXT  H  N N 253 
MG  MG   MG N N 254 
PHE N    N  N N 255 
PHE CA   C  N S 256 
PHE C    C  N N 257 
PHE O    O  N N 258 
PHE CB   C  N N 259 
PHE CG   C  Y N 260 
PHE CD1  C  Y N 261 
PHE CD2  C  Y N 262 
PHE CE1  C  Y N 263 
PHE CE2  C  Y N 264 
PHE CZ   C  Y N 265 
PHE OXT  O  N N 266 
PHE H    H  N N 267 
PHE H2   H  N N 268 
PHE HA   H  N N 269 
PHE HB2  H  N N 270 
PHE HB3  H  N N 271 
PHE HD1  H  N N 272 
PHE HD2  H  N N 273 
PHE HE1  H  N N 274 
PHE HE2  H  N N 275 
PHE HZ   H  N N 276 
PHE HXT  H  N N 277 
PRO N    N  N N 278 
PRO CA   C  N S 279 
PRO C    C  N N 280 
PRO O    O  N N 281 
PRO CB   C  N N 282 
PRO CG   C  N N 283 
PRO CD   C  N N 284 
PRO OXT  O  N N 285 
PRO H    H  N N 286 
PRO HA   H  N N 287 
PRO HB2  H  N N 288 
PRO HB3  H  N N 289 
PRO HG2  H  N N 290 
PRO HG3  H  N N 291 
PRO HD2  H  N N 292 
PRO HD3  H  N N 293 
PRO HXT  H  N N 294 
SER N    N  N N 295 
SER CA   C  N S 296 
SER C    C  N N 297 
SER O    O  N N 298 
SER CB   C  N N 299 
SER OG   O  N N 300 
SER OXT  O  N N 301 
SER H    H  N N 302 
SER H2   H  N N 303 
SER HA   H  N N 304 
SER HB2  H  N N 305 
SER HB3  H  N N 306 
SER HG   H  N N 307 
SER HXT  H  N N 308 
THR N    N  N N 309 
THR CA   C  N S 310 
THR C    C  N N 311 
THR O    O  N N 312 
THR CB   C  N R 313 
THR OG1  O  N N 314 
THR CG2  C  N N 315 
THR OXT  O  N N 316 
THR H    H  N N 317 
THR H2   H  N N 318 
THR HA   H  N N 319 
THR HB   H  N N 320 
THR HG1  H  N N 321 
THR HG21 H  N N 322 
THR HG22 H  N N 323 
THR HG23 H  N N 324 
THR HXT  H  N N 325 
TYR N    N  N N 326 
TYR CA   C  N S 327 
TYR C    C  N N 328 
TYR O    O  N N 329 
TYR CB   C  N N 330 
TYR CG   C  Y N 331 
TYR CD1  C  Y N 332 
TYR CD2  C  Y N 333 
TYR CE1  C  Y N 334 
TYR CE2  C  Y N 335 
TYR CZ   C  Y N 336 
TYR OH   O  N N 337 
TYR OXT  O  N N 338 
TYR H    H  N N 339 
TYR H2   H  N N 340 
TYR HA   H  N N 341 
TYR HB2  H  N N 342 
TYR HB3  H  N N 343 
TYR HD1  H  N N 344 
TYR HD2  H  N N 345 
TYR HE1  H  N N 346 
TYR HE2  H  N N 347 
TYR HH   H  N N 348 
TYR HXT  H  N N 349 
VAL N    N  N N 350 
VAL CA   C  N S 351 
VAL C    C  N N 352 
VAL O    O  N N 353 
VAL CB   C  N N 354 
VAL CG1  C  N N 355 
VAL CG2  C  N N 356 
VAL OXT  O  N N 357 
VAL H    H  N N 358 
VAL H2   H  N N 359 
VAL HA   H  N N 360 
VAL HB   H  N N 361 
VAL HG11 H  N N 362 
VAL HG12 H  N N 363 
VAL HG13 H  N N 364 
VAL HG21 H  N N 365 
VAL HG22 H  N N 366 
VAL HG23 H  N N 367 
VAL HXT  H  N N 368 
# 
loop_
_chem_comp_bond.comp_id 
_chem_comp_bond.atom_id_1 
_chem_comp_bond.atom_id_2 
_chem_comp_bond.value_order 
_chem_comp_bond.pdbx_aromatic_flag 
_chem_comp_bond.pdbx_stereo_config 
_chem_comp_bond.pdbx_ordinal 
ALA N   CA   sing N N 1   
ALA N   H    sing N N 2   
ALA N   H2   sing N N 3   
ALA CA  C    sing N N 4   
ALA CA  CB   sing N N 5   
ALA CA  HA   sing N N 6   
ALA C   O    doub N N 7   
ALA C   OXT  sing N N 8   
ALA CB  HB1  sing N N 9   
ALA CB  HB2  sing N N 10  
ALA CB  HB3  sing N N 11  
ALA OXT HXT  sing N N 12  
ARG N   CA   sing N N 13  
ARG N   H    sing N N 14  
ARG N   H2   sing N N 15  
ARG CA  C    sing N N 16  
ARG CA  CB   sing N N 17  
ARG CA  HA   sing N N 18  
ARG C   O    doub N N 19  
ARG C   OXT  sing N N 20  
ARG CB  CG   sing N N 21  
ARG CB  HB2  sing N N 22  
ARG CB  HB3  sing N N 23  
ARG CG  CD   sing N N 24  
ARG CG  HG2  sing N N 25  
ARG CG  HG3  sing N N 26  
ARG CD  NE   sing N N 27  
ARG CD  HD2  sing N N 28  
ARG CD  HD3  sing N N 29  
ARG NE  CZ   sing N N 30  
ARG NE  HE   sing N N 31  
ARG CZ  NH1  sing N N 32  
ARG CZ  NH2  doub N N 33  
ARG NH1 HH11 sing N N 34  
ARG NH1 HH12 sing N N 35  
ARG NH2 HH21 sing N N 36  
ARG NH2 HH22 sing N N 37  
ARG OXT HXT  sing N N 38  
ASN N   CA   sing N N 39  
ASN N   H    sing N N 40  
ASN N   H2   sing N N 41  
ASN CA  C    sing N N 42  
ASN CA  CB   sing N N 43  
ASN CA  HA   sing N N 44  
ASN C   O    doub N N 45  
ASN C   OXT  sing N N 46  
ASN CB  CG   sing N N 47  
ASN CB  HB2  sing N N 48  
ASN CB  HB3  sing N N 49  
ASN CG  OD1  doub N N 50  
ASN CG  ND2  sing N N 51  
ASN ND2 HD21 sing N N 52  
ASN ND2 HD22 sing N N 53  
ASN OXT HXT  sing N N 54  
ASP N   CA   sing N N 55  
ASP N   H    sing N N 56  
ASP N   H2   sing N N 57  
ASP CA  C    sing N N 58  
ASP CA  CB   sing N N 59  
ASP CA  HA   sing N N 60  
ASP C   O    doub N N 61  
ASP C   OXT  sing N N 62  
ASP CB  CG   sing N N 63  
ASP CB  HB2  sing N N 64  
ASP CB  HB3  sing N N 65  
ASP CG  OD1  doub N N 66  
ASP CG  OD2  sing N N 67  
ASP OD2 HD2  sing N N 68  
ASP OXT HXT  sing N N 69  
BEF BE  F1   sing N N 70  
BEF BE  F2   sing N N 71  
BEF BE  F3   sing N N 72  
CYS N   CA   sing N N 73  
CYS N   H    sing N N 74  
CYS N   H2   sing N N 75  
CYS CA  C    sing N N 76  
CYS CA  CB   sing N N 77  
CYS CA  HA   sing N N 78  
CYS C   O    doub N N 79  
CYS C   OXT  sing N N 80  
CYS CB  SG   sing N N 81  
CYS CB  HB2  sing N N 82  
CYS CB  HB3  sing N N 83  
CYS SG  HG   sing N N 84  
CYS OXT HXT  sing N N 85  
GLN N   CA   sing N N 86  
GLN N   H    sing N N 87  
GLN N   H2   sing N N 88  
GLN CA  C    sing N N 89  
GLN CA  CB   sing N N 90  
GLN CA  HA   sing N N 91  
GLN C   O    doub N N 92  
GLN C   OXT  sing N N 93  
GLN CB  CG   sing N N 94  
GLN CB  HB2  sing N N 95  
GLN CB  HB3  sing N N 96  
GLN CG  CD   sing N N 97  
GLN CG  HG2  sing N N 98  
GLN CG  HG3  sing N N 99  
GLN CD  OE1  doub N N 100 
GLN CD  NE2  sing N N 101 
GLN NE2 HE21 sing N N 102 
GLN NE2 HE22 sing N N 103 
GLN OXT HXT  sing N N 104 
GLU N   CA   sing N N 105 
GLU N   H    sing N N 106 
GLU N   H2   sing N N 107 
GLU CA  C    sing N N 108 
GLU CA  CB   sing N N 109 
GLU CA  HA   sing N N 110 
GLU C   O    doub N N 111 
GLU C   OXT  sing N N 112 
GLU CB  CG   sing N N 113 
GLU CB  HB2  sing N N 114 
GLU CB  HB3  sing N N 115 
GLU CG  CD   sing N N 116 
GLU CG  HG2  sing N N 117 
GLU CG  HG3  sing N N 118 
GLU CD  OE1  doub N N 119 
GLU CD  OE2  sing N N 120 
GLU OE2 HE2  sing N N 121 
GLU OXT HXT  sing N N 122 
GLY N   CA   sing N N 123 
GLY N   H    sing N N 124 
GLY N   H2   sing N N 125 
GLY CA  C    sing N N 126 
GLY CA  HA2  sing N N 127 
GLY CA  HA3  sing N N 128 
GLY C   O    doub N N 129 
GLY C   OXT  sing N N 130 
GLY OXT HXT  sing N N 131 
HIS N   CA   sing N N 132 
HIS N   H    sing N N 133 
HIS N   H2   sing N N 134 
HIS CA  C    sing N N 135 
HIS CA  CB   sing N N 136 
HIS CA  HA   sing N N 137 
HIS C   O    doub N N 138 
HIS C   OXT  sing N N 139 
HIS CB  CG   sing N N 140 
HIS CB  HB2  sing N N 141 
HIS CB  HB3  sing N N 142 
HIS CG  ND1  sing Y N 143 
HIS CG  CD2  doub Y N 144 
HIS ND1 CE1  doub Y N 145 
HIS ND1 HD1  sing N N 146 
HIS CD2 NE2  sing Y N 147 
HIS CD2 HD2  sing N N 148 
HIS CE1 NE2  sing Y N 149 
HIS CE1 HE1  sing N N 150 
HIS NE2 HE2  sing N N 151 
HIS OXT HXT  sing N N 152 
HOH O   H1   sing N N 153 
HOH O   H2   sing N N 154 
ILE N   CA   sing N N 155 
ILE N   H    sing N N 156 
ILE N   H2   sing N N 157 
ILE CA  C    sing N N 158 
ILE CA  CB   sing N N 159 
ILE CA  HA   sing N N 160 
ILE C   O    doub N N 161 
ILE C   OXT  sing N N 162 
ILE CB  CG1  sing N N 163 
ILE CB  CG2  sing N N 164 
ILE CB  HB   sing N N 165 
ILE CG1 CD1  sing N N 166 
ILE CG1 HG12 sing N N 167 
ILE CG1 HG13 sing N N 168 
ILE CG2 HG21 sing N N 169 
ILE CG2 HG22 sing N N 170 
ILE CG2 HG23 sing N N 171 
ILE CD1 HD11 sing N N 172 
ILE CD1 HD12 sing N N 173 
ILE CD1 HD13 sing N N 174 
ILE OXT HXT  sing N N 175 
LEU N   CA   sing N N 176 
LEU N   H    sing N N 177 
LEU N   H2   sing N N 178 
LEU CA  C    sing N N 179 
LEU CA  CB   sing N N 180 
LEU CA  HA   sing N N 181 
LEU C   O    doub N N 182 
LEU C   OXT  sing N N 183 
LEU CB  CG   sing N N 184 
LEU CB  HB2  sing N N 185 
LEU CB  HB3  sing N N 186 
LEU CG  CD1  sing N N 187 
LEU CG  CD2  sing N N 188 
LEU CG  HG   sing N N 189 
LEU CD1 HD11 sing N N 190 
LEU CD1 HD12 sing N N 191 
LEU CD1 HD13 sing N N 192 
LEU CD2 HD21 sing N N 193 
LEU CD2 HD22 sing N N 194 
LEU CD2 HD23 sing N N 195 
LEU OXT HXT  sing N N 196 
LYS N   CA   sing N N 197 
LYS N   H    sing N N 198 
LYS N   H2   sing N N 199 
LYS CA  C    sing N N 200 
LYS CA  CB   sing N N 201 
LYS CA  HA   sing N N 202 
LYS C   O    doub N N 203 
LYS C   OXT  sing N N 204 
LYS CB  CG   sing N N 205 
LYS CB  HB2  sing N N 206 
LYS CB  HB3  sing N N 207 
LYS CG  CD   sing N N 208 
LYS CG  HG2  sing N N 209 
LYS CG  HG3  sing N N 210 
LYS CD  CE   sing N N 211 
LYS CD  HD2  sing N N 212 
LYS CD  HD3  sing N N 213 
LYS CE  NZ   sing N N 214 
LYS CE  HE2  sing N N 215 
LYS CE  HE3  sing N N 216 
LYS NZ  HZ1  sing N N 217 
LYS NZ  HZ2  sing N N 218 
LYS NZ  HZ3  sing N N 219 
LYS OXT HXT  sing N N 220 
MET N   CA   sing N N 221 
MET N   H    sing N N 222 
MET N   H2   sing N N 223 
MET CA  C    sing N N 224 
MET CA  CB   sing N N 225 
MET CA  HA   sing N N 226 
MET C   O    doub N N 227 
MET C   OXT  sing N N 228 
MET CB  CG   sing N N 229 
MET CB  HB2  sing N N 230 
MET CB  HB3  sing N N 231 
MET CG  SD   sing N N 232 
MET CG  HG2  sing N N 233 
MET CG  HG3  sing N N 234 
MET SD  CE   sing N N 235 
MET CE  HE1  sing N N 236 
MET CE  HE2  sing N N 237 
MET CE  HE3  sing N N 238 
MET OXT HXT  sing N N 239 
PHE N   CA   sing N N 240 
PHE N   H    sing N N 241 
PHE N   H2   sing N N 242 
PHE CA  C    sing N N 243 
PHE CA  CB   sing N N 244 
PHE CA  HA   sing N N 245 
PHE C   O    doub N N 246 
PHE C   OXT  sing N N 247 
PHE CB  CG   sing N N 248 
PHE CB  HB2  sing N N 249 
PHE CB  HB3  sing N N 250 
PHE CG  CD1  doub Y N 251 
PHE CG  CD2  sing Y N 252 
PHE CD1 CE1  sing Y N 253 
PHE CD1 HD1  sing N N 254 
PHE CD2 CE2  doub Y N 255 
PHE CD2 HD2  sing N N 256 
PHE CE1 CZ   doub Y N 257 
PHE CE1 HE1  sing N N 258 
PHE CE2 CZ   sing Y N 259 
PHE CE2 HE2  sing N N 260 
PHE CZ  HZ   sing N N 261 
PHE OXT HXT  sing N N 262 
PRO N   CA   sing N N 263 
PRO N   CD   sing N N 264 
PRO N   H    sing N N 265 
PRO CA  C    sing N N 266 
PRO CA  CB   sing N N 267 
PRO CA  HA   sing N N 268 
PRO C   O    doub N N 269 
PRO C   OXT  sing N N 270 
PRO CB  CG   sing N N 271 
PRO CB  HB2  sing N N 272 
PRO CB  HB3  sing N N 273 
PRO CG  CD   sing N N 274 
PRO CG  HG2  sing N N 275 
PRO CG  HG3  sing N N 276 
PRO CD  HD2  sing N N 277 
PRO CD  HD3  sing N N 278 
PRO OXT HXT  sing N N 279 
SER N   CA   sing N N 280 
SER N   H    sing N N 281 
SER N   H2   sing N N 282 
SER CA  C    sing N N 283 
SER CA  CB   sing N N 284 
SER CA  HA   sing N N 285 
SER C   O    doub N N 286 
SER C   OXT  sing N N 287 
SER CB  OG   sing N N 288 
SER CB  HB2  sing N N 289 
SER CB  HB3  sing N N 290 
SER OG  HG   sing N N 291 
SER OXT HXT  sing N N 292 
THR N   CA   sing N N 293 
THR N   H    sing N N 294 
THR N   H2   sing N N 295 
THR CA  C    sing N N 296 
THR CA  CB   sing N N 297 
THR CA  HA   sing N N 298 
THR C   O    doub N N 299 
THR C   OXT  sing N N 300 
THR CB  OG1  sing N N 301 
THR CB  CG2  sing N N 302 
THR CB  HB   sing N N 303 
THR OG1 HG1  sing N N 304 
THR CG2 HG21 sing N N 305 
THR CG2 HG22 sing N N 306 
THR CG2 HG23 sing N N 307 
THR OXT HXT  sing N N 308 
TYR N   CA   sing N N 309 
TYR N   H    sing N N 310 
TYR N   H2   sing N N 311 
TYR CA  C    sing N N 312 
TYR CA  CB   sing N N 313 
TYR CA  HA   sing N N 314 
TYR C   O    doub N N 315 
TYR C   OXT  sing N N 316 
TYR CB  CG   sing N N 317 
TYR CB  HB2  sing N N 318 
TYR CB  HB3  sing N N 319 
TYR CG  CD1  doub Y N 320 
TYR CG  CD2  sing Y N 321 
TYR CD1 CE1  sing Y N 322 
TYR CD1 HD1  sing N N 323 
TYR CD2 CE2  doub Y N 324 
TYR CD2 HD2  sing N N 325 
TYR CE1 CZ   doub Y N 326 
TYR CE1 HE1  sing N N 327 
TYR CE2 CZ   sing Y N 328 
TYR CE2 HE2  sing N N 329 
TYR CZ  OH   sing N N 330 
TYR OH  HH   sing N N 331 
TYR OXT HXT  sing N N 332 
VAL N   CA   sing N N 333 
VAL N   H    sing N N 334 
VAL N   H2   sing N N 335 
VAL CA  C    sing N N 336 
VAL CA  CB   sing N N 337 
VAL CA  HA   sing N N 338 
VAL C   O    doub N N 339 
VAL C   OXT  sing N N 340 
VAL CB  CG1  sing N N 341 
VAL CB  CG2  sing N N 342 
VAL CB  HB   sing N N 343 
VAL CG1 HG11 sing N N 344 
VAL CG1 HG12 sing N N 345 
VAL CG1 HG13 sing N N 346 
VAL CG2 HG21 sing N N 347 
VAL CG2 HG22 sing N N 348 
VAL CG2 HG23 sing N N 349 
VAL OXT HXT  sing N N 350 
# 
_pdbx_audit_support.funding_organization   'Czech Science Foundation' 
_pdbx_audit_support.country                'Czech Republic' 
_pdbx_audit_support.grant_number           GAP305/11/0756 
_pdbx_audit_support.ordinal                1 
# 
_pdbx_initial_refinement_model.id               1 
_pdbx_initial_refinement_model.entity_id_list   ? 
_pdbx_initial_refinement_model.type             'experimental model' 
_pdbx_initial_refinement_model.source_name      PDB 
_pdbx_initial_refinement_model.accession_code   3MM4 
_pdbx_initial_refinement_model.details          ? 
# 
_atom_sites.entry_id                    5N2N 
_atom_sites.fract_transf_matrix[1][1]   0.01662815 
_atom_sites.fract_transf_matrix[1][2]   0.00653452 
_atom_sites.fract_transf_matrix[1][3]   0.00622968 
_atom_sites.fract_transf_matrix[2][1]   0.00476114 
_atom_sites.fract_transf_matrix[2][2]   -0.00609302 
_atom_sites.fract_transf_matrix[2][3]   -0.00631718 
_atom_sites.fract_transf_matrix[3][1]   -0.00021942 
_atom_sites.fract_transf_matrix[3][2]   0.00889675 
_atom_sites.fract_transf_matrix[3][3]   -0.00874643 
_atom_sites.fract_transf_vector[1]      -0.468406 
_atom_sites.fract_transf_vector[2]      -0.150380 
_atom_sites.fract_transf_vector[3]      -0.052451 
# 
loop_
_atom_type.symbol 
BE 
C  
F  
MG 
N  
O  
S  
# 
loop_
_atom_site.group_PDB 
_atom_site.id 
_atom_site.type_symbol 
_atom_site.label_atom_id 
_atom_site.label_alt_id 
_atom_site.label_comp_id 
_atom_site.label_asym_id 
_atom_site.label_entity_id 
_atom_site.label_seq_id 
_atom_site.pdbx_PDB_ins_code 
_atom_site.Cartn_x 
_atom_site.Cartn_y 
_atom_site.Cartn_z 
_atom_site.occupancy 
_atom_site.B_iso_or_equiv 
_atom_site.pdbx_formal_charge 
_atom_site.auth_seq_id 
_atom_site.auth_comp_id 
_atom_site.auth_asym_id 
_atom_site.auth_atom_id 
_atom_site.pdbx_PDB_model_num 
ATOM   1    N  N   . SER A 1 10  ? -3.624  17.577  1.278   1.00 72.24  ? 934  SER A N   1 
ATOM   2    C  CA  . SER A 1 10  ? -2.166  17.311  1.023   1.00 76.93  ? 934  SER A CA  1 
ATOM   3    C  C   . SER A 1 10  ? -1.863  15.804  0.687   1.00 78.13  ? 934  SER A C   1 
ATOM   4    O  O   . SER A 1 10  ? -2.705  14.922  0.907   1.00 79.87  ? 934  SER A O   1 
ATOM   5    C  CB  . SER A 1 10  ? -1.293  17.777  2.217   1.00 78.88  ? 934  SER A CB  1 
ATOM   6    O  OG  . SER A 1 10  ? -1.423  19.166  2.521   1.00 82.81  ? 934  SER A OG  1 
ATOM   7    N  N   . SER A 1 11  ? -0.658  15.559  0.146   1.00 65.69  ? 935  SER A N   1 
ATOM   8    C  CA  . SER A 1 11  ? -0.134  14.225  -0.258  1.00 58.53  ? 935  SER A CA  1 
ATOM   9    C  C   . SER A 1 11  ? 1.379   14.318  -0.251  1.00 56.62  ? 935  SER A C   1 
ATOM   10   O  O   . SER A 1 11  ? 1.928   15.318  -0.670  1.00 55.50  ? 935  SER A O   1 
ATOM   11   C  CB  . SER A 1 11  ? -0.624  13.818  -1.649  1.00 50.38  ? 935  SER A CB  1 
ATOM   12   O  OG  . SER A 1 11  ? -2.047  13.904  -1.736  1.00 59.88  ? 935  SER A OG  1 
ATOM   13   N  N   . GLY A 1 12  ? 2.077   13.318  0.242   1.00 53.11  ? 936  GLY A N   1 
ATOM   14   C  CA  . GLY A 1 12  ? 3.531   13.366  0.214   1.00 47.75  ? 936  GLY A CA  1 
ATOM   15   C  C   . GLY A 1 12  ? 4.243   12.223  0.872   1.00 46.66  ? 936  GLY A C   1 
ATOM   16   O  O   . GLY A 1 12  ? 3.627   11.284  1.316   1.00 43.56  ? 936  GLY A O   1 
ATOM   17   N  N   . LEU A 1 13  ? 5.558   12.294  0.855   1.00 44.40  ? 937  LEU A N   1 
ATOM   18   C  CA  . LEU A 1 13  ? 6.394   11.343  1.558   1.00 49.75  ? 937  LEU A CA  1 
ATOM   19   C  C   . LEU A 1 13  ? 6.355   11.483  3.097   1.00 46.22  ? 937  LEU A C   1 
ATOM   20   O  O   . LEU A 1 13  ? 6.082   12.532  3.647   1.00 46.38  ? 937  LEU A O   1 
ATOM   21   C  CB  . LEU A 1 13  ? 7.823   11.351  0.989   1.00 53.70  ? 937  LEU A CB  1 
ATOM   22   C  CG  . LEU A 1 13  ? 8.021   10.475  -0.266  1.00 61.95  ? 937  LEU A CG  1 
ATOM   23   C  CD1 . LEU A 1 13  ? 6.913   10.615  -1.292  1.00 64.76  ? 937  LEU A CD1 1 
ATOM   24   C  CD2 . LEU A 1 13  ? 9.371   10.804  -0.883  1.00 66.06  ? 937  LEU A CD2 1 
ATOM   25   N  N   . VAL A 1 14  ? 6.546   10.349  3.751   1.00 41.24  ? 938  VAL A N   1 
ATOM   26   C  CA  . VAL A 1 14  ? 6.632   10.204  5.181   1.00 41.56  ? 938  VAL A CA  1 
ATOM   27   C  C   . VAL A 1 14  ? 8.134   10.001  5.349   1.00 49.59  ? 938  VAL A C   1 
ATOM   28   O  O   . VAL A 1 14  ? 8.734   9.238   4.571   1.00 57.01  ? 938  VAL A O   1 
ATOM   29   C  CB  . VAL A 1 14  ? 5.885   8.926   5.628   1.00 41.21  ? 938  VAL A CB  1 
ATOM   30   C  CG1 . VAL A 1 14  ? 5.958   8.700   7.116   1.00 41.23  ? 938  VAL A CG1 1 
ATOM   31   C  CG2 . VAL A 1 14  ? 4.424   8.992   5.219   1.00 45.30  ? 938  VAL A CG2 1 
ATOM   32   N  N   . PRO A 1 15  ? 8.766   10.717  6.302   1.00 56.81  ? 939  PRO A N   1 
ATOM   33   C  CA  . PRO A 1 15  ? 10.190  10.507  6.665   1.00 59.28  ? 939  PRO A CA  1 
ATOM   34   C  C   . PRO A 1 15  ? 10.449  9.117   7.221   1.00 58.87  ? 939  PRO A C   1 
ATOM   35   O  O   . PRO A 1 15  ? 9.573   8.590   7.965   1.00 60.80  ? 939  PRO A O   1 
ATOM   36   C  CB  . PRO A 1 15  ? 10.418  11.525  7.785   1.00 64.44  ? 939  PRO A CB  1 
ATOM   37   C  CG  . PRO A 1 15  ? 9.319   12.540  7.660   1.00 64.50  ? 939  PRO A CG  1 
ATOM   38   C  CD  . PRO A 1 15  ? 8.148   11.824  7.073   1.00 58.67  ? 939  PRO A CD  1 
ATOM   39   N  N   . SER A 1 54  ? -1.712  10.569  -21.545 1.00 73.82  ? 978  SER A N   1 
ATOM   40   C  CA  . SER A 1 54  ? -2.313  9.917   -20.393 1.00 77.28  ? 978  SER A CA  1 
ATOM   41   C  C   . SER A 1 54  ? -1.254  9.053   -19.664 1.00 71.47  ? 978  SER A C   1 
ATOM   42   O  O   . SER A 1 54  ? -0.046  9.301   -19.761 1.00 63.71  ? 978  SER A O   1 
ATOM   43   C  CB  . SER A 1 54  ? -3.629  9.160   -20.775 1.00 76.06  ? 978  SER A CB  1 
ATOM   44   O  OG  . SER A 1 54  ? -3.414  7.884   -21.381 1.00 80.41  ? 978  SER A OG  1 
ATOM   45   N  N   . ASP A 1 55  ? -1.730  8.076   -18.906 1.00 66.11  ? 979  ASP A N   1 
ATOM   46   C  CA  . ASP A 1 55  ? -0.905  7.328   -17.976 1.00 60.61  ? 979  ASP A CA  1 
ATOM   47   C  C   . ASP A 1 55  ? -1.327  5.877   -18.024 1.00 53.90  ? 979  ASP A C   1 
ATOM   48   O  O   . ASP A 1 55  ? -1.178  5.153   -17.051 1.00 56.13  ? 979  ASP A O   1 
ATOM   49   C  CB  . ASP A 1 55  ? -1.101  7.906   -16.572 1.00 57.83  ? 979  ASP A CB  1 
ATOM   50   C  CG  . ASP A 1 55  ? -2.612  8.085   -16.188 1.00 67.51  ? 979  ASP A CG  1 
ATOM   51   O  OD1 . ASP A 1 55  ? -3.541  7.534   -16.891 1.00 52.56  ? 979  ASP A OD1 1 
ATOM   52   O  OD2 . ASP A 1 55  ? -2.858  8.811   -15.177 1.00 61.30  ? 979  ASP A OD2 1 
ATOM   53   N  N   . ASP A 1 56  ? -1.809  5.421   -19.170 1.00 45.15  ? 980  ASP A N   1 
ATOM   54   C  CA  . ASP A 1 56  ? -2.372  4.087   -19.208 1.00 46.22  ? 980  ASP A CA  1 
ATOM   55   C  C   . ASP A 1 56  ? -1.334  2.974   -19.281 1.00 45.08  ? 980  ASP A C   1 
ATOM   56   O  O   . ASP A 1 56  ? -1.665  1.762   -19.251 1.00 44.36  ? 980  ASP A O   1 
ATOM   57   C  CB  . ASP A 1 56  ? -3.475  4.005   -20.277 1.00 50.55  ? 980  ASP A CB  1 
ATOM   58   C  CG  . ASP A 1 56  ? -2.939  4.065   -21.725 1.00 60.46  ? 980  ASP A CG  1 
ATOM   59   O  OD1 . ASP A 1 56  ? -1.747  4.397   -21.988 1.00 47.56  ? 980  ASP A OD1 1 
ATOM   60   O  OD2 . ASP A 1 56  ? -3.757  3.749   -22.615 1.00 56.81  ? 980  ASP A OD2 1 
ATOM   61   N  N   . GLU A 1 57  ? -0.062  3.356   -19.356 1.00 42.03  ? 981  GLU A N   1 
ATOM   62   C  CA  . GLU A 1 57  ? 1.028   2.406   -19.187 1.00 46.64  ? 981  GLU A CA  1 
ATOM   63   C  C   . GLU A 1 57  ? 1.877   2.777   -17.968 1.00 42.19  ? 981  GLU A C   1 
ATOM   64   O  O   . GLU A 1 57  ? 2.971   2.243   -17.804 1.00 43.28  ? 981  GLU A O   1 
ATOM   65   C  CB  . GLU A 1 57  ? 1.938   2.350   -20.447 1.00 53.81  ? 981  GLU A CB  1 
ATOM   66   C  CG  . GLU A 1 57  ? 1.299   1.808   -21.710 1.00 59.15  ? 981  GLU A CG  1 
ATOM   67   C  CD  . GLU A 1 57  ? 0.822   0.371   -21.561 1.00 68.60  ? 981  GLU A CD  1 
ATOM   68   O  OE1 . GLU A 1 57  ? 1.646   -0.520  -21.230 1.00 83.05  ? 981  GLU A OE1 1 
ATOM   69   O  OE2 . GLU A 1 57  ? -0.390  0.130   -21.775 1.00 78.61  ? 981  GLU A OE2 1 
ATOM   70   N  N   . PHE A 1 58  ? 1.410   3.707   -17.140 1.00 42.25  ? 982  PHE A N   1 
ATOM   71   C  CA  . PHE A 1 58  ? 2.236   4.218   -16.097 1.00 45.70  ? 982  PHE A CA  1 
ATOM   72   C  C   . PHE A 1 58  ? 2.675   3.116   -15.085 1.00 44.91  ? 982  PHE A C   1 
ATOM   73   O  O   . PHE A 1 58  ? 3.804   3.152   -14.649 1.00 38.74  ? 982  PHE A O   1 
ATOM   74   C  CB  . PHE A 1 58  ? 1.547   5.358   -15.358 1.00 44.67  ? 982  PHE A CB  1 
ATOM   75   C  CG  . PHE A 1 58  ? 2.301   5.816   -14.143 1.00 45.00  ? 982  PHE A CG  1 
ATOM   76   C  CD1 . PHE A 1 58  ? 3.568   6.364   -14.259 1.00 39.36  ? 982  PHE A CD1 1 
ATOM   77   C  CD2 . PHE A 1 58  ? 1.745   5.698   -12.861 1.00 49.39  ? 982  PHE A CD2 1 
ATOM   78   C  CE1 . PHE A 1 58  ? 4.280   6.787   -13.120 1.00 41.65  ? 982  PHE A CE1 1 
ATOM   79   C  CE2 . PHE A 1 58  ? 2.443   6.143   -11.742 1.00 49.69  ? 982  PHE A CE2 1 
ATOM   80   C  CZ  . PHE A 1 58  ? 3.718   6.667   -11.858 1.00 40.55  ? 982  PHE A CZ  1 
ATOM   81   N  N   . LEU A 1 59  ? 1.774   2.172   -14.774 1.00 37.69  ? 983  LEU A N   1 
ATOM   82   C  CA  . LEU A 1 59  ? 2.023   1.088   -13.863 1.00 41.07  ? 983  LEU A CA  1 
ATOM   83   C  C   . LEU A 1 59  ? 2.010   -0.250  -14.497 1.00 40.32  ? 983  LEU A C   1 
ATOM   84   O  O   . LEU A 1 59  ? 1.910   -1.263  -13.793 1.00 37.70  ? 983  LEU A O   1 
ATOM   85   C  CB  . LEU A 1 59  ? 0.985   1.074   -12.718 1.00 45.71  ? 983  LEU A CB  1 
ATOM   86   C  CG  . LEU A 1 59  ? 0.895   2.288   -11.818 1.00 47.55  ? 983  LEU A CG  1 
ATOM   87   C  CD1 . LEU A 1 59  ? -0.322  2.201   -10.897 1.00 51.71  ? 983  LEU A CD1 1 
ATOM   88   C  CD2 . LEU A 1 59  ? 2.186   2.479   -11.038 1.00 51.73  ? 983  LEU A CD2 1 
ATOM   89   N  N   . ARG A 1 60  ? 2.149   -0.307  -15.819 1.00 39.90  ? 984  ARG A N   1 
ATOM   90   C  CA  . ARG A 1 60  ? 2.356   -1.580  -16.453 1.00 39.06  ? 984  ARG A CA  1 
ATOM   91   C  C   . ARG A 1 60  ? 3.616   -2.224  -15.889 1.00 42.89  ? 984  ARG A C   1 
ATOM   92   O  O   . ARG A 1 60  ? 4.691   -1.569  -15.708 1.00 46.49  ? 984  ARG A O   1 
ATOM   93   C  CB  . ARG A 1 60  ? 2.408   -1.397  -18.017 1.00 49.49  ? 984  ARG A CB  1 
ATOM   94   C  CG  . ARG A 1 60  ? 2.598   -2.646  -18.859 1.00 57.38  ? 984  ARG A CG  1 
ATOM   95   C  CD  . ARG A 1 60  ? 1.398   -3.557  -18.955 1.00 61.05  ? 984  ARG A CD  1 
ATOM   96   N  NE  . ARG A 1 60  ? 0.272   -2.888  -19.590 1.00 67.84  ? 984  ARG A NE  1 
ATOM   97   C  CZ  . ARG A 1 60  ? -1.023  -3.187  -19.382 1.00 73.15  ? 984  ARG A CZ  1 
ATOM   98   N  NH1 . ARG A 1 60  ? -1.403  -4.173  -18.536 1.00 64.24  ? 984  ARG A NH1 1 
ATOM   99   N  NH2 . ARG A 1 60  ? -1.961  -2.471  -20.018 1.00 70.79  ? 984  ARG A NH2 1 
ATOM   100  N  N   . GLY A 1 61  ? 3.476   -3.530  -15.657 1.00 35.54  ? 985  GLY A N   1 
ATOM   101  C  CA  . GLY A 1 61  ? 4.495   -4.367  -15.075 1.00 45.34  ? 985  GLY A CA  1 
ATOM   102  C  C   . GLY A 1 61  ? 4.253   -4.539  -13.560 1.00 52.01  ? 985  GLY A C   1 
ATOM   103  O  O   . GLY A 1 61  ? 4.943   -5.365  -12.925 1.00 57.36  ? 985  GLY A O   1 
ATOM   104  N  N   . LYS A 1 62  ? 3.325   -3.745  -12.988 1.00 47.57  ? 986  LYS A N   1 
ATOM   105  C  CA  . LYS A 1 62  ? 3.217   -3.637  -11.521 1.00 43.98  ? 986  LYS A CA  1 
ATOM   106  C  C   . LYS A 1 62  ? 2.043   -4.399  -10.962 1.00 40.71  ? 986  LYS A C   1 
ATOM   107  O  O   . LYS A 1 62  ? 0.958   -4.457  -11.579 1.00 40.25  ? 986  LYS A O   1 
ATOM   108  C  CB  . LYS A 1 62  ? 3.124   -2.197  -11.057 1.00 41.66  ? 986  LYS A CB  1 
ATOM   109  C  CG  . LYS A 1 62  ? 4.313   -1.339  -11.428 1.00 46.71  ? 986  LYS A CG  1 
ATOM   110  C  CD  . LYS A 1 62  ? 5.600   -1.955  -10.935 1.00 42.05  ? 986  LYS A CD  1 
ATOM   111  C  CE  . LYS A 1 62  ? 6.701   -0.961  -10.938 1.00 45.74  ? 986  LYS A CE  1 
ATOM   112  N  NZ  . LYS A 1 62  ? 8.029   -1.635  -10.987 1.00 42.24  ? 986  LYS A NZ  1 
ATOM   113  N  N   . ARG A 1 63  ? 2.242   -4.903  -9.739  1.00 36.73  ? 987  ARG A N   1 
ATOM   114  C  CA  . ARG A 1 63  ? 1.242   -5.686  -9.017  1.00 38.19  ? 987  ARG A CA  1 
ATOM   115  C  C   . ARG A 1 63  ? 0.936   -4.895  -7.691  1.00 33.58  ? 987  ARG A C   1 
ATOM   116  O  O   . ARG A 1 63  ? 1.860   -4.464  -7.006  1.00 34.64  ? 987  ARG A O   1 
ATOM   117  C  CB  . ARG A 1 63  ? 1.788   -7.094  -8.792  1.00 43.43  ? 987  ARG A CB  1 
ATOM   118  C  CG  . ARG A 1 63  ? 0.796   -8.032  -8.153  1.00 56.96  ? 987  ARG A CG  1 
ATOM   119  C  CD  . ARG A 1 63  ? 1.219   -9.542  -8.184  1.00 61.57  ? 987  ARG A CD  1 
ATOM   120  N  NE  . ARG A 1 63  ? 0.150   -10.359 -7.544  1.00 69.25  ? 987  ARG A NE  1 
ATOM   121  C  CZ  . ARG A 1 63  ? 0.183   -10.967 -6.336  1.00 73.55  ? 987  ARG A CZ  1 
ATOM   122  N  NH1 . ARG A 1 63  ? 1.278   -10.969 -5.570  1.00 71.76  ? 987  ARG A NH1 1 
ATOM   123  N  NH2 . ARG A 1 63  ? -0.903  -11.627 -5.887  1.00 69.26  ? 987  ARG A NH2 1 
ATOM   124  N  N   . VAL A 1 64  ? -0.336  -4.638  -7.399  1.00 30.86  ? 988  VAL A N   1 
ATOM   125  C  CA  . VAL A 1 64  ? -0.695  -3.708  -6.302  1.00 31.33  ? 988  VAL A CA  1 
ATOM   126  C  C   . VAL A 1 64  ? -1.745  -4.317  -5.422  1.00 30.09  ? 988  VAL A C   1 
ATOM   127  O  O   . VAL A 1 64  ? -2.620  -4.986  -5.945  1.00 31.90  ? 988  VAL A O   1 
ATOM   128  C  CB  . VAL A 1 64  ? -1.157  -2.369  -6.889  1.00 31.10  ? 988  VAL A CB  1 
ATOM   129  C  CG1 . VAL A 1 64  ? -1.858  -1.522  -5.873  1.00 37.88  ? 988  VAL A CG1 1 
ATOM   130  C  CG2 . VAL A 1 64  ? -0.013  -1.596  -7.586  1.00 32.12  ? 988  VAL A CG2 1 
ATOM   131  N  N   . LEU A 1 65  ? -1.735  -3.980  -4.121  1.00 29.34  ? 989  LEU A N   1 
ATOM   132  C  CA  . LEU A 1 65  ? -2.739  -4.423  -3.181  1.00 28.99  ? 989  LEU A CA  1 
ATOM   133  C  C   . LEU A 1 65  ? -3.427  -3.145  -2.696  1.00 31.10  ? 989  LEU A C   1 
ATOM   134  O  O   . LEU A 1 65  ? -2.751  -2.164  -2.328  1.00 26.71  ? 989  LEU A O   1 
ATOM   135  C  CB  . LEU A 1 65  ? -2.097  -5.149  -1.986  1.00 30.71  ? 989  LEU A CB  1 
ATOM   136  C  CG  . LEU A 1 65  ? -3.054  -5.486  -0.792  1.00 29.47  ? 989  LEU A CG  1 
ATOM   137  C  CD1 . LEU A 1 65  ? -4.079  -6.577  -1.123  1.00 31.17  ? 989  LEU A CD1 1 
ATOM   138  C  CD2 . LEU A 1 65  ? -2.256  -5.984  0.380   1.00 32.26  ? 989  LEU A CD2 1 
ATOM   139  N  N   . VAL A 1 66  ? -4.751  -3.165  -2.772  1.00 28.56  ? 990  VAL A N   1 
ATOM   140  C  CA  . VAL A 1 66  ? -5.640  -2.147  -2.267  1.00 31.87  ? 990  VAL A CA  1 
ATOM   141  C  C   . VAL A 1 66  ? -6.299  -2.672  -0.992  1.00 30.31  ? 990  VAL A C   1 
ATOM   142  O  O   . VAL A 1 66  ? -6.988  -3.708  -0.997  1.00 35.40  ? 990  VAL A O   1 
ATOM   143  C  CB  . VAL A 1 66  ? -6.697  -1.742  -3.329  1.00 31.23  ? 990  VAL A CB  1 
ATOM   144  C  CG1 . VAL A 1 66  ? -7.770  -0.838  -2.770  1.00 35.90  ? 990  VAL A CG1 1 
ATOM   145  C  CG2 . VAL A 1 66  ? -6.037  -1.016  -4.440  1.00 32.70  ? 990  VAL A CG2 1 
ATOM   146  N  N   . VAL A 1 67  ? -6.107  -1.953  0.099   1.00 30.28  ? 991  VAL A N   1 
ATOM   147  C  CA  . VAL A 1 67  ? -6.727  -2.290  1.367   1.00 30.60  ? 991  VAL A CA  1 
ATOM   148  C  C   . VAL A 1 67  ? -7.671  -1.167  1.860   1.00 34.57  ? 991  VAL A C   1 
ATOM   149  O  O   . VAL A 1 67  ? -7.217  -0.043  2.201   1.00 30.38  ? 991  VAL A O   1 
ATOM   150  C  CB  . VAL A 1 67  ? -5.673  -2.482  2.480   1.00 28.81  ? 991  VAL A CB  1 
ATOM   151  C  CG1 . VAL A 1 67  ? -6.304  -3.069  3.701   1.00 30.45  ? 991  VAL A CG1 1 
ATOM   152  C  CG2 . VAL A 1 67  ? -4.452  -3.332  1.994   1.00 27.76  ? 991  VAL A CG2 1 
ATOM   153  N  N   . ASP A 1 68  ? -8.950  -1.503  2.014   1.00 33.28  ? 992  ASP A N   1 
ATOM   154  C  CA  . ASP A 1 68  ? -9.908  -0.483  2.454   1.00 37.00  ? 992  ASP A CA  1 
ATOM   155  C  C   . ASP A 1 68  ? -11.140 -1.171  2.956   1.00 34.27  ? 992  ASP A C   1 
ATOM   156  O  O   . ASP A 1 68  ? -11.665 -2.032  2.286   1.00 35.66  ? 992  ASP A O   1 
ATOM   157  C  CB  . ASP A 1 68  ? -10.221 0.500   1.299   1.00 37.53  ? 992  ASP A CB  1 
ATOM   158  C  CG  . ASP A 1 68  ? -10.820 1.825   1.829   1.00 45.14  ? 992  ASP A CG  1 
ATOM   159  O  OD1 . ASP A 1 68  ? -11.841 1.785   2.562   1.00 41.23  ? 992  ASP A OD1 1 
ATOM   160  O  OD2 . ASP A 1 68  ? -10.219 2.883   1.564   1.00 43.67  ? 992  ASP A OD2 1 
ATOM   161  N  N   . ASP A 1 69  ? -11.587 -0.801  4.153   1.00 34.42  ? 993  ASP A N   1 
ATOM   162  C  CA  . ASP A 1 69  ? -12.830 -1.365  4.729   1.00 39.31  ? 993  ASP A CA  1 
ATOM   163  C  C   . ASP A 1 69  ? -14.152 -0.944  3.987   1.00 43.38  ? 993  ASP A C   1 
ATOM   164  O  O   . ASP A 1 69  ? -15.169 -1.581  4.176   1.00 41.80  ? 993  ASP A O   1 
ATOM   165  C  CB  . ASP A 1 69  ? -12.946 -1.103  6.241   1.00 44.11  ? 993  ASP A CB  1 
ATOM   166  C  CG  . ASP A 1 69  ? -13.075 0.373   6.568   1.00 49.72  ? 993  ASP A CG  1 
ATOM   167  O  OD1 . ASP A 1 69  ? -12.279 1.136   6.021   1.00 41.36  ? 993  ASP A OD1 1 
ATOM   168  O  OD2 . ASP A 1 69  ? -13.936 0.769   7.357   1.00 59.34  ? 993  ASP A OD2 1 
ATOM   169  N  N   . ASN A 1 70  ? -14.112 0.061   3.113   1.00 43.45  ? 994  ASN A N   1 
ATOM   170  C  CA  . ASN A 1 70  ? -15.295 0.558   2.386   1.00 38.65  ? 994  ASN A CA  1 
ATOM   171  C  C   . ASN A 1 70  ? -15.339 -0.011  0.977   1.00 39.94  ? 994  ASN A C   1 
ATOM   172  O  O   . ASN A 1 70  ? -14.439 0.245   0.168   1.00 37.30  ? 994  ASN A O   1 
ATOM   173  C  CB  . ASN A 1 70  ? -15.160 2.065   2.301   1.00 40.52  ? 994  ASN A CB  1 
ATOM   174  C  CG  . ASN A 1 70  ? -16.377 2.743   1.667   1.00 46.06  ? 994  ASN A CG  1 
ATOM   175  O  OD1 . ASN A 1 70  ? -16.577 2.759   0.443   1.00 42.72  ? 994  ASN A OD1 1 
ATOM   176  N  ND2 . ASN A 1 70  ? -17.161 3.369   2.519   1.00 46.66  ? 994  ASN A ND2 1 
ATOM   177  N  N   . PHE A 1 71  ? -16.405 -0.744  0.658   1.00 35.77  ? 995  PHE A N   1 
ATOM   178  C  CA  . PHE A 1 71  ? -16.589 -1.337  -0.593  1.00 38.97  ? 995  PHE A CA  1 
ATOM   179  C  C   . PHE A 1 71  ? -16.366 -0.357  -1.774  1.00 40.62  ? 995  PHE A C   1 
ATOM   180  O  O   . PHE A 1 71  ? -15.720 -0.708  -2.796  1.00 41.40  ? 995  PHE A O   1 
ATOM   181  C  CB  . PHE A 1 71  ? -18.009 -1.948  -0.676  1.00 52.38  ? 995  PHE A CB  1 
ATOM   182  C  CG  . PHE A 1 71  ? -18.231 -2.691  -1.944  1.00 59.56  ? 995  PHE A CG  1 
ATOM   183  C  CD1 . PHE A 1 71  ? -17.736 -3.996  -2.085  1.00 73.72  ? 995  PHE A CD1 1 
ATOM   184  C  CD2 . PHE A 1 71  ? -18.850 -2.089  -3.041  1.00 66.70  ? 995  PHE A CD2 1 
ATOM   185  C  CE1 . PHE A 1 71  ? -17.869 -4.692  -3.292  1.00 78.13  ? 995  PHE A CE1 1 
ATOM   186  C  CE2 . PHE A 1 71  ? -18.972 -2.779  -4.253  1.00 70.23  ? 995  PHE A CE2 1 
ATOM   187  C  CZ  . PHE A 1 71  ? -18.485 -4.080  -4.377  1.00 73.53  ? 995  PHE A CZ  1 
ATOM   188  N  N   . ILE A 1 72  ? -16.890 0.869   -1.652  1.00 40.44  ? 996  ILE A N   1 
ATOM   189  C  CA  . ILE A 1 72  ? -16.888 1.817   -2.773  1.00 41.31  ? 996  ILE A CA  1 
ATOM   190  C  C   . ILE A 1 72  ? -15.514 2.407   -3.003  1.00 36.10  ? 996  ILE A C   1 
ATOM   191  O  O   . ILE A 1 72  ? -15.053 2.441   -4.141  1.00 36.45  ? 996  ILE A O   1 
ATOM   192  C  CB  . ILE A 1 72  ? -17.950 2.931   -2.549  1.00 44.09  ? 996  ILE A CB  1 
ATOM   193  C  CG1 . ILE A 1 72  ? -19.364 2.310   -2.448  1.00 44.62  ? 996  ILE A CG1 1 
ATOM   194  C  CG2 . ILE A 1 72  ? -17.892 4.012   -3.614  1.00 44.11  ? 996  ILE A CG2 1 
ATOM   195  C  CD1 . ILE A 1 72  ? -19.928 1.928   -3.799  1.00 50.90  ? 996  ILE A CD1 1 
ATOM   196  N  N   . SER A 1 73  ? -14.873 2.855   -1.932  1.00 39.33  ? 997  SER A N   1 
ATOM   197  C  CA  . SER A 1 73  ? -13.448 3.266   -1.955  1.00 43.72  ? 997  SER A CA  1 
ATOM   198  C  C   . SER A 1 73  ? -12.521 2.234   -2.620  1.00 38.92  ? 997  SER A C   1 
ATOM   199  O  O   . SER A 1 73  ? -11.675 2.550   -3.440  1.00 42.80  ? 997  SER A O   1 
ATOM   200  C  CB  . SER A 1 73  ? -12.936 3.419   -0.551  1.00 45.97  ? 997  SER A CB  1 
ATOM   201  O  OG  . SER A 1 73  ? -13.635 4.343   0.185   1.00 52.46  ? 997  SER A OG  1 
ATOM   202  N  N   . ARG A 1 74  ? -12.681 1.002   -2.203  1.00 38.64  ? 998  ARG A N   1 
ATOM   203  C  CA  . ARG A 1 74  ? -11.910 -0.111  -2.764  1.00 39.77  ? 998  ARG A CA  1 
ATOM   204  C  C   . ARG A 1 74  ? -12.084 -0.200  -4.283  1.00 42.45  ? 998  ARG A C   1 
ATOM   205  O  O   . ARG A 1 74  ? -11.101 -0.295  -5.035  1.00 37.71  ? 998  ARG A O   1 
ATOM   206  C  CB  . ARG A 1 74  ? -12.356 -1.367  -2.050  1.00 41.67  ? 998  ARG A CB  1 
ATOM   207  C  CG  . ARG A 1 74  ? -11.442 -2.563  -2.030  1.00 47.02  ? 998  ARG A CG  1 
ATOM   208  C  CD  . ARG A 1 74  ? -11.724 -3.450  -0.817  1.00 46.18  ? 998  ARG A CD  1 
ATOM   209  N  NE  . ARG A 1 74  ? -13.025 -4.155  -0.817  1.00 45.13  ? 998  ARG A NE  1 
ATOM   210  C  CZ  . ARG A 1 74  ? -13.982 -4.045  0.110   1.00 45.47  ? 998  ARG A CZ  1 
ATOM   211  N  NH1 . ARG A 1 74  ? -15.056 -4.772  -0.042  1.00 51.87  ? 998  ARG A NH1 1 
ATOM   212  N  NH2 . ARG A 1 74  ? -13.915 -3.232  1.196   1.00 46.04  ? 998  ARG A NH2 1 
ATOM   213  N  N   . LYS A 1 75  ? -13.329 -0.144  -4.755  1.00 42.73  ? 999  LYS A N   1 
ATOM   214  C  CA  . LYS A 1 75  ? -13.586 -0.293  -6.194  1.00 46.32  ? 999  LYS A CA  1 
ATOM   215  C  C   . LYS A 1 75  ? -13.036 0.881   -6.975  1.00 37.15  ? 999  LYS A C   1 
ATOM   216  O  O   . LYS A 1 75  ? -12.537 0.742   -8.078  1.00 39.63  ? 999  LYS A O   1 
ATOM   217  C  CB  . LYS A 1 75  ? -15.087 -0.539  -6.507  1.00 52.10  ? 999  LYS A CB  1 
ATOM   218  C  CG  . LYS A 1 75  ? -15.645 -1.906  -6.053  1.00 61.46  ? 999  LYS A CG  1 
ATOM   219  C  CD  . LYS A 1 75  ? -15.025 -3.139  -6.744  1.00 71.55  ? 999  LYS A CD  1 
ATOM   220  C  CE  . LYS A 1 75  ? -15.228 -3.146  -8.274  1.00 82.61  ? 999  LYS A CE  1 
ATOM   221  N  NZ  . LYS A 1 75  ? -14.817 -4.387  -9.019  1.00 81.41  ? 999  LYS A NZ  1 
ATOM   222  N  N   . VAL A 1 76  ? -13.161 2.038   -6.392  1.00 37.67  ? 1000 VAL A N   1 
ATOM   223  C  CA  . VAL A 1 76  ? -12.636 3.258   -6.984  1.00 46.62  ? 1000 VAL A CA  1 
ATOM   224  C  C   . VAL A 1 76  ? -11.127 3.237   -7.140  1.00 45.24  ? 1000 VAL A C   1 
ATOM   225  O  O   . VAL A 1 76  ? -10.606 3.591   -8.223  1.00 40.99  ? 1000 VAL A O   1 
ATOM   226  C  CB  . VAL A 1 76  ? -12.992 4.461   -6.123  1.00 47.04  ? 1000 VAL A CB  1 
ATOM   227  C  CG1 . VAL A 1 76  ? -12.230 5.705   -6.585  1.00 52.64  ? 1000 VAL A CG1 1 
ATOM   228  C  CG2 . VAL A 1 76  ? -14.502 4.673   -6.180  1.00 48.45  ? 1000 VAL A CG2 1 
ATOM   229  N  N   . ALA A 1 77  ? -10.441 2.821   -6.077  1.00 38.84  ? 1001 ALA A N   1 
ATOM   230  C  CA  . ALA A 1 77  ? -8.988  2.651   -6.174  1.00 35.37  ? 1001 ALA A CA  1 
ATOM   231  C  C   . ALA A 1 77  ? -8.639  1.668   -7.255  1.00 35.75  ? 1001 ALA A C   1 
ATOM   232  O  O   . ALA A 1 77  ? -7.779  1.978   -8.067  1.00 40.18  ? 1001 ALA A O   1 
ATOM   233  C  CB  . ALA A 1 77  ? -8.406  2.193   -4.852  1.00 37.41  ? 1001 ALA A CB  1 
ATOM   234  N  N   . THR A 1 78  ? -9.290  0.500   -7.301  1.00 37.01  ? 1002 THR A N   1 
ATOM   235  C  CA  . THR A 1 78  ? -8.810  -0.539  -8.212  1.00 42.46  ? 1002 THR A CA  1 
ATOM   236  C  C   . THR A 1 78  ? -9.069  -0.067  -9.653  1.00 42.14  ? 1002 THR A C   1 
ATOM   237  O  O   . THR A 1 78  ? -8.357  -0.459  -10.584 1.00 41.09  ? 1002 THR A O   1 
ATOM   238  C  CB  . THR A 1 78  ? -9.323  -1.976  -7.924  1.00 45.03  ? 1002 THR A CB  1 
ATOM   239  O  OG1 . THR A 1 78  ? -10.622 -2.151  -8.421  1.00 49.59  ? 1002 THR A OG1 1 
ATOM   240  C  CG2 . THR A 1 78  ? -9.358  -2.372  -6.406  1.00 41.52  ? 1002 THR A CG2 1 
ATOM   241  N  N   . GLY A 1 79  ? -10.083 0.769   -9.794  1.00 46.42  ? 1003 GLY A N   1 
ATOM   242  C  CA  . GLY A 1 79  ? -10.474 1.345   -11.081 1.00 47.63  ? 1003 GLY A CA  1 
ATOM   243  C  C   . GLY A 1 79  ? -9.390  2.267   -11.584 1.00 46.55  ? 1003 GLY A C   1 
ATOM   244  O  O   . GLY A 1 79  ? -8.887  2.064   -12.670 1.00 44.19  ? 1003 GLY A O   1 
ATOM   245  N  N   . LYS A 1 80  ? -9.032  3.256   -10.777 1.00 44.45  ? 1004 LYS A N   1 
ATOM   246  C  CA  . LYS A 1 80  ? -7.899  4.139   -11.095 1.00 47.70  ? 1004 LYS A CA  1 
ATOM   247  C  C   . LYS A 1 80  ? -6.629  3.356   -11.523 1.00 53.01  ? 1004 LYS A C   1 
ATOM   248  O  O   . LYS A 1 80  ? -5.993  3.627   -12.572 1.00 48.17  ? 1004 LYS A O   1 
ATOM   249  C  CB  . LYS A 1 80  ? -7.616  5.041   -9.926  1.00 50.34  ? 1004 LYS A CB  1 
ATOM   250  C  CG  . LYS A 1 80  ? -6.881  6.267   -10.382 1.00 61.58  ? 1004 LYS A CG  1 
ATOM   251  C  CD  . LYS A 1 80  ? -5.823  6.679   -9.402  1.00 69.20  ? 1004 LYS A CD  1 
ATOM   252  C  CE  . LYS A 1 80  ? -4.931  7.751   -10.007 1.00 73.85  ? 1004 LYS A CE  1 
ATOM   253  N  NZ  . LYS A 1 80  ? -5.679  8.996   -10.303 1.00 73.55  ? 1004 LYS A NZ  1 
ATOM   254  N  N   . LEU A 1 81  ? -6.333  2.295   -10.781 1.00 38.94  ? 1005 LEU A N   1 
ATOM   255  C  CA  . LEU A 1 81  ? -5.108  1.616   -11.004 1.00 39.89  ? 1005 LEU A CA  1 
ATOM   256  C  C   . LEU A 1 81  ? -5.147  0.831   -12.285 1.00 45.22  ? 1005 LEU A C   1 
ATOM   257  O  O   . LEU A 1 81  ? -4.147  0.814   -13.023 1.00 45.86  ? 1005 LEU A O   1 
ATOM   258  C  CB  . LEU A 1 81  ? -4.823  0.683   -9.823  1.00 39.62  ? 1005 LEU A CB  1 
ATOM   259  C  CG  . LEU A 1 81  ? -4.473  1.350   -8.508  1.00 36.25  ? 1005 LEU A CG  1 
ATOM   260  C  CD1 . LEU A 1 81  ? -4.631  0.297   -7.419  1.00 37.65  ? 1005 LEU A CD1 1 
ATOM   261  C  CD2 . LEU A 1 81  ? -3.029  1.869   -8.518  1.00 38.93  ? 1005 LEU A CD2 1 
ATOM   262  N  N   . LYS A 1 82  ? -6.262  0.135   -12.530 1.00 48.02  ? 1006 LYS A N   1 
ATOM   263  C  CA  . LYS A 1 82  ? -6.448  -0.591  -13.787 1.00 50.44  ? 1006 LYS A CA  1 
ATOM   264  C  C   . LYS A 1 82  ? -6.331  0.358   -14.988 1.00 53.57  ? 1006 LYS A C   1 
ATOM   265  O  O   . LYS A 1 82  ? -5.774  -0.029  -16.013 1.00 49.10  ? 1006 LYS A O   1 
ATOM   266  C  CB  . LYS A 1 82  ? -7.759  -1.321  -13.829 1.00 52.25  ? 1006 LYS A CB  1 
ATOM   267  C  CG  . LYS A 1 82  ? -7.765  -2.633  -13.067 1.00 60.82  ? 1006 LYS A CG  1 
ATOM   268  C  CD  . LYS A 1 82  ? -9.214  -2.999  -12.715 1.00 68.23  ? 1006 LYS A CD  1 
ATOM   269  C  CE  . LYS A 1 82  ? -9.368  -4.343  -12.005 1.00 79.69  ? 1006 LYS A CE  1 
ATOM   270  N  NZ  . LYS A 1 82  ? -9.895  -5.436  -12.877 1.00 87.18  ? 1006 LYS A NZ  1 
ATOM   271  N  N   . LYS A 1 83  ? -6.801  1.588   -14.814 1.00 46.31  ? 1007 LYS A N   1 
ATOM   272  C  CA  . LYS A 1 83  ? -6.633  2.658   -15.807 1.00 61.16  ? 1007 LYS A CA  1 
ATOM   273  C  C   . LYS A 1 83  ? -5.187  3.078   -16.097 1.00 57.73  ? 1007 LYS A C   1 
ATOM   274  O  O   . LYS A 1 83  ? -4.918  3.712   -17.133 1.00 55.41  ? 1007 LYS A O   1 
ATOM   275  C  CB  . LYS A 1 83  ? -7.419  3.913   -15.382 1.00 60.83  ? 1007 LYS A CB  1 
ATOM   276  C  CG  . LYS A 1 83  ? -8.907  3.763   -15.605 1.00 74.89  ? 1007 LYS A CG  1 
ATOM   277  C  CD  . LYS A 1 83  ? -9.639  5.052   -15.316 1.00 82.25  ? 1007 LYS A CD  1 
ATOM   278  C  CE  . LYS A 1 83  ? -11.133 4.816   -15.367 1.00 90.32  ? 1007 LYS A CE  1 
ATOM   279  N  NZ  . LYS A 1 83  ? -11.860 5.919   -14.685 1.00 96.75  ? 1007 LYS A NZ  1 
ATOM   280  N  N   . MET A 1 84  ? -4.276  2.778   -15.167 1.00 51.34  ? 1008 MET A N   1 
ATOM   281  C  CA  . MET A 1 84  ? -2.879  3.169   -15.288 1.00 42.72  ? 1008 MET A CA  1 
ATOM   282  C  C   . MET A 1 84  ? -2.073  2.002   -15.689 1.00 42.38  ? 1008 MET A C   1 
ATOM   283  O  O   . MET A 1 84  ? -0.854  2.066   -15.682 1.00 44.22  ? 1008 MET A O   1 
ATOM   284  C  CB  . MET A 1 84  ? -2.341  3.787   -14.046 1.00 48.08  ? 1008 MET A CB  1 
ATOM   285  C  CG  . MET A 1 84  ? -3.085  5.016   -13.634 1.00 47.73  ? 1008 MET A CG  1 
ATOM   286  S  SD  . MET A 1 84  ? -2.546  5.472   -11.977 1.00 61.01  ? 1008 MET A SD  1 
ATOM   287  C  CE  . MET A 1 84  ? -2.146  7.193   -12.219 1.00 61.78  ? 1008 MET A CE  1 
ATOM   288  N  N   . GLY A 1 85  ? -2.738  0.958   -16.139 1.00 39.54  ? 1009 GLY A N   1 
ATOM   289  C  CA  . GLY A 1 85  ? -2.050  -0.155  -16.744 1.00 45.12  ? 1009 GLY A CA  1 
ATOM   290  C  C   . GLY A 1 85  ? -1.491  -1.127  -15.760 1.00 42.38  ? 1009 GLY A C   1 
ATOM   291  O  O   . GLY A 1 85  ? -0.686  -1.996  -16.129 1.00 46.88  ? 1009 GLY A O   1 
ATOM   292  N  N   . VAL A 1 86  ? -2.003  -1.091  -14.522 1.00 48.10  ? 1010 VAL A N   1 
ATOM   293  C  CA  . VAL A 1 86  ? -1.521  -2.023  -13.499 1.00 43.29  ? 1010 VAL A CA  1 
ATOM   294  C  C   . VAL A 1 86  ? -1.680  -3.500  -13.989 1.00 50.27  ? 1010 VAL A C   1 
ATOM   295  O  O   . VAL A 1 86  ? -2.753  -3.917  -14.441 1.00 54.87  ? 1010 VAL A O   1 
ATOM   296  C  CB  . VAL A 1 86  ? -2.287  -1.743  -12.171 1.00 44.36  ? 1010 VAL A CB  1 
ATOM   297  C  CG1 . VAL A 1 86  ? -3.670  -2.396  -12.236 1.00 43.41  ? 1010 VAL A CG1 1 
ATOM   298  C  CG2 . VAL A 1 86  ? -1.537  -2.274  -10.996 1.00 46.84  ? 1010 VAL A CG2 1 
ATOM   299  N  N   . SER A 1 87  ? -0.627  -4.298  -13.940 1.00 49.11  ? 1011 SER A N   1 
ATOM   300  C  CA  . SER A 1 87  ? -0.717  -5.681  -14.423 1.00 55.97  ? 1011 SER A CA  1 
ATOM   301  C  C   . SER A 1 87  ? -1.639  -6.561  -13.542 1.00 64.93  ? 1011 SER A C   1 
ATOM   302  O  O   . SER A 1 87  ? -2.381  -7.386  -14.068 1.00 68.21  ? 1011 SER A O   1 
ATOM   303  C  CB  . SER A 1 87  ? 0.691   -6.315  -14.615 1.00 63.61  ? 1011 SER A CB  1 
ATOM   304  O  OG  . SER A 1 87  ? 1.491   -5.533  -15.522 1.00 61.23  ? 1011 SER A OG  1 
ATOM   305  N  N   . GLU A 1 88  ? -1.626  -6.360  -12.218 1.00 63.76  ? 1012 GLU A N   1 
ATOM   306  C  CA  . GLU A 1 88  ? -2.432  -7.149  -11.259 1.00 55.11  ? 1012 GLU A CA  1 
ATOM   307  C  C   . GLU A 1 88  ? -2.795  -6.250  -10.067 1.00 48.67  ? 1012 GLU A C   1 
ATOM   308  O  O   . GLU A 1 88  ? -1.889  -5.605  -9.492  1.00 39.13  ? 1012 GLU A O   1 
ATOM   309  C  CB  . GLU A 1 88  ? -1.625  -8.374  -10.784 1.00 61.30  ? 1012 GLU A CB  1 
ATOM   310  C  CG  . GLU A 1 88  ? -1.856  -9.700  -11.542 1.00 69.68  ? 1012 GLU A CG  1 
ATOM   311  C  CD  . GLU A 1 88  ? -0.571  -10.495 -11.893 1.00 67.79  ? 1012 GLU A CD  1 
ATOM   312  O  OE1 . GLU A 1 88  ? 0.608   -10.058 -11.624 1.00 64.81  ? 1012 GLU A OE1 1 
ATOM   313  O  OE2 . GLU A 1 88  ? -0.759  -11.576 -12.487 1.00 66.19  ? 1012 GLU A OE2 1 
ATOM   314  N  N   . VAL A 1 89  ? -4.093  -6.112  -9.788  1.00 43.34  ? 1013 VAL A N   1 
ATOM   315  C  CA  . VAL A 1 89  ? -4.606  -5.509  -8.559  1.00 48.93  ? 1013 VAL A CA  1 
ATOM   316  C  C   . VAL A 1 89  ? -5.324  -6.547  -7.708  1.00 49.40  ? 1013 VAL A C   1 
ATOM   317  O  O   . VAL A 1 89  ? -6.277  -7.206  -8.166  1.00 46.38  ? 1013 VAL A O   1 
ATOM   318  C  CB  . VAL A 1 89  ? -5.694  -4.418  -8.737  1.00 52.19  ? 1013 VAL A CB  1 
ATOM   319  C  CG1 . VAL A 1 89  ? -5.898  -3.682  -7.413  1.00 50.64  ? 1013 VAL A CG1 1 
ATOM   320  C  CG2 . VAL A 1 89  ? -5.340  -3.421  -9.794  1.00 56.16  ? 1013 VAL A CG2 1 
ATOM   321  N  N   . GLU A 1 90  ? -4.926  -6.613  -6.449  1.00 38.80  ? 1014 GLU A N   1 
ATOM   322  C  CA  . GLU A 1 90  ? -5.582  -7.423  -5.443  1.00 37.59  ? 1014 GLU A CA  1 
ATOM   323  C  C   . GLU A 1 90  ? -6.238  -6.452  -4.484  1.00 35.75  ? 1014 GLU A C   1 
ATOM   324  O  O   . GLU A 1 90  ? -5.726  -5.370  -4.268  1.00 36.98  ? 1014 GLU A O   1 
ATOM   325  C  CB  . GLU A 1 90  ? -4.510  -8.222  -4.745  1.00 44.05  ? 1014 GLU A CB  1 
ATOM   326  C  CG  . GLU A 1 90  ? -4.970  -9.213  -3.732  1.00 58.52  ? 1014 GLU A CG  1 
ATOM   327  C  CD  . GLU A 1 90  ? -5.369  -10.528 -4.334  1.00 69.24  ? 1014 GLU A CD  1 
ATOM   328  O  OE1 . GLU A 1 90  ? -4.987  -10.772 -5.510  1.00 75.81  ? 1014 GLU A OE1 1 
ATOM   329  O  OE2 . GLU A 1 90  ? -6.072  -11.288 -3.607  1.00 61.87  ? 1014 GLU A OE2 1 
ATOM   330  N  N   . GLN A 1 91  ? -7.384  -6.808  -3.945  1.00 35.39  ? 1015 GLN A N   1 
ATOM   331  C  CA  . GLN A 1 91  ? -8.051  -5.942  -3.021  1.00 38.64  ? 1015 GLN A CA  1 
ATOM   332  C  C   . GLN A 1 91  ? -8.500  -6.756  -1.786  1.00 34.98  ? 1015 GLN A C   1 
ATOM   333  O  O   . GLN A 1 91  ? -8.811  -7.906  -1.917  1.00 38.65  ? 1015 GLN A O   1 
ATOM   334  C  CB  . GLN A 1 91  ? -9.230  -5.277  -3.742  1.00 44.29  ? 1015 GLN A CB  1 
ATOM   335  C  CG  . GLN A 1 91  ? -10.328 -6.213  -4.146  1.00 53.77  ? 1015 GLN A CG  1 
ATOM   336  C  CD  . GLN A 1 91  ? -11.551 -5.433  -4.597  1.00 69.82  ? 1015 GLN A CD  1 
ATOM   337  O  OE1 . GLN A 1 91  ? -12.607 -5.458  -3.932  1.00 80.89  ? 1015 GLN A OE1 1 
ATOM   338  N  NE2 . GLN A 1 91  ? -11.419 -4.727  -5.715  1.00 67.13  ? 1015 GLN A NE2 1 
ATOM   339  N  N   . CYS A 1 92  ? -8.524  -6.132  -0.630  1.00 32.37  ? 1016 CYS A N   1 
ATOM   340  C  CA  . CYS A 1 92  ? -9.030  -6.732  0.559   1.00 32.95  ? 1016 CYS A CA  1 
ATOM   341  C  C   . CYS A 1 92  ? -9.630  -5.695  1.465   1.00 32.44  ? 1016 CYS A C   1 
ATOM   342  O  O   . CYS A 1 92  ? -9.453  -4.463  1.299   1.00 32.53  ? 1016 CYS A O   1 
ATOM   343  C  CB  . CYS A 1 92  ? -7.989  -7.574  1.255   1.00 38.44  ? 1016 CYS A CB  1 
ATOM   344  S  SG  . CYS A 1 92  ? -6.580  -6.603  1.844   1.00 38.13  ? 1016 CYS A SG  1 
ATOM   345  N  N   . ASP A 1 93  ? -10.351 -6.194  2.474   1.00 33.50  ? 1017 ASP A N   1 
ATOM   346  C  CA  . ASP A 1 93  ? -11.237 -5.333  3.181   1.00 36.09  ? 1017 ASP A CA  1 
ATOM   347  C  C   . ASP A 1 93  ? -10.874 -5.069  4.620   1.00 35.06  ? 1017 ASP A C   1 
ATOM   348  O  O   . ASP A 1 93  ? -11.618 -4.371  5.328   1.00 35.21  ? 1017 ASP A O   1 
ATOM   349  C  CB  . ASP A 1 93  ? -12.687 -5.819  2.998   1.00 46.40  ? 1017 ASP A CB  1 
ATOM   350  C  CG  . ASP A 1 93  ? -13.016 -7.041  3.837   1.00 50.33  ? 1017 ASP A CG  1 
ATOM   351  O  OD1 . ASP A 1 93  ? -12.129 -7.517  4.574   1.00 50.27  ? 1017 ASP A OD1 1 
ATOM   352  O  OD2 . ASP A 1 93  ? -14.160 -7.533  3.690   1.00 65.50  ? 1017 ASP A OD2 1 
ATOM   353  N  N   . SER A 1 94  ? -9.686  -5.505  5.023   1.00 33.20  ? 1018 SER A N   1 
ATOM   354  C  CA  . SER A 1 94  ? -9.215  -5.309  6.384   1.00 31.38  ? 1018 SER A CA  1 
ATOM   355  C  C   . SER A 1 94  ? -7.675  -5.416  6.495   1.00 33.02  ? 1018 SER A C   1 
ATOM   356  O  O   . SER A 1 94  ? -7.027  -6.017  5.631   1.00 31.39  ? 1018 SER A O   1 
ATOM   357  C  CB  . SER A 1 94  ? -9.862  -6.401  7.249   1.00 31.38  ? 1018 SER A CB  1 
ATOM   358  O  OG  . SER A 1 94  ? -9.224  -7.674  7.045   1.00 30.26  ? 1018 SER A OG  1 
ATOM   359  N  N   . GLY A 1 95  ? -7.145  -4.801  7.538   1.00 30.51  ? 1019 GLY A N   1 
ATOM   360  C  CA  . GLY A 1 95  ? -5.709  -4.876  7.950   1.00 36.49  ? 1019 GLY A CA  1 
ATOM   361  C  C   . GLY A 1 95  ? -5.246  -6.307  8.136   1.00 31.51  ? 1019 GLY A C   1 
ATOM   362  O  O   . GLY A 1 95  ? -4.180  -6.698  7.646   1.00 28.64  ? 1019 GLY A O   1 
ATOM   363  N  N   . LYS A 1 96  ? -6.059  -7.120  8.801   1.00 31.74  ? 1020 LYS A N   1 
ATOM   364  C  CA  . LYS A 1 96  ? -5.704  -8.543  8.987   1.00 32.19  ? 1020 LYS A CA  1 
ATOM   365  C  C   . LYS A 1 96  ? -5.609  -9.333  7.710   1.00 33.20  ? 1020 LYS A C   1 
ATOM   366  O  O   . LYS A 1 96  ? -4.731  -10.180 7.549   1.00 31.64  ? 1020 LYS A O   1 
ATOM   367  C  CB  . LYS A 1 96  ? -6.687  -9.224  9.962   1.00 36.92  ? 1020 LYS A CB  1 
ATOM   368  C  CG  . LYS A 1 96  ? -6.451  -8.658  11.364  1.00 43.11  ? 1020 LYS A CG  1 
ATOM   369  C  CD  . LYS A 1 96  ? -7.234  -9.256  12.517  1.00 44.84  ? 1020 LYS A CD  1 
ATOM   370  C  CE  . LYS A 1 96  ? -8.620  -8.716  12.632  1.00 47.51  ? 1020 LYS A CE  1 
ATOM   371  N  NZ  . LYS A 1 96  ? -9.191  -9.248  13.911  1.00 48.74  ? 1020 LYS A NZ  1 
ATOM   372  N  N   . GLU A 1 97  ? -6.551  -9.105  6.817   1.00 31.56  ? 1021 GLU A N   1 
ATOM   373  C  CA  . GLU A 1 97  ? -6.464  -9.709  5.502   1.00 35.08  ? 1021 GLU A CA  1 
ATOM   374  C  C   . GLU A 1 97  ? -5.196  -9.323  4.747   1.00 32.48  ? 1021 GLU A C   1 
ATOM   375  O  O   . GLU A 1 97  ? -4.525  -10.169 4.097   1.00 29.14  ? 1021 GLU A O   1 
ATOM   376  C  CB  . GLU A 1 97  ? -7.645  -9.282  4.650   1.00 41.26  ? 1021 GLU A CB  1 
ATOM   377  C  CG  . GLU A 1 97  ? -8.808  -10.223 4.671   1.00 53.08  ? 1021 GLU A CG  1 
ATOM   378  C  CD  . GLU A 1 97  ? -8.613  -11.325 3.628   1.00 65.31  ? 1021 GLU A CD  1 
ATOM   379  O  OE1 . GLU A 1 97  ? -8.817  -11.032 2.403   1.00 66.54  ? 1021 GLU A OE1 1 
ATOM   380  O  OE2 . GLU A 1 97  ? -8.228  -12.460 4.046   1.00 65.37  ? 1021 GLU A OE2 1 
ATOM   381  N  N   . ALA A 1 98  ? -4.935  -8.015  4.748   1.00 29.10  ? 1022 ALA A N   1 
ATOM   382  C  CA  . ALA A 1 98  ? -3.715  -7.491  4.132   1.00 32.00  ? 1022 ALA A CA  1 
ATOM   383  C  C   . ALA A 1 98  ? -2.477  -8.204  4.668   1.00 32.14  ? 1022 ALA A C   1 
ATOM   384  O  O   . ALA A 1 98  ? -1.597  -8.669  3.903   1.00 28.16  ? 1022 ALA A O   1 
ATOM   385  C  CB  . ALA A 1 98  ? -3.590  -5.987  4.416   1.00 32.48  ? 1022 ALA A CB  1 
ATOM   386  N  N   . LEU A 1 99  ? -2.420  -8.267  6.006   1.00 31.53  ? 1023 LEU A N   1 
ATOM   387  C  CA  . LEU A 1 99  ? -1.318  -8.930  6.706   1.00 33.18  ? 1023 LEU A CA  1 
ATOM   388  C  C   . LEU A 1 99  ? -1.177  -10.370 6.245   1.00 28.57  ? 1023 LEU A C   1 
ATOM   389  O  O   . LEU A 1 99  ? -0.040  -10.848 5.934   1.00 31.16  ? 1023 LEU A O   1 
ATOM   390  C  CB  . LEU A 1 99  ? -1.532  -8.819  8.236   1.00 31.81  ? 1023 LEU A CB  1 
ATOM   391  C  CG  . LEU A 1 99  ? -0.467  -9.467  9.133   1.00 35.23  ? 1023 LEU A CG  1 
ATOM   392  C  CD1 . LEU A 1 99  ? 0.912   -8.884  8.795   1.00 33.92  ? 1023 LEU A CD1 1 
ATOM   393  C  CD2 . LEU A 1 99  ? -0.831  -9.213  10.614  1.00 32.94  ? 1023 LEU A CD2 1 
ATOM   394  N  N   . ARG A 1 100 ? -2.309  -11.055 6.149   1.00 30.61  ? 1024 ARG A N   1 
ATOM   395  C  CA  . ARG A 1 100 ? -2.294  -12.418 5.676   1.00 31.25  ? 1024 ARG A CA  1 
ATOM   396  C  C   . ARG A 1 100 ? -1.772  -12.532 4.246   1.00 30.57  ? 1024 ARG A C   1 
ATOM   397  O  O   . ARG A 1 100 ? -0.995  -13.440 3.906   1.00 29.32  ? 1024 ARG A O   1 
ATOM   398  C  CB  . ARG A 1 100 ? -3.682  -13.070 5.779   1.00 33.15  ? 1024 ARG A CB  1 
ATOM   399  C  CG  . ARG A 1 100 ? -3.710  -14.439 5.097   1.00 39.80  ? 1024 ARG A CG  1 
ATOM   400  C  CD  . ARG A 1 100 ? -5.065  -15.143 5.059   1.00 40.73  ? 1024 ARG A CD  1 
ATOM   401  N  NE  . ARG A 1 100 ? -6.002  -14.547 4.134   1.00 47.87  ? 1024 ARG A NE  1 
ATOM   402  C  CZ  . ARG A 1 100 ? -6.025  -14.728 2.811   1.00 52.89  ? 1024 ARG A CZ  1 
ATOM   403  N  NH1 . ARG A 1 100 ? -5.133  -15.492 2.171   1.00 49.75  ? 1024 ARG A NH1 1 
ATOM   404  N  NH2 . ARG A 1 100 ? -6.952  -14.083 2.093   1.00 57.44  ? 1024 ARG A NH2 1 
ATOM   405  N  N   . LEU A 1 101 ? -2.260  -11.661 3.350   1.00 28.79  ? 1025 LEU A N   1 
ATOM   406  C  CA  . LEU A 1 101 ? -1.857  -11.804 1.950   1.00 30.07  ? 1025 LEU A CA  1 
ATOM   407  C  C   . LEU A 1 101 ? -0.393  -11.500 1.770   1.00 26.76  ? 1025 LEU A C   1 
ATOM   408  O  O   . LEU A 1 101 ? 0.333   -12.107 0.969   1.00 25.38  ? 1025 LEU A O   1 
ATOM   409  C  CB  . LEU A 1 101 ? -2.698  -10.839 1.097   1.00 30.72  ? 1025 LEU A CB  1 
ATOM   410  C  CG  . LEU A 1 101 ? -4.142  -11.265 0.985   1.00 32.46  ? 1025 LEU A CG  1 
ATOM   411  C  CD1 . LEU A 1 101 ? -4.985  -10.151 0.341   1.00 34.38  ? 1025 LEU A CD1 1 
ATOM   412  C  CD2 . LEU A 1 101 ? -4.255  -12.546 0.127   1.00 39.76  ? 1025 LEU A CD2 1 
ATOM   413  N  N   . VAL A 1 102 ? 0.076   -10.510 2.520   1.00 23.74  ? 1026 VAL A N   1 
ATOM   414  C  CA  . VAL A 1 102 ? 1.480   -10.186 2.435   1.00 24.39  ? 1026 VAL A CA  1 
ATOM   415  C  C   . VAL A 1 102 ? 2.383   -11.285 3.036   1.00 24.22  ? 1026 VAL A C   1 
ATOM   416  O  O   . VAL A 1 102 ? 3.412   -11.671 2.436   1.00 24.57  ? 1026 VAL A O   1 
ATOM   417  C  CB  . VAL A 1 102 ? 1.762   -8.820  3.063   1.00 27.30  ? 1026 VAL A CB  1 
ATOM   418  C  CG1 . VAL A 1 102 ? 3.240   -8.552  3.125   1.00 29.55  ? 1026 VAL A CG1 1 
ATOM   419  C  CG2 . VAL A 1 102 ? 1.043   -7.719  2.251   1.00 31.04  ? 1026 VAL A CG2 1 
ATOM   420  N  N   . THR A 1 103 ? 1.953   -11.827 4.151   1.00 24.99  ? 1027 THR A N   1 
ATOM   421  C  CA  . THR A 1 103 ? 2.745   -12.845 4.867   1.00 26.26  ? 1027 THR A CA  1 
ATOM   422  C  C   . THR A 1 103 ? 2.898   -14.100 3.993   1.00 26.18  ? 1027 THR A C   1 
ATOM   423  O  O   . THR A 1 103 ? 3.984   -14.596 3.719   1.00 28.96  ? 1027 THR A O   1 
ATOM   424  C  CB  . THR A 1 103 ? 2.166   -13.142 6.235   1.00 27.72  ? 1027 THR A CB  1 
ATOM   425  O  OG1 . THR A 1 103 ? 2.149   -11.931 7.047   1.00 29.34  ? 1027 THR A OG1 1 
ATOM   426  C  CG2 . THR A 1 103 ? 3.031   -14.269 6.910   1.00 30.12  ? 1027 THR A CG2 1 
ATOM   427  N  N   . GLU A 1 104 ? 1.770   -14.568 3.504   1.00 27.52  ? 1028 GLU A N   1 
ATOM   428  C  CA  . GLU A 1 104 ? 1.730   -15.681 2.623   1.00 27.31  ? 1028 GLU A CA  1 
ATOM   429  C  C   . GLU A 1 104 ? 2.498   -15.436 1.331   1.00 29.93  ? 1028 GLU A C   1 
ATOM   430  O  O   . GLU A 1 104 ? 3.129   -16.320 0.835   1.00 31.29  ? 1028 GLU A O   1 
ATOM   431  C  CB  . GLU A 1 104 ? 0.293   -16.056 2.289   1.00 28.94  ? 1028 GLU A CB  1 
ATOM   432  C  CG  . GLU A 1 104 ? -0.551  -16.546 3.506   1.00 29.14  ? 1028 GLU A CG  1 
ATOM   433  C  CD  . GLU A 1 104 ? -1.940  -17.067 3.181   1.00 34.86  ? 1028 GLU A CD  1 
ATOM   434  O  OE1 . GLU A 1 104 ? -2.575  -16.683 2.158   1.00 37.09  ? 1028 GLU A OE1 1 
ATOM   435  O  OE2 . GLU A 1 104 ? -2.469  -17.796 4.041   1.00 35.09  ? 1028 GLU A OE2 1 
ATOM   436  N  N   . GLY A 1 105 ? 2.356   -14.271 0.747   1.00 27.22  ? 1029 GLY A N   1 
ATOM   437  C  CA  . GLY A 1 105 ? 3.066   -13.955 -0.519  1.00 28.09  ? 1029 GLY A CA  1 
ATOM   438  C  C   . GLY A 1 105 ? 4.556   -13.902 -0.370  1.00 26.78  ? 1029 GLY A C   1 
ATOM   439  O  O   . GLY A 1 105 ? 5.300   -14.442 -1.204  1.00 27.78  ? 1029 GLY A O   1 
ATOM   440  N  N   . LEU A 1 106 ? 5.028   -13.331 0.719   1.00 26.12  ? 1030 LEU A N   1 
ATOM   441  C  CA  . LEU A 1 106 ? 6.494   -13.287 0.937   1.00 27.89  ? 1030 LEU A CA  1 
ATOM   442  C  C   . LEU A 1 106 ? 7.075   -14.699 1.115   1.00 27.69  ? 1030 LEU A C   1 
ATOM   443  O  O   . LEU A 1 106 ? 8.145   -15.022 0.592   1.00 27.20  ? 1030 LEU A O   1 
ATOM   444  C  CB  . LEU A 1 106 ? 6.831   -12.482 2.183   1.00 31.95  ? 1030 LEU A CB  1 
ATOM   445  C  CG  . LEU A 1 106 ? 6.690   -10.929 2.084   1.00 31.26  ? 1030 LEU A CG  1 
ATOM   446  C  CD1 . LEU A 1 106 ? 6.639   -10.308 3.471   1.00 32.97  ? 1030 LEU A CD1 1 
ATOM   447  C  CD2 . LEU A 1 106 ? 7.856   -10.354 1.276   1.00 34.33  ? 1030 LEU A CD2 1 
ATOM   448  N  N   . THR A 1 107 ? 6.366   -15.529 1.868   1.00 28.94  ? 1031 THR A N   1 
ATOM   449  C  CA  . THR A 1 107 ? 6.778   -16.925 2.114   1.00 29.28  ? 1031 THR A CA  1 
ATOM   450  C  C   . THR A 1 107 ? 6.817   -17.743 0.828   1.00 29.24  ? 1031 THR A C   1 
ATOM   451  O  O   . THR A 1 107 ? 7.769   -18.476 0.573   1.00 29.75  ? 1031 THR A O   1 
ATOM   452  C  CB  . THR A 1 107 ? 5.862   -17.630 3.173   1.00 28.38  ? 1031 THR A CB  1 
ATOM   453  O  OG1 . THR A 1 107 ? 5.801   -16.874 4.382   1.00 28.74  ? 1031 THR A OG1 1 
ATOM   454  C  CG2 . THR A 1 107 ? 6.419   -19.033 3.550   1.00 34.70  ? 1031 THR A CG2 1 
ATOM   455  N  N   . GLN A 1 108 ? 5.758   -17.623 0.023   1.00 30.91  ? 1032 GLN A N   1 
ATOM   456  C  CA  . GLN A 1 108 ? 5.734   -18.281 -1.245  1.00 33.16  ? 1032 GLN A CA  1 
ATOM   457  C  C   . GLN A 1 108 ? 6.854   -17.907 -2.141  1.00 29.30  ? 1032 GLN A C   1 
ATOM   458  O  O   . GLN A 1 108 ? 7.408   -18.789 -2.810  1.00 27.17  ? 1032 GLN A O   1 
ATOM   459  C  CB  . GLN A 1 108 ? 4.504   -17.985 -2.042  1.00 37.32  ? 1032 GLN A CB  1 
ATOM   460  C  CG  . GLN A 1 108 ? 3.265   -18.532 -1.450  1.00 45.52  ? 1032 GLN A CG  1 
ATOM   461  C  CD  . GLN A 1 108 ? 2.074   -18.040 -2.243  1.00 56.92  ? 1032 GLN A CD  1 
ATOM   462  O  OE1 . GLN A 1 108 ? 2.198   -17.780 -3.470  1.00 52.49  ? 1032 GLN A OE1 1 
ATOM   463  N  NE2 . GLN A 1 108 ? 0.912   -17.885 -1.557  1.00 57.57  ? 1032 GLN A NE2 1 
ATOM   464  N  N   . ARG A 1 109 ? 7.077   -16.607 -2.305  1.00 31.20  ? 1033 ARG A N   1 
ATOM   465  C  CA  . ARG A 1 109 ? 8.155   -16.109 -3.206  1.00 29.60  ? 1033 ARG A CA  1 
ATOM   466  C  C   . ARG A 1 109 ? 9.511   -16.599 -2.691  1.00 32.23  ? 1033 ARG A C   1 
ATOM   467  O  O   . ARG A 1 109 ? 10.419  -17.018 -3.491  1.00 31.05  ? 1033 ARG A O   1 
ATOM   468  C  CB  . ARG A 1 109 ? 8.205   -14.588 -3.277  1.00 30.66  ? 1033 ARG A CB  1 
ATOM   469  C  CG  . ARG A 1 109 ? 6.963   -13.895 -3.856  1.00 34.64  ? 1033 ARG A CG  1 
ATOM   470  C  CD  . ARG A 1 109 ? 6.512   -14.297 -5.215  1.00 46.18  ? 1033 ARG A CD  1 
ATOM   471  N  NE  . ARG A 1 109 ? 5.321   -13.521 -5.685  1.00 45.09  ? 1033 ARG A NE  1 
ATOM   472  C  CZ  . ARG A 1 109 ? 5.356   -12.394 -6.414  1.00 51.64  ? 1033 ARG A CZ  1 
ATOM   473  N  NH1 . ARG A 1 109 ? 6.538   -11.825 -6.758  1.00 42.60  ? 1033 ARG A NH1 1 
ATOM   474  N  NH2 . ARG A 1 109 ? 4.171   -11.815 -6.771  1.00 42.19  ? 1033 ARG A NH2 1 
ATOM   475  N  N   . GLU A 1 110 ? 9.685   -16.568 -1.372  1.00 32.80  ? 1034 GLU A N   1 
ATOM   476  C  CA  . GLU A 1 110 ? 10.955  -17.084 -0.784  1.00 37.60  ? 1034 GLU A CA  1 
ATOM   477  C  C   . GLU A 1 110 ? 11.072  -18.603 -1.061  1.00 36.51  ? 1034 GLU A C   1 
ATOM   478  O  O   . GLU A 1 110 ? 12.143  -19.059 -1.489  1.00 34.79  ? 1034 GLU A O   1 
ATOM   479  C  CB  . GLU A 1 110 ? 11.029  -16.800 0.703   1.00 39.71  ? 1034 GLU A CB  1 
ATOM   480  C  CG  . GLU A 1 110 ? 12.025  -17.639 1.502   1.00 44.77  ? 1034 GLU A CG  1 
ATOM   481  C  CD  . GLU A 1 110 ? 13.221  -16.857 1.904   1.00 56.33  ? 1034 GLU A CD  1 
ATOM   482  O  OE1 . GLU A 1 110 ? 13.925  -16.373 0.982   1.00 69.28  ? 1034 GLU A OE1 1 
ATOM   483  O  OE2 . GLU A 1 110 ? 13.413  -16.689 3.134   1.00 70.89  ? 1034 GLU A OE2 1 
ATOM   484  N  N   . GLU A 1 111 ? 9.990   -19.355 -0.875  1.00 35.55  ? 1035 GLU A N   1 
ATOM   485  C  CA  . GLU A 1 111 ? 10.038  -20.830 -1.052  1.00 37.77  ? 1035 GLU A CA  1 
ATOM   486  C  C   . GLU A 1 111 ? 10.326  -21.202 -2.485  1.00 42.42  ? 1035 GLU A C   1 
ATOM   487  O  O   . GLU A 1 111 ? 11.047  -22.145 -2.745  1.00 36.93  ? 1035 GLU A O   1 
ATOM   488  C  CB  . GLU A 1 111 ? 8.749   -21.531 -0.632  1.00 29.79  ? 1035 GLU A CB  1 
ATOM   489  C  CG  . GLU A 1 111 ? 8.602   -21.562 0.872   1.00 33.21  ? 1035 GLU A CG  1 
ATOM   490  C  CD  . GLU A 1 111 ? 9.612   -22.452 1.598   1.00 36.79  ? 1035 GLU A CD  1 
ATOM   491  O  OE1 . GLU A 1 111 ? 9.959   -23.535 1.099   1.00 37.94  ? 1035 GLU A OE1 1 
ATOM   492  O  OE2 . GLU A 1 111 ? 10.132  -22.002 2.635   1.00 37.84  ? 1035 GLU A OE2 1 
ATOM   493  N  N   . GLN A 1 112 ? 9.780   -20.442 -3.418  1.00 39.90  ? 1036 GLN A N   1 
ATOM   494  C  CA  . GLN A 1 112 ? 10.010  -20.711 -4.825  1.00 34.09  ? 1036 GLN A CA  1 
ATOM   495  C  C   . GLN A 1 112 ? 11.237  -20.109 -5.449  1.00 35.35  ? 1036 GLN A C   1 
ATOM   496  O  O   . GLN A 1 112 ? 11.488  -20.330 -6.626  1.00 39.19  ? 1036 GLN A O   1 
ATOM   497  C  CB  . GLN A 1 112 ? 8.813   -20.363 -5.640  1.00 36.52  ? 1036 GLN A CB  1 
ATOM   498  C  CG  . GLN A 1 112 ? 7.577   -21.065 -5.169  1.00 37.17  ? 1036 GLN A CG  1 
ATOM   499  C  CD  . GLN A 1 112 ? 6.512   -20.955 -6.174  1.00 47.20  ? 1036 GLN A CD  1 
ATOM   500  O  OE1 . GLN A 1 112 ? 6.767   -20.613 -7.346  1.00 53.73  ? 1036 GLN A OE1 1 
ATOM   501  N  NE2 . GLN A 1 112 ? 5.290   -21.180 -5.745  1.00 45.62  ? 1036 GLN A NE2 1 
ATOM   502  N  N   . GLY A 1 113 ? 11.999  -19.344 -4.706  1.00 32.69  ? 1037 GLY A N   1 
ATOM   503  C  CA  . GLY A 1 113 ? 13.168  -18.639 -5.255  1.00 40.67  ? 1037 GLY A CA  1 
ATOM   504  C  C   . GLY A 1 113 ? 12.771  -17.661 -6.349  1.00 38.16  ? 1037 GLY A C   1 
ATOM   505  O  O   . GLY A 1 113 ? 13.497  -17.533 -7.333  1.00 35.32  ? 1037 GLY A O   1 
ATOM   506  N  N   . SER A 1 114 ? 11.593  -17.044 -6.192  1.00 35.64  ? 1038 SER A N   1 
ATOM   507  C  CA  . SER A 1 114 ? 11.032  -16.095 -7.175  1.00 35.23  ? 1038 SER A CA  1 
ATOM   508  C  C   . SER A 1 114 ? 11.997  -14.929 -7.466  1.00 36.75  ? 1038 SER A C   1 
ATOM   509  O  O   . SER A 1 114 ? 12.657  -14.485 -6.560  1.00 35.63  ? 1038 SER A O   1 
ATOM   510  C  CB  . SER A 1 114 ? 9.660   -15.561 -6.727  1.00 33.23  ? 1038 SER A CB  1 
ATOM   511  O  OG  . SER A 1 114 ? 8.635   -16.558 -6.709  1.00 33.26  ? 1038 SER A OG  1 
ATOM   512  N  N   . VAL A 1 115 ? 12.042  -14.456 -8.740  1.00 37.07  ? 1039 VAL A N   1 
ATOM   513  C  CA  . VAL A 1 115 ? 12.802  -13.275 -9.133  1.00 37.90  ? 1039 VAL A CA  1 
ATOM   514  C  C   . VAL A 1 115 ? 12.393  -12.037 -8.283  1.00 35.21  ? 1039 VAL A C   1 
ATOM   515  O  O   . VAL A 1 115 ? 13.221  -11.453 -7.571  1.00 33.94  ? 1039 VAL A O   1 
ATOM   516  C  CB  . VAL A 1 115 ? 12.683  -12.990 -10.662 1.00 38.36  ? 1039 VAL A CB  1 
ATOM   517  C  CG1 . VAL A 1 115 ? 13.441  -11.711 -11.047 1.00 39.02  ? 1039 VAL A CG1 1 
ATOM   518  C  CG2 . VAL A 1 115 ? 13.264  -14.158 -11.460 1.00 44.31  ? 1039 VAL A CG2 1 
ATOM   519  N  N   . ASP A 1 116 ? 11.102  -11.731 -8.297  1.00 29.52  ? 1040 ASP A N   1 
ATOM   520  C  CA  . ASP A 1 116 ? 10.542  -10.708 -7.394  1.00 35.93  ? 1040 ASP A CA  1 
ATOM   521  C  C   . ASP A 1 116 ? 10.126  -11.363 -6.048  1.00 30.15  ? 1040 ASP A C   1 
ATOM   522  O  O   . ASP A 1 116 ? 9.217   -12.144 -5.999  1.00 32.58  ? 1040 ASP A O   1 
ATOM   523  C  CB  . ASP A 1 116 ? 9.304   -10.093 -8.076  1.00 39.40  ? 1040 ASP A CB  1 
ATOM   524  C  CG  . ASP A 1 116 ? 9.660   -9.245  -9.263  1.00 49.79  ? 1040 ASP A CG  1 
ATOM   525  O  OD1 . ASP A 1 116 ? 10.898  -8.922  -9.401  1.00 54.93  ? 1040 ASP A OD1 1 
ATOM   526  O  OD2 . ASP A 1 116 ? 8.696   -8.895  -10.053 1.00 56.77  ? 1040 ASP A OD2 1 
ATOM   527  N  N   . LYS A 1 117 ? 10.761  -10.928 -4.994  1.00 30.01  ? 1041 LYS A N   1 
ATOM   528  C  CA  . LYS A 1 117 ? 10.449  -11.341 -3.603  1.00 33.10  ? 1041 LYS A CA  1 
ATOM   529  C  C   . LYS A 1 117 ? 9.264   -10.670 -2.947  1.00 32.85  ? 1041 LYS A C   1 
ATOM   530  O  O   . LYS A 1 117 ? 8.672   -11.232 -2.045  1.00 30.38  ? 1041 LYS A O   1 
ATOM   531  C  CB  . LYS A 1 117 ? 11.680  -11.109 -2.788  1.00 35.78  ? 1041 LYS A CB  1 
ATOM   532  C  CG  . LYS A 1 117 ? 12.785  -12.038 -3.263  1.00 47.56  ? 1041 LYS A CG  1 
ATOM   533  C  CD  . LYS A 1 117 ? 14.099  -11.871 -2.497  1.00 61.58  ? 1041 LYS A CD  1 
ATOM   534  C  CE  . LYS A 1 117 ? 14.673  -10.455 -2.498  1.00 66.17  ? 1041 LYS A CE  1 
ATOM   535  N  NZ  . LYS A 1 117 ? 15.993  -10.456 -1.801  1.00 74.71  ? 1041 LYS A NZ  1 
ATOM   536  N  N   . LEU A 1 118 ? 8.864   -9.518  -3.456  1.00 31.22  ? 1042 LEU A N   1 
ATOM   537  C  CA  . LEU A 1 118 ? 7.687   -8.859  -2.933  1.00 31.16  ? 1042 LEU A CA  1 
ATOM   538  C  C   . LEU A 1 118 ? 6.511   -9.417  -3.634  1.00 31.13  ? 1042 LEU A C   1 
ATOM   539  O  O   . LEU A 1 118 ? 6.513   -9.515  -4.859  1.00 36.80  ? 1042 LEU A O   1 
ATOM   540  C  CB  . LEU A 1 118 ? 7.736   -7.354  -3.114  1.00 34.95  ? 1042 LEU A CB  1 
ATOM   541  C  CG  . LEU A 1 118 ? 8.889   -6.629  -2.412  1.00 34.00  ? 1042 LEU A CG  1 
ATOM   542  C  CD1 . LEU A 1 118 ? 8.946   -5.159  -2.810  1.00 39.22  ? 1042 LEU A CD1 1 
ATOM   543  C  CD2 . LEU A 1 118 ? 8.733   -6.734  -0.917  1.00 33.70  ? 1042 LEU A CD2 1 
ATOM   544  N  N   . PRO A 1 119 ? 5.454   -9.743  -2.869  1.00 28.68  ? 1043 PRO A N   1 
ATOM   545  C  CA  . PRO A 1 119 ? 4.239   -10.113 -3.542  1.00 32.08  ? 1043 PRO A CA  1 
ATOM   546  C  C   . PRO A 1 119 ? 3.492   -8.904  -4.211  1.00 34.01  ? 1043 PRO A C   1 
ATOM   547  O  O   . PRO A 1 119 ? 2.748   -9.117  -5.184  1.00 34.72  ? 1043 PRO A O   1 
ATOM   548  C  CB  . PRO A 1 119 ? 3.440   -10.780 -2.427  1.00 32.03  ? 1043 PRO A CB  1 
ATOM   549  C  CG  . PRO A 1 119 ? 3.946   -10.132 -1.163  1.00 28.53  ? 1043 PRO A CG  1 
ATOM   550  C  CD  . PRO A 1 119 ? 5.381   -9.974  -1.399  1.00 31.10  ? 1043 PRO A CD  1 
ATOM   551  N  N   . PHE A 1 120 ? 3.704   -7.669  -3.710  1.00 28.76  ? 1044 PHE A N   1 
ATOM   552  C  CA  . PHE A 1 120 ? 3.038   -6.449  -4.215  1.00 28.25  ? 1044 PHE A CA  1 
ATOM   553  C  C   . PHE A 1 120 ? 4.110   -5.416  -4.355  1.00 29.50  ? 1044 PHE A C   1 
ATOM   554  O  O   . PHE A 1 120 ? 4.913   -5.234  -3.433  1.00 29.95  ? 1044 PHE A O   1 
ATOM   555  C  CB  . PHE A 1 120 ? 1.955   -5.967  -3.256  1.00 31.32  ? 1044 PHE A CB  1 
ATOM   556  C  CG  . PHE A 1 120 ? 0.947   -6.998  -3.030  1.00 30.06  ? 1044 PHE A CG  1 
ATOM   557  C  CD1 . PHE A 1 120 ? 0.081   -7.356  -4.051  1.00 34.57  ? 1044 PHE A CD1 1 
ATOM   558  C  CD2 . PHE A 1 120 ? 0.954   -7.725  -1.860  1.00 32.20  ? 1044 PHE A CD2 1 
ATOM   559  C  CE1 . PHE A 1 120 ? -0.842  -8.369  -3.890  1.00 34.76  ? 1044 PHE A CE1 1 
ATOM   560  C  CE2 . PHE A 1 120 ? 0.021   -8.749  -1.675  1.00 32.74  ? 1044 PHE A CE2 1 
ATOM   561  C  CZ  . PHE A 1 120 ? -0.871  -9.067  -2.697  1.00 35.45  ? 1044 PHE A CZ  1 
ATOM   562  N  N   . ASP A 1 121 ? 4.141   -4.738  -5.497  1.00 31.73  ? 1045 ASP A N   1 
ATOM   563  C  CA  . ASP A 1 121 ? 5.084   -3.620  -5.698  1.00 31.10  ? 1045 ASP A CA  1 
ATOM   564  C  C   . ASP A 1 121 ? 4.707   -2.409  -4.888  1.00 29.33  ? 1045 ASP A C   1 
ATOM   565  O  O   . ASP A 1 121 ? 5.582   -1.589  -4.539  1.00 26.64  ? 1045 ASP A O   1 
ATOM   566  C  CB  . ASP A 1 121 ? 5.164   -3.264  -7.185  1.00 37.13  ? 1045 ASP A CB  1 
ATOM   567  C  CG  . ASP A 1 121 ? 5.604   -4.442  -8.035  1.00 35.17  ? 1045 ASP A CG  1 
ATOM   568  O  OD1 . ASP A 1 121 ? 6.699   -4.886  -7.784  1.00 40.03  ? 1045 ASP A OD1 1 
ATOM   569  O  OD2 . ASP A 1 121 ? 4.812   -4.986  -8.832  1.00 37.45  ? 1045 ASP A OD2 1 
ATOM   570  N  N   . TYR A 1 122 ? 3.396   -2.233  -4.694  1.00 26.91  ? 1046 TYR A N   1 
ATOM   571  C  CA  . TYR A 1 122 ? 2.852   -1.168  -3.833  1.00 28.42  ? 1046 TYR A CA  1 
ATOM   572  C  C   . TYR A 1 122 ? 1.632   -1.684  -3.071  1.00 26.10  ? 1046 TYR A C   1 
ATOM   573  O  O   . TYR A 1 122 ? 0.806   -2.453  -3.566  1.00 27.30  ? 1046 TYR A O   1 
ATOM   574  C  CB  . TYR A 1 122 ? 2.392   0.082   -4.684  1.00 31.66  ? 1046 TYR A CB  1 
ATOM   575  C  CG  . TYR A 1 122 ? 3.473   0.585   -5.613  1.00 33.24  ? 1046 TYR A CG  1 
ATOM   576  C  CD1 . TYR A 1 122 ? 4.465   1.388   -5.164  1.00 30.85  ? 1046 TYR A CD1 1 
ATOM   577  C  CD2 . TYR A 1 122 ? 3.488   0.208   -6.966  1.00 36.51  ? 1046 TYR A CD2 1 
ATOM   578  C  CE1 . TYR A 1 122 ? 5.518   1.774   -6.010  1.00 35.08  ? 1046 TYR A CE1 1 
ATOM   579  C  CE2 . TYR A 1 122 ? 4.491   0.613   -7.825  1.00 33.86  ? 1046 TYR A CE2 1 
ATOM   580  C  CZ  . TYR A 1 122 ? 5.506   1.379   -7.342  1.00 34.56  ? 1046 TYR A CZ  1 
ATOM   581  O  OH  . TYR A 1 122 ? 6.491   1.770   -8.177  1.00 39.84  ? 1046 TYR A OH  1 
ATOM   582  N  N   . ILE A 1 123 ? 1.458   -1.153  -1.890  1.00 26.43  ? 1047 ILE A N   1 
ATOM   583  C  CA  . ILE A 1 123 ? 0.229   -1.390  -1.122  1.00 26.76  ? 1047 ILE A CA  1 
ATOM   584  C  C   . ILE A 1 123 ? -0.381  -0.038  -0.809  1.00 30.36  ? 1047 ILE A C   1 
ATOM   585  O  O   . ILE A 1 123 ? 0.334   0.832   -0.319  1.00 29.57  ? 1047 ILE A O   1 
ATOM   586  C  CB  . ILE A 1 123 ? 0.581   -2.061  0.208   1.00 28.24  ? 1047 ILE A CB  1 
ATOM   587  C  CG1 . ILE A 1 123 ? 1.250   -3.439  -0.072  1.00 30.73  ? 1047 ILE A CG1 1 
ATOM   588  C  CG2 . ILE A 1 123 ? -0.683  -2.291  0.992   1.00 29.27  ? 1047 ILE A CG2 1 
ATOM   589  C  CD1 . ILE A 1 123 ? 1.816   -4.062  1.202   1.00 32.59  ? 1047 ILE A CD1 1 
ATOM   590  N  N   . PHE A 1 124 ? -1.670  0.133   -1.112  1.00 29.24  ? 1048 PHE A N   1 
ATOM   591  C  CA  . PHE A 1 124 ? -2.417  1.320   -0.713  1.00 31.65  ? 1048 PHE A CA  1 
ATOM   592  C  C   . PHE A 1 124 ? -3.253  0.987   0.464   1.00 30.03  ? 1048 PHE A C   1 
ATOM   593  O  O   . PHE A 1 124 ? -4.185  0.187   0.359   1.00 28.65  ? 1048 PHE A O   1 
ATOM   594  C  CB  . PHE A 1 124 ? -3.287  1.818   -1.874  1.00 31.53  ? 1048 PHE A CB  1 
ATOM   595  C  CG  . PHE A 1 124 ? -2.445  2.328   -3.017  1.00 30.51  ? 1048 PHE A CG  1 
ATOM   596  C  CD1 . PHE A 1 124 ? -1.962  1.457   -3.981  1.00 33.85  ? 1048 PHE A CD1 1 
ATOM   597  C  CD2 . PHE A 1 124 ? -2.053  3.668   -3.047  1.00 34.24  ? 1048 PHE A CD2 1 
ATOM   598  C  CE1 . PHE A 1 124 ? -1.124  1.919   -5.011  1.00 37.31  ? 1048 PHE A CE1 1 
ATOM   599  C  CE2 . PHE A 1 124 ? -1.204  4.137   -4.057  1.00 35.08  ? 1048 PHE A CE2 1 
ATOM   600  C  CZ  . PHE A 1 124 ? -0.741  3.234   -5.043  1.00 38.16  ? 1048 PHE A CZ  1 
ATOM   601  N  N   . MET A 1 125 ? -2.829  1.505   1.603   1.00 28.04  ? 1049 MET A N   1 
ATOM   602  C  CA  . MET A 1 125 ? -3.407  1.167   2.898   1.00 29.16  ? 1049 MET A CA  1 
ATOM   603  C  C   . MET A 1 125 ? -4.325  2.248   3.490   1.00 35.02  ? 1049 MET A C   1 
ATOM   604  O  O   . MET A 1 125 ? -3.844  3.313   3.917   1.00 31.02  ? 1049 MET A O   1 
ATOM   605  C  CB  . MET A 1 125 ? -2.262  0.945   3.857   1.00 29.89  ? 1049 MET A CB  1 
ATOM   606  C  CG  . MET A 1 125 ? -2.695  0.411   5.240   1.00 30.69  ? 1049 MET A CG  1 
ATOM   607  S  SD  . MET A 1 125 ? -3.174  -1.321  5.347   1.00 31.69  ? 1049 MET A SD  1 
ATOM   608  C  CE  . MET A 1 125 ? -1.621  -2.211  5.125   1.00 30.16  ? 1049 MET A CE  1 
ATOM   609  N  N   . ASP A 1 126 ? -5.628  1.987   3.500   1.00 36.02  ? 1050 ASP A N   1 
ATOM   610  C  CA  . ASP A 1 126 ? -6.588  2.837   4.255   1.00 34.50  ? 1050 ASP A CA  1 
ATOM   611  C  C   . ASP A 1 126 ? -6.138  2.944   5.719   1.00 36.53  ? 1050 ASP A C   1 
ATOM   612  O  O   . ASP A 1 126 ? -5.715  1.986   6.329   1.00 33.82  ? 1050 ASP A O   1 
ATOM   613  C  CB  . ASP A 1 126 ? -7.963  2.217   4.191   1.00 32.21  ? 1050 ASP A CB  1 
ATOM   614  C  CG  . ASP A 1 126 ? -9.071  3.105   4.821   1.00 43.06  ? 1050 ASP A CG  1 
ATOM   615  O  OD1 . ASP A 1 126 ? -8.995  4.397   4.890   1.00 44.45  ? 1050 ASP A OD1 1 
ATOM   616  O  OD2 . ASP A 1 126 ? -10.037 2.415   5.206   1.00 42.88  ? 1050 ASP A OD2 1 
ATOM   617  N  N   . CYS A 1 127 ? -6.189  4.148   6.271   1.00 33.16  ? 1051 CYS A N   1 
ATOM   618  C  CA  . CYS A 1 127 ? -5.720  4.385   7.658   1.00 34.40  ? 1051 CYS A CA  1 
ATOM   619  C  C   . CYS A 1 127 ? -6.729  3.881   8.664   1.00 40.32  ? 1051 CYS A C   1 
ATOM   620  O  O   . CYS A 1 127 ? -6.343  3.189   9.615   1.00 35.37  ? 1051 CYS A O   1 
ATOM   621  C  CB  . CYS A 1 127 ? -5.396  5.871   7.904   1.00 37.39  ? 1051 CYS A CB  1 
ATOM   622  S  SG  . CYS A 1 127 ? -3.958  6.382   6.947   1.00 42.28  ? 1051 CYS A SG  1 
ATOM   623  N  N   . GLN A 1 128 ? -8.013  4.202   8.442   1.00 41.98  ? 1052 GLN A N   1 
ATOM   624  C  CA  . GLN A 1 128 ? -9.085  3.963   9.407   1.00 42.68  ? 1052 GLN A CA  1 
ATOM   625  C  C   . GLN A 1 128 ? -9.938  2.806   9.022   1.00 38.56  ? 1052 GLN A C   1 
ATOM   626  O  O   . GLN A 1 128 ? -10.635 2.845   8.012   1.00 38.29  ? 1052 GLN A O   1 
ATOM   627  C  CB  . GLN A 1 128 ? -10.001 5.224   9.556   1.00 54.97  ? 1052 GLN A CB  1 
ATOM   628  C  CG  . GLN A 1 128 ? -9.318  6.451   10.174  1.00 65.13  ? 1052 GLN A CG  1 
ATOM   629  C  CD  . GLN A 1 128 ? -8.664  6.134   11.523  1.00 77.02  ? 1052 GLN A CD  1 
ATOM   630  O  OE1 . GLN A 1 128 ? -9.188  5.314   12.292  1.00 95.09  ? 1052 GLN A OE1 1 
ATOM   631  N  NE2 . GLN A 1 128 ? -7.495  6.747   11.801  1.00 81.91  ? 1052 GLN A NE2 1 
ATOM   632  N  N   . MET A 1 129 ? -9.850  1.757   9.821   1.00 36.86  ? 1053 MET A N   1 
ATOM   633  C  CA  . MET A 1 129 ? -10.525 0.541   9.597   1.00 41.45  ? 1053 MET A CA  1 
ATOM   634  C  C   . MET A 1 129 ? -10.774 -0.018  10.987  1.00 40.86  ? 1053 MET A C   1 
ATOM   635  O  O   . MET A 1 129 ? -9.949  0.159   11.873  1.00 44.24  ? 1053 MET A O   1 
ATOM   636  C  CB  . MET A 1 129 ? -9.603  -0.419  8.801   1.00 38.88  ? 1053 MET A CB  1 
ATOM   637  C  CG  . MET A 1 129 ? -9.224  0.108   7.426   1.00 36.31  ? 1053 MET A CG  1 
ATOM   638  S  SD  . MET A 1 129 ? -8.390  -1.243  6.465   1.00 34.81  ? 1053 MET A SD  1 
ATOM   639  C  CE  . MET A 1 129 ? -6.820  -1.286  7.377   1.00 36.90  ? 1053 MET A CE  1 
ATOM   640  N  N   . PRO A 1 130 ? -11.864 -0.768  11.157  1.00 47.06  ? 1054 PRO A N   1 
ATOM   641  C  CA  . PRO A 1 130 ? -12.119 -1.497  12.399  1.00 48.02  ? 1054 PRO A CA  1 
ATOM   642  C  C   . PRO A 1 130 ? -11.069 -2.559  12.730  1.00 49.35  ? 1054 PRO A C   1 
ATOM   643  O  O   . PRO A 1 130 ? -10.455 -3.112  11.852  1.00 48.69  ? 1054 PRO A O   1 
ATOM   644  C  CB  . PRO A 1 130 ? -13.434 -2.230  12.139  1.00 46.15  ? 1054 PRO A CB  1 
ATOM   645  C  CG  . PRO A 1 130 ? -13.933 -1.776  10.815  1.00 51.59  ? 1054 PRO A CG  1 
ATOM   646  C  CD  . PRO A 1 130 ? -12.931 -0.907  10.152  1.00 49.92  ? 1054 PRO A CD  1 
ATOM   647  N  N   . GLU A 1 131 ? -10.903 -2.821  14.002  1.00 45.85  ? 1055 GLU A N   1 
ATOM   648  C  CA  . GLU A 1 131 ? -10.142 -3.975  14.531  1.00 56.34  ? 1055 GLU A CA  1 
ATOM   649  C  C   . GLU A 1 131 ? -8.608  -3.861  14.464  1.00 57.04  ? 1055 GLU A C   1 
ATOM   650  O  O   . GLU A 1 131 ? -7.936  -3.882  15.520  1.00 69.14  ? 1055 GLU A O   1 
ATOM   651  C  CB  . GLU A 1 131 ? -10.594 -5.299  13.884  1.00 57.54  ? 1055 GLU A CB  1 
ATOM   652  C  CG  . GLU A 1 131 ? -11.875 -5.839  14.456  1.00 60.25  ? 1055 GLU A CG  1 
ATOM   653  C  CD  . GLU A 1 131 ? -12.375 -7.034  13.684  1.00 67.67  ? 1055 GLU A CD  1 
ATOM   654  O  OE1 . GLU A 1 131 ? -11.560 -7.924  13.332  1.00 63.42  ? 1055 GLU A OE1 1 
ATOM   655  O  OE2 . GLU A 1 131 ? -13.592 -7.081  13.426  1.00 78.15  ? 1055 GLU A OE2 1 
ATOM   656  N  N   . MET A 1 132 ? -8.066  -3.894  13.237  1.00 48.99  ? 1056 MET A N   1 
ATOM   657  C  CA  . MET A 1 132 ? -6.652  -3.582  12.973  1.00 40.86  ? 1056 MET A CA  1 
ATOM   658  C  C   . MET A 1 132 ? -6.654  -2.457  11.919  1.00 39.15  ? 1056 MET A C   1 
ATOM   659  O  O   . MET A 1 132 ? -7.033  -2.658  10.751  1.00 36.13  ? 1056 MET A O   1 
ATOM   660  C  CB  . MET A 1 132 ? -5.896  -4.804  12.457  1.00 41.19  ? 1056 MET A CB  1 
ATOM   661  C  CG  . MET A 1 132 ? -4.402  -4.520  12.254  1.00 35.05  ? 1056 MET A CG  1 
ATOM   662  S  SD  . MET A 1 132 ? -3.496  -5.917  11.547  1.00 35.87  ? 1056 MET A SD  1 
ATOM   663  C  CE  . MET A 1 132 ? -3.479  -7.003  12.981  1.00 36.25  ? 1056 MET A CE  1 
ATOM   664  N  N   . ASP A 1 133 ? -6.227  -1.262  12.322  1.00 35.96  ? 1057 ASP A N   1 
ATOM   665  C  CA  . ASP A 1 133 ? -6.260  -0.121  11.401  1.00 35.06  ? 1057 ASP A CA  1 
ATOM   666  C  C   . ASP A 1 133 ? -5.023  -0.209  10.487  1.00 33.15  ? 1057 ASP A C   1 
ATOM   667  O  O   . ASP A 1 133 ? -4.242  -1.161  10.592  1.00 31.64  ? 1057 ASP A O   1 
ATOM   668  C  CB  . ASP A 1 133 ? -6.441  1.240   12.167  1.00 35.64  ? 1057 ASP A CB  1 
ATOM   669  C  CG  . ASP A 1 133 ? -5.294  1.569   13.060  1.00 41.36  ? 1057 ASP A CG  1 
ATOM   670  O  OD1 . ASP A 1 133 ? -4.145  1.059   12.900  1.00 38.05  ? 1057 ASP A OD1 1 
ATOM   671  O  OD2 . ASP A 1 133 ? -5.522  2.369   13.985  1.00 39.68  ? 1057 ASP A OD2 1 
ATOM   672  N  N   . GLY A 1 134 ? -4.875  0.764   9.597   1.00 31.13  ? 1058 GLY A N   1 
ATOM   673  C  CA  . GLY A 1 134 ? -3.825  0.728   8.569   1.00 34.72  ? 1058 GLY A CA  1 
ATOM   674  C  C   . GLY A 1 134 ? -2.477  0.886   9.199   1.00 36.90  ? 1058 GLY A C   1 
ATOM   675  O  O   . GLY A 1 134 ? -1.471  0.416   8.674   1.00 30.32  ? 1058 GLY A O   1 
ATOM   676  N  N   . TYR A 1 135 ? -2.426  1.589   10.337  1.00 33.28  ? 1059 TYR A N   1 
ATOM   677  C  CA  . TYR A 1 135 ? -1.128  1.794   11.027  1.00 33.18  ? 1059 TYR A CA  1 
ATOM   678  C  C   . TYR A 1 135 ? -0.590  0.520   11.605  1.00 31.30  ? 1059 TYR A C   1 
ATOM   679  O  O   . TYR A 1 135 ? 0.583   0.184   11.450  1.00 30.51  ? 1059 TYR A O   1 
ATOM   680  C  CB  . TYR A 1 135 ? -1.232  2.860   12.134  1.00 31.97  ? 1059 TYR A CB  1 
ATOM   681  C  CG  . TYR A 1 135 ? -1.802  4.160   11.626  1.00 34.21  ? 1059 TYR A CG  1 
ATOM   682  C  CD1 . TYR A 1 135 ? -1.086  4.953   10.744  1.00 35.81  ? 1059 TYR A CD1 1 
ATOM   683  C  CD2 . TYR A 1 135 ? -3.078  4.569   11.974  1.00 38.45  ? 1059 TYR A CD2 1 
ATOM   684  C  CE1 . TYR A 1 135 ? -1.606  6.141   10.275  1.00 38.30  ? 1059 TYR A CE1 1 
ATOM   685  C  CE2 . TYR A 1 135 ? -3.614  5.756   11.502  1.00 40.99  ? 1059 TYR A CE2 1 
ATOM   686  C  CZ  . TYR A 1 135 ? -2.885  6.528   10.662  1.00 42.01  ? 1059 TYR A CZ  1 
ATOM   687  O  OH  . TYR A 1 135 ? -3.421  7.702   10.189  1.00 45.51  ? 1059 TYR A OH  1 
ATOM   688  N  N   . GLU A 1 136 ? -1.463  -0.178  12.345  1.00 33.31  ? 1060 GLU A N   1 
ATOM   689  C  CA  . GLU A 1 136 ? -1.099  -1.432  12.960  1.00 31.48  ? 1060 GLU A CA  1 
ATOM   690  C  C   . GLU A 1 136 ? -0.745  -2.514  11.938  1.00 31.54  ? 1060 GLU A C   1 
ATOM   691  O  O   . GLU A 1 136 ? 0.199   -3.312  12.155  1.00 30.81  ? 1060 GLU A O   1 
ATOM   692  C  CB  . GLU A 1 136 ? -2.222  -1.916  13.875  1.00 37.80  ? 1060 GLU A CB  1 
ATOM   693  C  CG  . GLU A 1 136 ? -1.878  -3.131  14.705  1.00 43.85  ? 1060 GLU A CG  1 
ATOM   694  C  CD  . GLU A 1 136 ? -3.086  -3.643  15.535  1.00 47.54  ? 1060 GLU A CD  1 
ATOM   695  O  OE1 . GLU A 1 136 ? -4.178  -3.063  15.433  1.00 49.47  ? 1060 GLU A OE1 1 
ATOM   696  O  OE2 . GLU A 1 136 ? -2.946  -4.616  16.261  1.00 48.41  ? 1060 GLU A OE2 1 
ATOM   697  N  N   . ALA A 1 137 ? -1.527  -2.590  10.872  1.00 30.91  ? 1061 ALA A N   1 
ATOM   698  C  CA  . ALA A 1 137 ? -1.234  -3.539  9.783   1.00 30.59  ? 1061 ALA A CA  1 
ATOM   699  C  C   . ALA A 1 137 ? 0.117   -3.274  9.142   1.00 29.11  ? 1061 ALA A C   1 
ATOM   700  O  O   . ALA A 1 137 ? 0.862   -4.200  8.859   1.00 28.33  ? 1061 ALA A O   1 
ATOM   701  C  CB  . ALA A 1 137 ? -2.316  -3.385  8.727   1.00 31.00  ? 1061 ALA A CB  1 
ATOM   702  N  N   . THR A 1 138 ? 0.415   -1.993  8.882   1.00 27.16  ? 1062 THR A N   1 
ATOM   703  C  CA  . THR A 1 138 ? 1.683   -1.627  8.326   1.00 28.49  ? 1062 THR A CA  1 
ATOM   704  C  C   . THR A 1 138 ? 2.821   -1.915  9.269   1.00 29.04  ? 1062 THR A C   1 
ATOM   705  O  O   . THR A 1 138 ? 3.814   -2.501  8.855   1.00 30.48  ? 1062 THR A O   1 
ATOM   706  C  CB  . THR A 1 138 ? 1.717   -0.132  7.935   1.00 31.40  ? 1062 THR A CB  1 
ATOM   707  O  OG1 . THR A 1 138 ? 0.647   0.131   7.013   1.00 33.84  ? 1062 THR A OG1 1 
ATOM   708  C  CG2 . THR A 1 138 ? 3.034   0.171   7.279   1.00 39.35  ? 1062 THR A CG2 1 
ATOM   709  N  N   . ARG A 1 139 ? 2.630   -1.619  10.562  1.00 28.53  ? 1063 ARG A N   1 
ATOM   710  C  CA  . ARG A 1 139 ? 3.624   -2.004  11.540  1.00 32.79  ? 1063 ARG A CA  1 
ATOM   711  C  C   . ARG A 1 139 ? 3.870   -3.509  11.538  1.00 30.81  ? 1063 ARG A C   1 
ATOM   712  O  O   . ARG A 1 139 ? 5.021   -3.942  11.555  1.00 29.34  ? 1063 ARG A O   1 
ATOM   713  C  CB  . ARG A 1 139 ? 3.233   -1.520  12.957  1.00 39.71  ? 1063 ARG A CB  1 
ATOM   714  C  CG  . ARG A 1 139 ? 4.380   -1.252  13.920  1.00 51.47  ? 1063 ARG A CG  1 
ATOM   715  C  CD  . ARG A 1 139 ? 3.963   -0.209  15.012  1.00 69.26  ? 1063 ARG A CD  1 
ATOM   716  N  NE  . ARG A 1 139 ? 2.487   -0.107  15.223  1.00 74.59  ? 1063 ARG A NE  1 
ATOM   717  C  CZ  . ARG A 1 139 ? 1.693   0.976   15.036  1.00 83.67  ? 1063 ARG A CZ  1 
ATOM   718  N  NH1 . ARG A 1 139 ? 2.162   2.177   14.660  1.00 89.76  ? 1063 ARG A NH1 1 
ATOM   719  N  NH2 . ARG A 1 139 ? 0.372   0.863   15.259  1.00 82.13  ? 1063 ARG A NH2 1 
ATOM   720  N  N   . GLU A 1 140 ? 2.810   -4.305  11.466  1.00 29.12  ? 1064 GLU A N   1 
ATOM   721  C  CA  . GLU A 1 140 ? 2.997   -5.752  11.458  1.00 30.52  ? 1064 GLU A CA  1 
ATOM   722  C  C   . GLU A 1 140 ? 3.629   -6.271  10.174  1.00 29.40  ? 1064 GLU A C   1 
ATOM   723  O  O   . GLU A 1 140 ? 4.453   -7.208  10.222  1.00 28.46  ? 1064 GLU A O   1 
ATOM   724  C  CB  . GLU A 1 140 ? 1.715   -6.481  11.779  1.00 35.53  ? 1064 GLU A CB  1 
ATOM   725  C  CG  . GLU A 1 140 ? 1.283   -6.188  13.206  1.00 43.95  ? 1064 GLU A CG  1 
ATOM   726  C  CD  . GLU A 1 140 ? 2.383   -6.519  14.232  1.00 52.36  ? 1064 GLU A CD  1 
ATOM   727  O  OE1 . GLU A 1 140 ? 2.985   -7.667  14.083  1.00 37.61  ? 1064 GLU A OE1 1 
ATOM   728  O  OE2 . GLU A 1 140 ? 2.684   -5.581  15.063  1.00 49.90  ? 1064 GLU A OE2 1 
ATOM   729  N  N   . ILE A 1 141 ? 3.228   -5.679  9.052   1.00 29.61  ? 1065 ILE A N   1 
ATOM   730  C  CA  . ILE A 1 141 ? 3.871   -5.977  7.771   1.00 29.25  ? 1065 ILE A CA  1 
ATOM   731  C  C   . ILE A 1 141 ? 5.401   -5.734  7.851   1.00 29.43  ? 1065 ILE A C   1 
ATOM   732  O  O   . ILE A 1 141 ? 6.170   -6.600  7.440   1.00 28.63  ? 1065 ILE A O   1 
ATOM   733  C  CB  . ILE A 1 141 ? 3.199   -5.211  6.619   1.00 30.52  ? 1065 ILE A CB  1 
ATOM   734  C  CG1 . ILE A 1 141 ? 1.800   -5.838  6.352   1.00 29.66  ? 1065 ILE A CG1 1 
ATOM   735  C  CG2 . ILE A 1 141 ? 4.084   -5.338  5.385   1.00 31.70  ? 1065 ILE A CG2 1 
ATOM   736  C  CD1 . ILE A 1 141 ? 0.828   -4.990  5.480   1.00 27.84  ? 1065 ILE A CD1 1 
ATOM   737  N  N   . ARG A 1 142 ? 5.841   -4.608  8.414   1.00 29.64  ? 1066 ARG A N   1 
ATOM   738  C  CA  . ARG A 1 142 ? 7.281   -4.309  8.502   1.00 32.87  ? 1066 ARG A CA  1 
ATOM   739  C  C   . ARG A 1 142 ? 7.982   -5.354  9.370   1.00 33.53  ? 1066 ARG A C   1 
ATOM   740  O  O   . ARG A 1 142 ? 9.079   -5.854  9.042   1.00 32.81  ? 1066 ARG A O   1 
ATOM   741  C  CB  . ARG A 1 142 ? 7.500   -2.917  9.079   1.00 31.18  ? 1066 ARG A CB  1 
ATOM   742  C  CG  . ARG A 1 142 ? 6.915   -1.787  8.235   1.00 33.52  ? 1066 ARG A CG  1 
ATOM   743  C  CD  . ARG A 1 142 ? 7.712   -1.609  7.038   1.00 36.11  ? 1066 ARG A CD  1 
ATOM   744  N  NE  . ARG A 1 142 ? 7.295   -0.527  6.181   1.00 32.71  ? 1066 ARG A NE  1 
ATOM   745  C  CZ  . ARG A 1 142 ? 7.072   -0.629  4.881   1.00 31.06  ? 1066 ARG A CZ  1 
ATOM   746  N  NH1 . ARG A 1 142 ? 7.190   -1.799  4.252   1.00 29.41  ? 1066 ARG A NH1 1 
ATOM   747  N  NH2 . ARG A 1 142 ? 6.702   0.446   4.206   1.00 31.28  ? 1066 ARG A NH2 1 
ATOM   748  N  N   . LYS A 1 143 ? 7.294   -5.809  10.407  1.00 30.02  ? 1067 LYS A N   1 
ATOM   749  C  CA  . LYS A 1 143 ? 7.878   -6.855  11.225  1.00 37.13  ? 1067 LYS A CA  1 
ATOM   750  C  C   . LYS A 1 143 ? 7.965   -8.172  10.489  1.00 34.57  ? 1067 LYS A C   1 
ATOM   751  O  O   . LYS A 1 143 ? 9.018   -8.790  10.548  1.00 36.05  ? 1067 LYS A O   1 
ATOM   752  C  CB  . LYS A 1 143 ? 7.144   -7.021  12.525  1.00 41.22  ? 1067 LYS A CB  1 
ATOM   753  C  CG  . LYS A 1 143 ? 7.273   -5.797  13.405  1.00 51.59  ? 1067 LYS A CG  1 
ATOM   754  C  CD  . LYS A 1 143 ? 6.473   -5.964  14.697  1.00 63.01  ? 1067 LYS A CD  1 
ATOM   755  C  CE  . LYS A 1 143 ? 6.446   -4.643  15.470  1.00 72.51  ? 1067 LYS A CE  1 
ATOM   756  N  NZ  . LYS A 1 143 ? 5.440   -4.646  16.569  1.00 81.67  ? 1067 LYS A NZ  1 
ATOM   757  N  N   . VAL A 1 144 ? 6.957   -8.564  9.704   1.00 34.25  ? 1068 VAL A N   1 
ATOM   758  C  CA  . VAL A 1 144 ? 7.089   -9.784  8.857   1.00 32.77  ? 1068 VAL A CA  1 
ATOM   759  C  C   . VAL A 1 144 ? 8.224   -9.684  7.840   1.00 35.61  ? 1068 VAL A C   1 
ATOM   760  O  O   . VAL A 1 144 ? 8.932   -10.695 7.552   1.00 32.32  ? 1068 VAL A O   1 
ATOM   761  C  CB  . VAL A 1 144 ? 5.760   -10.062 8.113   1.00 32.08  ? 1068 VAL A CB  1 
ATOM   762  C  CG1 . VAL A 1 144 ? 5.925   -11.198 7.133   1.00 33.30  ? 1068 VAL A CG1 1 
ATOM   763  C  CG2 . VAL A 1 144 ? 4.655   -10.317 9.142   1.00 32.00  ? 1068 VAL A CG2 1 
ATOM   764  N  N   . GLU A 1 145 ? 8.397   -8.480  7.282   1.00 30.18  ? 1069 GLU A N   1 
ATOM   765  C  CA  . GLU A 1 145 ? 9.384   -8.253  6.237   1.00 32.29  ? 1069 GLU A CA  1 
ATOM   766  C  C   . GLU A 1 145 ? 10.822  -8.416  6.685   1.00 37.58  ? 1069 GLU A C   1 
ATOM   767  O  O   . GLU A 1 145 ? 11.692  -8.707  5.843   1.00 34.24  ? 1069 GLU A O   1 
ATOM   768  C  CB  . GLU A 1 145 ? 9.289   -6.851  5.675   1.00 32.61  ? 1069 GLU A CB  1 
ATOM   769  C  CG  . GLU A 1 145 ? 8.148   -6.653  4.710   1.00 34.53  ? 1069 GLU A CG  1 
ATOM   770  C  CD  . GLU A 1 145 ? 7.938   -5.197  4.316   1.00 34.54  ? 1069 GLU A CD  1 
ATOM   771  O  OE1 . GLU A 1 145 ? 8.270   -4.232  5.061   1.00 35.53  ? 1069 GLU A OE1 1 
ATOM   772  O  OE2 . GLU A 1 145 ? 7.337   -5.016  3.246   1.00 35.29  ? 1069 GLU A OE2 1 
ATOM   773  N  N   . LYS A 1 146 ? 11.080  -8.180  7.975   1.00 44.50  ? 1070 LYS A N   1 
ATOM   774  C  CA  . LYS A 1 146 ? 12.457  -8.120  8.520   1.00 50.21  ? 1070 LYS A CA  1 
ATOM   775  C  C   . LYS A 1 146 ? 13.195  -9.387  8.185   1.00 49.70  ? 1070 LYS A C   1 
ATOM   776  O  O   . LYS A 1 146 ? 14.332  -9.335  7.793   1.00 60.38  ? 1070 LYS A O   1 
ATOM   777  C  CB  . LYS A 1 146 ? 12.483  -7.934  10.053  1.00 51.60  ? 1070 LYS A CB  1 
ATOM   778  C  CG  . LYS A 1 146 ? 12.576  -6.503  10.584  1.00 65.78  ? 1070 LYS A CG  1 
ATOM   779  C  CD  . LYS A 1 146 ? 12.706  -6.555  12.127  1.00 85.52  ? 1070 LYS A CD  1 
ATOM   780  C  CE  . LYS A 1 146 ? 12.578  -5.208  12.865  1.00 96.16  ? 1070 LYS A CE  1 
ATOM   781  N  NZ  . LYS A 1 146 ? 11.603  -5.231  14.015  1.00 86.59  ? 1070 LYS A NZ  1 
ATOM   782  N  N   . SER A 1 147 ? 12.512  -10.521 8.286   1.00 49.18  ? 1071 SER A N   1 
ATOM   783  C  CA  . SER A 1 147 ? 13.138  -11.795 8.056   1.00 49.77  ? 1071 SER A CA  1 
ATOM   784  C  C   . SER A 1 147 ? 13.466  -12.055 6.576   1.00 55.29  ? 1071 SER A C   1 
ATOM   785  O  O   . SER A 1 147 ? 14.155  -13.015 6.250   1.00 52.26  ? 1071 SER A O   1 
ATOM   786  C  CB  . SER A 1 147 ? 12.266  -12.900 8.694   1.00 50.06  ? 1071 SER A CB  1 
ATOM   787  O  OG  . SER A 1 147 ? 11.377  -13.442 7.789   1.00 58.53  ? 1071 SER A OG  1 
ATOM   788  N  N   . TYR A 1 148 ? 12.953  -11.232 5.657   1.00 46.58  ? 1072 TYR A N   1 
ATOM   789  C  CA  . TYR A 1 148 ? 13.249  -11.413 4.241   1.00 41.53  ? 1072 TYR A CA  1 
ATOM   790  C  C   . TYR A 1 148 ? 14.196  -10.369 3.724   1.00 39.62  ? 1072 TYR A C   1 
ATOM   791  O  O   . TYR A 1 148 ? 14.627  -10.466 2.598   1.00 46.60  ? 1072 TYR A O   1 
ATOM   792  C  CB  . TYR A 1 148 ? 11.959  -11.365 3.409   1.00 39.55  ? 1072 TYR A CB  1 
ATOM   793  C  CG  . TYR A 1 148 ? 10.993  -12.390 3.808   1.00 35.10  ? 1072 TYR A CG  1 
ATOM   794  C  CD1 . TYR A 1 148 ? 11.117  -13.667 3.357   1.00 33.54  ? 1072 TYR A CD1 1 
ATOM   795  C  CD2 . TYR A 1 148 ? 9.978   -12.109 4.752   1.00 34.19  ? 1072 TYR A CD2 1 
ATOM   796  C  CE1 . TYR A 1 148 ? 10.198  -14.620 3.702   1.00 39.54  ? 1072 TYR A CE1 1 
ATOM   797  C  CE2 . TYR A 1 148 ? 9.121   -13.091 5.137   1.00 36.31  ? 1072 TYR A CE2 1 
ATOM   798  C  CZ  . TYR A 1 148 ? 9.243   -14.361 4.595   1.00 31.99  ? 1072 TYR A CZ  1 
ATOM   799  O  OH  . TYR A 1 148 ? 8.351   -15.355 4.994   1.00 40.80  ? 1072 TYR A OH  1 
ATOM   800  N  N   . GLY A 1 149 ? 14.452  -9.325  4.504   1.00 40.48  ? 1073 GLY A N   1 
ATOM   801  C  CA  . GLY A 1 149 ? 15.320  -8.272  4.069   1.00 41.06  ? 1073 GLY A CA  1 
ATOM   802  C  C   . GLY A 1 149 ? 14.707  -7.459  2.920   1.00 48.34  ? 1073 GLY A C   1 
ATOM   803  O  O   . GLY A 1 149 ? 15.447  -6.975  2.098   1.00 41.92  ? 1073 GLY A O   1 
ATOM   804  N  N   . VAL A 1 150 ? 13.377  -7.274  2.886   1.00 42.55  ? 1074 VAL A N   1 
ATOM   805  C  CA  . VAL A 1 150 ? 12.705  -6.465  1.844   1.00 41.46  ? 1074 VAL A CA  1 
ATOM   806  C  C   . VAL A 1 150 ? 11.897  -5.389  2.509   1.00 37.28  ? 1074 VAL A C   1 
ATOM   807  O  O   . VAL A 1 150 ? 11.742  -5.385  3.743   1.00 39.47  ? 1074 VAL A O   1 
ATOM   808  C  CB  . VAL A 1 150 ? 11.775  -7.263  0.944   1.00 42.68  ? 1074 VAL A CB  1 
ATOM   809  C  CG1 . VAL A 1 150 ? 12.526  -8.347  0.206   1.00 39.68  ? 1074 VAL A CG1 1 
ATOM   810  C  CG2 . VAL A 1 150 ? 10.588  -7.837  1.754   1.00 47.00  ? 1074 VAL A CG2 1 
ATOM   811  N  N   . ARG A 1 151 ? 11.435  -4.432  1.704   1.00 33.04  ? 1075 ARG A N   1 
ATOM   812  C  CA  . ARG A 1 151 ? 10.552  -3.371  2.186   1.00 32.94  ? 1075 ARG A CA  1 
ATOM   813  C  C   . ARG A 1 151 ? 9.535   -2.979  1.074   1.00 32.59  ? 1075 ARG A C   1 
ATOM   814  O  O   . ARG A 1 151 ? 9.915   -2.411  0.050   1.00 34.61  ? 1075 ARG A O   1 
ATOM   815  C  CB  . ARG A 1 151 ? 11.355  -2.146  2.619   1.00 36.03  ? 1075 ARG A CB  1 
ATOM   816  C  CG  . ARG A 1 151 ? 10.565  -1.087  3.355   1.00 37.92  ? 1075 ARG A CG  1 
ATOM   817  C  CD  . ARG A 1 151 ? 11.347  0.202   3.439   1.00 42.88  ? 1075 ARG A CD  1 
ATOM   818  N  NE  . ARG A 1 151 ? 10.460  1.312   3.755   1.00 40.20  ? 1075 ARG A NE  1 
ATOM   819  C  CZ  . ARG A 1 151 ? 10.081  1.703   4.971   1.00 45.47  ? 1075 ARG A CZ  1 
ATOM   820  N  NH1 . ARG A 1 151 ? 10.510  1.117   6.082   1.00 50.80  ? 1075 ARG A NH1 1 
ATOM   821  N  NH2 . ARG A 1 151 ? 9.250   2.729   5.074   1.00 54.90  ? 1075 ARG A NH2 1 
ATOM   822  N  N   . THR A 1 152 ? 8.266   -3.295  1.281   1.00 27.09  ? 1076 THR A N   1 
ATOM   823  C  CA  . THR A 1 152 ? 7.226   -2.981  0.311   1.00 30.12  ? 1076 THR A CA  1 
ATOM   824  C  C   . THR A 1 152 ? 6.902   -1.504  0.511   1.00 29.09  ? 1076 THR A C   1 
ATOM   825  O  O   . THR A 1 152 ? 6.729   -1.071  1.671   1.00 29.67  ? 1076 THR A O   1 
ATOM   826  C  CB  . THR A 1 152 ? 5.972   -3.771  0.658   1.00 31.49  ? 1076 THR A CB  1 
ATOM   827  O  OG1 . THR A 1 152 ? 6.319   -5.166  0.757   1.00 32.04  ? 1076 THR A OG1 1 
ATOM   828  C  CG2 . THR A 1 152 ? 4.905   -3.546  -0.395  1.00 30.24  ? 1076 THR A CG2 1 
ATOM   829  N  N   . PRO A 1 153 ? 6.801   -0.732  -0.579  1.00 34.60  ? 1077 PRO A N   1 
ATOM   830  C  CA  . PRO A 1 153 ? 6.256   0.634   -0.490  1.00 34.04  ? 1077 PRO A CA  1 
ATOM   831  C  C   . PRO A 1 153 ? 4.810   0.587   -0.023  1.00 31.04  ? 1077 PRO A C   1 
ATOM   832  O  O   . PRO A 1 153 ? 4.049   -0.081  -0.651  1.00 29.26  ? 1077 PRO A O   1 
ATOM   833  C  CB  . PRO A 1 153 ? 6.327   1.136   -1.940  1.00 37.75  ? 1077 PRO A CB  1 
ATOM   834  C  CG  . PRO A 1 153 ? 7.448   0.340   -2.576  1.00 35.70  ? 1077 PRO A CG  1 
ATOM   835  C  CD  . PRO A 1 153 ? 7.348   -1.028  -1.923  1.00 37.27  ? 1077 PRO A CD  1 
ATOM   836  N  N   . ILE A 1 154 ? 4.475   1.284   1.063   1.00 30.03  ? 1078 ILE A N   1 
ATOM   837  C  CA  . ILE A 1 154 ? 3.165   1.327   1.588   1.00 31.91  ? 1078 ILE A CA  1 
ATOM   838  C  C   . ILE A 1 154 ? 2.713   2.780   1.669   1.00 31.18  ? 1078 ILE A C   1 
ATOM   839  O  O   . ILE A 1 154 ? 3.318   3.599   2.341   1.00 31.91  ? 1078 ILE A O   1 
ATOM   840  C  CB  . ILE A 1 154 ? 3.106   0.654   2.961   1.00 32.42  ? 1078 ILE A CB  1 
ATOM   841  C  CG1 . ILE A 1 154 ? 3.486   -0.842  2.839   1.00 34.40  ? 1078 ILE A CG1 1 
ATOM   842  C  CG2 . ILE A 1 154 ? 1.733   0.842   3.603   1.00 28.92  ? 1078 ILE A CG2 1 
ATOM   843  C  CD1 . ILE A 1 154 ? 3.591   -1.599  4.148   1.00 33.32  ? 1078 ILE A CD1 1 
ATOM   844  N  N   . ILE A 1 155 ? 1.620   3.056   0.989   1.00 32.85  ? 1079 ILE A N   1 
ATOM   845  C  CA  . ILE A 1 155 ? 1.031   4.408   0.883   1.00 30.70  ? 1079 ILE A CA  1 
ATOM   846  C  C   . ILE A 1 155 ? -0.229  4.478   1.679   1.00 30.71  ? 1079 ILE A C   1 
ATOM   847  O  O   . ILE A 1 155 ? -1.197  3.753   1.395   1.00 34.23  ? 1079 ILE A O   1 
ATOM   848  C  CB  . ILE A 1 155 ? 0.792   4.770   -0.594  1.00 30.44  ? 1079 ILE A CB  1 
ATOM   849  C  CG1 . ILE A 1 155 ? 2.123   4.720   -1.339  1.00 33.97  ? 1079 ILE A CG1 1 
ATOM   850  C  CG2 . ILE A 1 155 ? 0.130   6.137   -0.726  1.00 33.36  ? 1079 ILE A CG2 1 
ATOM   851  C  CD1 . ILE A 1 155 ? 2.303   3.621   -2.330  1.00 37.35  ? 1079 ILE A CD1 1 
ATOM   852  N  N   . ALA A 1 156 ? -0.180  5.222   2.782   1.00 29.03  ? 1080 ALA A N   1 
ATOM   853  C  CA  . ALA A 1 156 ? -1.386  5.549   3.609   1.00 31.90  ? 1080 ALA A CA  1 
ATOM   854  C  C   . ALA A 1 156 ? -2.410  6.331   2.762   1.00 34.31  ? 1080 ALA A C   1 
ATOM   855  O  O   . ALA A 1 156 ? -2.038  7.250   1.985   1.00 40.33  ? 1080 ALA A O   1 
ATOM   856  C  CB  . ALA A 1 156 ? -0.977  6.386   4.800   1.00 36.82  ? 1080 ALA A CB  1 
ATOM   857  N  N   . VAL A 1 157 ? -3.654  5.899   2.810   1.00 33.68  ? 1081 VAL A N   1 
ATOM   858  C  CA  . VAL A 1 157 ? -4.743  6.538   2.114   1.00 39.78  ? 1081 VAL A CA  1 
ATOM   859  C  C   . VAL A 1 157 ? -5.750  6.985   3.236   1.00 39.04  ? 1081 VAL A C   1 
ATOM   860  O  O   . VAL A 1 157 ? -6.159  6.209   4.092   1.00 39.92  ? 1081 VAL A O   1 
ATOM   861  C  CB  . VAL A 1 157 ? -5.362  5.569   1.074   1.00 43.36  ? 1081 VAL A CB  1 
ATOM   862  C  CG1 . VAL A 1 157 ? -6.570  6.196   0.469   1.00 51.45  ? 1081 VAL A CG1 1 
ATOM   863  C  CG2 . VAL A 1 157 ? -4.376  5.236   -0.062  1.00 44.76  ? 1081 VAL A CG2 1 
ATOM   864  N  N   . SER A 1 158 ? -6.115  8.255   3.238   1.00 48.93  ? 1082 SER A N   1 
ATOM   865  C  CA  . SER A 1 158 ? -7.165  8.792   4.122   1.00 44.53  ? 1082 SER A CA  1 
ATOM   866  C  C   . SER A 1 158 ? -8.041  9.899   3.465   1.00 41.92  ? 1082 SER A C   1 
ATOM   867  O  O   . SER A 1 158 ? -7.625  10.614  2.544   1.00 40.98  ? 1082 SER A O   1 
ATOM   868  C  CB  . SER A 1 158 ? -6.546  9.377   5.382   1.00 51.51  ? 1082 SER A CB  1 
ATOM   869  O  OG  . SER A 1 158 ? -7.554  9.534   6.375   1.00 60.67  ? 1082 SER A OG  1 
ATOM   870  N  N   . GLY A 1 159 ? -9.231  10.048  4.019   1.00 51.08  ? 1083 GLY A N   1 
ATOM   871  C  CA  . GLY A 1 159 ? -10.206 11.019  3.540   1.00 52.88  ? 1083 GLY A CA  1 
ATOM   872  C  C   . GLY A 1 159 ? -9.865  12.387  4.066   1.00 57.04  ? 1083 GLY A C   1 
ATOM   873  O  O   . GLY A 1 159 ? -10.325 13.354  3.493   1.00 59.13  ? 1083 GLY A O   1 
ATOM   874  N  N   . HIS A 1 160 ? -9.035  12.476  5.116   1.00 51.30  ? 1084 HIS A N   1 
ATOM   875  C  CA  . HIS A 1 160 ? -8.566  13.762  5.635   1.00 63.79  ? 1084 HIS A CA  1 
ATOM   876  C  C   . HIS A 1 160 ? -7.062  13.781  5.878   1.00 71.11  ? 1084 HIS A C   1 
ATOM   877  O  O   . HIS A 1 160 ? -6.437  12.730  6.107   1.00 61.56  ? 1084 HIS A O   1 
ATOM   878  C  CB  . HIS A 1 160 ? -9.292  14.099  6.935   1.00 64.11  ? 1084 HIS A CB  1 
ATOM   879  C  CG  . HIS A 1 160 ? -9.371  12.944  7.872   1.00 66.54  ? 1084 HIS A CG  1 
ATOM   880  N  ND1 . HIS A 1 160 ? -8.407  12.692  8.828   1.00 73.05  ? 1084 HIS A ND1 1 
ATOM   881  C  CD2 . HIS A 1 160 ? -10.259 11.930  7.951   1.00 65.12  ? 1084 HIS A CD2 1 
ATOM   882  C  CE1 . HIS A 1 160 ? -8.737  11.605  9.498   1.00 67.13  ? 1084 HIS A CE1 1 
ATOM   883  N  NE2 . HIS A 1 160 ? -9.849  11.117  8.977   1.00 70.92  ? 1084 HIS A NE2 1 
ATOM   884  N  N   . ASP A 1 161 ? -6.506  15.000  5.834   1.00 70.82  ? 1085 ASP A N   1 
ATOM   885  C  CA  . ASP A 1 161 ? -5.129  15.261  6.223   1.00 68.80  ? 1085 ASP A CA  1 
ATOM   886  C  C   . ASP A 1 161 ? -4.963  14.760  7.668   1.00 57.26  ? 1085 ASP A C   1 
ATOM   887  O  O   . ASP A 1 161 ? -5.887  14.857  8.481   1.00 57.97  ? 1085 ASP A O   1 
ATOM   888  C  CB  . ASP A 1 161 ? -4.774  16.760  6.089   1.00 76.60  ? 1085 ASP A CB  1 
ATOM   889  C  CG  . ASP A 1 161 ? -4.701  17.250  4.606   1.00 92.57  ? 1085 ASP A CG  1 
ATOM   890  O  OD1 . ASP A 1 161 ? -5.198  16.552  3.687   1.00 112.59 ? 1085 ASP A OD1 1 
ATOM   891  O  OD2 . ASP A 1 161 ? -4.138  18.348  4.353   1.00 96.19  ? 1085 ASP A OD2 1 
ATOM   892  N  N   . PRO A 1 162 ? -3.819  14.118  7.971   1.00 60.74  ? 1086 PRO A N   1 
ATOM   893  C  CA  . PRO A 1 162 ? -3.616  13.621  9.345   1.00 59.71  ? 1086 PRO A CA  1 
ATOM   894  C  C   . PRO A 1 162 ? -3.408  14.761  10.366  1.00 55.05  ? 1086 PRO A C   1 
ATOM   895  O  O   . PRO A 1 162 ? -2.819  15.791  10.032  1.00 50.24  ? 1086 PRO A O   1 
ATOM   896  C  CB  . PRO A 1 162 ? -2.349  12.744  9.249   1.00 61.01  ? 1086 PRO A CB  1 
ATOM   897  C  CG  . PRO A 1 162 ? -1.655  13.187  8.015   1.00 62.22  ? 1086 PRO A CG  1 
ATOM   898  C  CD  . PRO A 1 162 ? -2.703  13.771  7.084   1.00 60.44  ? 1086 PRO A CD  1 
ATOM   899  N  N   . GLY A 1 163 ? -3.910  14.533  11.572  1.00 58.53  ? 1087 GLY A N   1 
ATOM   900  C  CA  . GLY A 1 163 ? -3.610  15.350  12.724  1.00 65.31  ? 1087 GLY A CA  1 
ATOM   901  C  C   . GLY A 1 163 ? -2.249  14.932  13.231  1.00 64.86  ? 1087 GLY A C   1 
ATOM   902  O  O   . GLY A 1 163 ? -1.548  14.088  12.615  1.00 51.46  ? 1087 GLY A O   1 
ATOM   903  N  N   . SER A 1 164 ? -1.885  15.538  14.350  1.00 57.64  ? 1088 SER A N   1 
ATOM   904  C  CA  . SER A 1 164 ? -0.584  15.312  14.983  1.00 56.07  ? 1088 SER A CA  1 
ATOM   905  C  C   . SER A 1 164 ? -0.399  13.880  15.403  1.00 49.32  ? 1088 SER A C   1 
ATOM   906  O  O   . SER A 1 164 ? 0.681   13.279  15.174  1.00 43.67  ? 1088 SER A O   1 
ATOM   907  C  CB  . SER A 1 164 ? -0.403  16.245  16.191  1.00 53.93  ? 1088 SER A CB  1 
ATOM   908  O  OG  . SER A 1 164 ? -0.050  17.509  15.669  1.00 54.74  ? 1088 SER A OG  1 
ATOM   909  N  N   . GLU A 1 165 ? -1.451  13.319  15.979  1.00 46.10  ? 1089 GLU A N   1 
ATOM   910  C  CA  . GLU A 1 165 ? -1.392  11.930  16.422  1.00 53.34  ? 1089 GLU A CA  1 
ATOM   911  C  C   . GLU A 1 165 ? -1.334  10.928  15.236  1.00 44.65  ? 1089 GLU A C   1 
ATOM   912  O  O   . GLU A 1 165 ? -0.554  9.987   15.249  1.00 47.75  ? 1089 GLU A O   1 
ATOM   913  C  CB  . GLU A 1 165 ? -2.557  11.606  17.358  1.00 57.27  ? 1089 GLU A CB  1 
ATOM   914  C  CG  . GLU A 1 165 ? -2.630  10.140  17.845  1.00 65.51  ? 1089 GLU A CG  1 
ATOM   915  C  CD  . GLU A 1 165 ? -1.306  9.466   18.271  1.00 68.45  ? 1089 GLU A CD  1 
ATOM   916  O  OE1 . GLU A 1 165 ? -0.246  10.122  18.439  1.00 75.89  ? 1089 GLU A OE1 1 
ATOM   917  O  OE2 . GLU A 1 165 ? -1.335  8.222   18.434  1.00 67.34  ? 1089 GLU A OE2 1 
ATOM   918  N  N   . GLU A 1 166 ? -2.152  11.150  14.227  1.00 46.48  ? 1090 GLU A N   1 
ATOM   919  C  CA  . GLU A 1 166 ? -2.102  10.284  13.044  1.00 50.75  ? 1090 GLU A CA  1 
ATOM   920  C  C   . GLU A 1 166 ? -0.763  10.404  12.330  1.00 46.69  ? 1090 GLU A C   1 
ATOM   921  O  O   . GLU A 1 166 ? -0.194  9.385   11.906  1.00 46.43  ? 1090 GLU A O   1 
ATOM   922  C  CB  . GLU A 1 166 ? -3.206  10.666  12.081  1.00 52.01  ? 1090 GLU A CB  1 
ATOM   923  C  CG  . GLU A 1 166 ? -4.596  10.436  12.641  1.00 58.32  ? 1090 GLU A CG  1 
ATOM   924  C  CD  . GLU A 1 166 ? -5.622  11.328  11.984  1.00 61.75  ? 1090 GLU A CD  1 
ATOM   925  O  OE1 . GLU A 1 166 ? -5.500  12.570  12.047  1.00 72.27  ? 1090 GLU A OE1 1 
ATOM   926  O  OE2 . GLU A 1 166 ? -6.545  10.782  11.399  1.00 68.12  ? 1090 GLU A OE2 1 
ATOM   927  N  N   . ALA A 1 167 ? -0.257  11.642  12.222  1.00 40.66  ? 1091 ALA A N   1 
ATOM   928  C  CA  . ALA A 1 167 ? 1.035   11.912  11.618  1.00 41.74  ? 1091 ALA A CA  1 
ATOM   929  C  C   . ALA A 1 167 ? 2.146   11.135  12.309  1.00 38.50  ? 1091 ALA A C   1 
ATOM   930  O  O   . ALA A 1 167 ? 2.960   10.420  11.686  1.00 35.77  ? 1091 ALA A O   1 
ATOM   931  C  CB  . ALA A 1 167 ? 1.334   13.403  11.620  1.00 45.31  ? 1091 ALA A CB  1 
ATOM   932  N  N   . ARG A 1 168 ? 2.146   11.206  13.622  1.00 37.97  ? 1092 ARG A N   1 
ATOM   933  C  CA  . ARG A 1 168 ? 3.048   10.406  14.418  1.00 38.11  ? 1092 ARG A CA  1 
ATOM   934  C  C   . ARG A 1 168 ? 2.987   8.866   14.108  1.00 38.14  ? 1092 ARG A C   1 
ATOM   935  O  O   . ARG A 1 168 ? 4.042   8.219   13.919  1.00 41.70  ? 1092 ARG A O   1 
ATOM   936  C  CB  . ARG A 1 168 ? 2.774   10.682  15.901  1.00 45.73  ? 1092 ARG A CB  1 
ATOM   937  C  CG  . ARG A 1 168 ? 3.727   9.889   16.772  1.00 57.61  ? 1092 ARG A CG  1 
ATOM   938  C  CD  . ARG A 1 168 ? 3.496   10.092  18.260  1.00 67.24  ? 1092 ARG A CD  1 
ATOM   939  N  NE  . ARG A 1 168 ? 4.250   9.123   19.086  1.00 90.46  ? 1092 ARG A NE  1 
ATOM   940  C  CZ  . ARG A 1 168 ? 5.589   9.048   19.230  1.00 98.06  ? 1092 ARG A CZ  1 
ATOM   941  N  NH1 . ARG A 1 168 ? 6.429   9.858   18.576  1.00 109.11 ? 1092 ARG A NH1 1 
ATOM   942  N  NH2 . ARG A 1 168 ? 6.106   8.127   20.042  1.00 95.69  ? 1092 ARG A NH2 1 
ATOM   943  N  N   . GLU A 1 169 ? 1.751   8.351   14.068  1.00 37.29  ? 1093 GLU A N   1 
ATOM   944  C  CA  . GLU A 1 169 ? 1.437   6.943   13.806  1.00 44.12  ? 1093 GLU A CA  1 
ATOM   945  C  C   . GLU A 1 169 ? 1.917   6.537   12.401  1.00 39.65  ? 1093 GLU A C   1 
ATOM   946  O  O   . GLU A 1 169 ? 2.383   5.421   12.181  1.00 38.15  ? 1093 GLU A O   1 
ATOM   947  C  CB  . GLU A 1 169 ? -0.093  6.741   13.882  1.00 45.82  ? 1093 GLU A CB  1 
ATOM   948  C  CG  . GLU A 1 169 ? -0.671  6.681   15.300  1.00 60.35  ? 1093 GLU A CG  1 
ATOM   949  C  CD  . GLU A 1 169 ? -2.173  6.400   15.311  1.00 62.88  ? 1093 GLU A CD  1 
ATOM   950  O  OE1 . GLU A 1 169 ? -2.949  7.327   14.992  1.00 71.28  ? 1093 GLU A OE1 1 
ATOM   951  O  OE2 . GLU A 1 169 ? -2.567  5.245   15.609  1.00 73.78  ? 1093 GLU A OE2 1 
ATOM   952  N  N   . THR A 1 170 ? 1.818   7.501   11.491  1.00 37.92  ? 1094 THR A N   1 
ATOM   953  C  CA  . THR A 1 170 ? 2.271   7.362   10.120  1.00 36.41  ? 1094 THR A CA  1 
ATOM   954  C  C   . THR A 1 170 ? 3.725   7.040   10.051  1.00 40.65  ? 1094 THR A C   1 
ATOM   955  O  O   . THR A 1 170 ? 4.131   6.047   9.451   1.00 38.28  ? 1094 THR A O   1 
ATOM   956  C  CB  . THR A 1 170 ? 1.876   8.612   9.269   1.00 37.75  ? 1094 THR A CB  1 
ATOM   957  O  OG1 . THR A 1 170 ? 0.439   8.661   9.176   1.00 42.32  ? 1094 THR A OG1 1 
ATOM   958  C  CG2 . THR A 1 170 ? 2.351   8.490   7.901   1.00 42.62  ? 1094 THR A CG2 1 
ATOM   959  N  N   . ILE A 1 171 ? 4.527   7.833   10.734  1.00 41.74  ? 1095 ILE A N   1 
ATOM   960  C  CA  . ILE A 1 171 ? 5.946   7.536   10.826  1.00 39.33  ? 1095 ILE A CA  1 
ATOM   961  C  C   . ILE A 1 171 ? 6.289   6.311   11.615  1.00 38.31  ? 1095 ILE A C   1 
ATOM   962  O  O   . ILE A 1 171 ? 7.150   5.526   11.201  1.00 41.93  ? 1095 ILE A O   1 
ATOM   963  C  CB  . ILE A 1 171 ? 6.722   8.732   11.422  1.00 45.09  ? 1095 ILE A CB  1 
ATOM   964  C  CG1 . ILE A 1 171 ? 6.736   9.891   10.411  1.00 47.67  ? 1095 ILE A CG1 1 
ATOM   965  C  CG2 . ILE A 1 171 ? 8.146   8.308   11.798  1.00 47.84  ? 1095 ILE A CG2 1 
ATOM   966  C  CD1 . ILE A 1 171 ? 7.118   11.246  10.971  1.00 58.11  ? 1095 ILE A CD1 1 
ATOM   967  N  N   . GLN A 1 172 ? 5.695   6.166   12.791  1.00 44.18  ? 1096 GLN A N   1 
ATOM   968  C  CA  . GLN A 1 172 ? 5.990   5.003   13.642  1.00 48.61  ? 1096 GLN A CA  1 
ATOM   969  C  C   . GLN A 1 172 ? 5.659   3.675   12.969  1.00 45.92  ? 1096 GLN A C   1 
ATOM   970  O  O   . GLN A 1 172 ? 6.384   2.710   13.128  1.00 44.52  ? 1096 GLN A O   1 
ATOM   971  C  CB  . GLN A 1 172 ? 5.177   5.033   14.955  1.00 55.89  ? 1096 GLN A CB  1 
ATOM   972  C  CG  . GLN A 1 172 ? 5.422   6.241   15.840  1.00 63.09  ? 1096 GLN A CG  1 
ATOM   973  C  CD  . GLN A 1 172 ? 6.858   6.387   16.309  1.00 75.31  ? 1096 GLN A CD  1 
ATOM   974  O  OE1 . GLN A 1 172 ? 7.804   6.522   15.507  1.00 77.86  ? 1096 GLN A OE1 1 
ATOM   975  N  NE2 . GLN A 1 172 ? 7.030   6.408   17.629  1.00 88.03  ? 1096 GLN A NE2 1 
ATOM   976  N  N   . ALA A 1 173 ? 4.525   3.647   12.279  1.00 39.38  ? 1097 ALA A N   1 
ATOM   977  C  CA  . ALA A 1 173 ? 4.075   2.456   11.580  1.00 44.79  ? 1097 ALA A CA  1 
ATOM   978  C  C   . ALA A 1 173 ? 5.081   2.078   10.486  1.00 42.32  ? 1097 ALA A C   1 
ATOM   979  O  O   . ALA A 1 173 ? 5.258   0.914   10.242  1.00 47.00  ? 1097 ALA A O   1 
ATOM   980  C  CB  . ALA A 1 173 ? 2.650   2.626   11.028  1.00 40.51  ? 1097 ALA A CB  1 
ATOM   981  N  N   . GLY A 1 174 ? 5.766   3.051   9.866   1.00 39.04  ? 1098 GLY A N   1 
ATOM   982  C  CA  . GLY A 1 174 ? 6.635   2.791   8.760   1.00 38.79  ? 1098 GLY A CA  1 
ATOM   983  C  C   . GLY A 1 174 ? 6.039   2.918   7.366   1.00 39.09  ? 1098 GLY A C   1 
ATOM   984  O  O   . GLY A 1 174 ? 6.539   2.317   6.385   1.00 33.64  ? 1098 GLY A O   1 
ATOM   985  N  N   . MET A 1 175 ? 5.012   3.732   7.242   1.00 39.03  ? 1099 MET A N   1 
ATOM   986  C  CA  . MET A 1 175 ? 4.521   4.087   5.936   1.00 36.45  ? 1099 MET A CA  1 
ATOM   987  C  C   . MET A 1 175 ? 5.501   4.970   5.169   1.00 36.84  ? 1099 MET A C   1 
ATOM   988  O  O   . MET A 1 175 ? 6.295   5.652   5.742   1.00 37.75  ? 1099 MET A O   1 
ATOM   989  C  CB  . MET A 1 175 ? 3.188   4.754   6.051   1.00 40.05  ? 1099 MET A CB  1 
ATOM   990  C  CG  . MET A 1 175 ? 2.045   3.809   6.380   1.00 42.80  ? 1099 MET A CG  1 
ATOM   991  S  SD  . MET A 1 175 ? 0.883   4.656   7.438   1.00 42.28  ? 1099 MET A SD  1 
ATOM   992  C  CE  . MET A 1 175 ? -0.561  3.572   7.299   1.00 42.04  ? 1099 MET A CE  1 
ATOM   993  N  N   . ASP A 1 176 ? 5.439   4.892   3.848   1.00 36.68  ? 1100 ASP A N   1 
ATOM   994  C  CA  . ASP A 1 176 ? 6.357   5.551   2.929   1.00 35.25  ? 1100 ASP A CA  1 
ATOM   995  C  C   . ASP A 1 176 ? 5.863   6.910   2.444   1.00 37.17  ? 1100 ASP A C   1 
ATOM   996  O  O   . ASP A 1 176 ? 6.659   7.730   2.040   1.00 35.97  ? 1100 ASP A O   1 
ATOM   997  C  CB  . ASP A 1 176 ? 6.547   4.629   1.720   1.00 42.10  ? 1100 ASP A CB  1 
ATOM   998  C  CG  . ASP A 1 176 ? 7.338   3.397   2.087   1.00 42.99  ? 1100 ASP A CG  1 
ATOM   999  O  OD1 . ASP A 1 176 ? 8.422   3.616   2.609   1.00 50.64  ? 1100 ASP A OD1 1 
ATOM   1000 O  OD2 . ASP A 1 176 ? 6.875   2.246   2.000   1.00 39.12  ? 1100 ASP A OD2 1 
ATOM   1001 N  N   . ALA A 1 177 ? 4.547   7.071   2.402   1.00 37.67  ? 1101 ALA A N   1 
ATOM   1002 C  CA  . ALA A 1 177 ? 3.836   8.192   1.773   1.00 36.20  ? 1101 ALA A CA  1 
ATOM   1003 C  C   . ALA A 1 177 ? 2.427   8.226   2.246   1.00 38.58  ? 1101 ALA A C   1 
ATOM   1004 O  O   . ALA A 1 177 ? 1.894   7.285   2.885   1.00 38.44  ? 1101 ALA A O   1 
ATOM   1005 C  CB  . ALA A 1 177 ? 3.866   8.130   0.247   1.00 37.44  ? 1101 ALA A CB  1 
ATOM   1006 N  N   . PHE A 1 178 ? 1.760   9.308   1.906   1.00 39.73  ? 1102 PHE A N   1 
ATOM   1007 C  CA  . PHE A 1 178 ? 0.421   9.536   2.324   1.00 42.18  ? 1102 PHE A CA  1 
ATOM   1008 C  C   . PHE A 1 178 ? -0.290  10.204  1.175   1.00 41.32  ? 1102 PHE A C   1 
ATOM   1009 O  O   . PHE A 1 178 ? 0.219   11.139  0.565   1.00 47.38  ? 1102 PHE A O   1 
ATOM   1010 C  CB  . PHE A 1 178 ? 0.418   10.457  3.550   1.00 55.28  ? 1102 PHE A CB  1 
ATOM   1011 C  CG  . PHE A 1 178 ? -0.956  10.805  4.012   1.00 69.67  ? 1102 PHE A CG  1 
ATOM   1012 C  CD1 . PHE A 1 178 ? -1.697  11.823  3.375   1.00 66.58  ? 1102 PHE A CD1 1 
ATOM   1013 C  CD2 . PHE A 1 178 ? -1.560  10.079  5.099   1.00 83.61  ? 1102 PHE A CD2 1 
ATOM   1014 C  CE1 . PHE A 1 178 ? -3.018  12.100  3.790   1.00 84.30  ? 1102 PHE A CE1 1 
ATOM   1015 C  CE2 . PHE A 1 178 ? -2.860  10.380  5.533   1.00 75.25  ? 1102 PHE A CE2 1 
ATOM   1016 C  CZ  . PHE A 1 178 ? -3.592  11.377  4.858   1.00 83.26  ? 1102 PHE A CZ  1 
ATOM   1017 N  N   . LEU A 1 179 ? -1.492  9.768   0.927   1.00 39.62  ? 1103 LEU A N   1 
ATOM   1018 C  CA  . LEU A 1 179 ? -2.227  10.120  -0.242  1.00 43.96  ? 1103 LEU A CA  1 
ATOM   1019 C  C   . LEU A 1 179 ? -3.646  10.369  0.211   1.00 49.98  ? 1103 LEU A C   1 
ATOM   1020 O  O   . LEU A 1 179 ? -4.324  9.574   0.869   1.00 43.55  ? 1103 LEU A O   1 
ATOM   1021 C  CB  . LEU A 1 179 ? -2.148  9.001   -1.260  1.00 47.76  ? 1103 LEU A CB  1 
ATOM   1022 C  CG  . LEU A 1 179 ? -2.517  9.185   -2.690  1.00 49.64  ? 1103 LEU A CG  1 
ATOM   1023 C  CD1 . LEU A 1 179 ? -1.703  10.318  -3.298  1.00 42.61  ? 1103 LEU A CD1 1 
ATOM   1024 C  CD2 . LEU A 1 179 ? -2.298  7.876   -3.436  1.00 51.62  ? 1103 LEU A CD2 1 
ATOM   1025 N  N   . ASP A 1 180 ? -4.065  11.574  -0.099  1.00 58.01  ? 1104 ASP A N   1 
ATOM   1026 C  CA  . ASP A 1 180 ? -5.448  11.928  -0.099  1.00 60.69  ? 1104 ASP A CA  1 
ATOM   1027 C  C   . ASP A 1 180 ? -6.219  10.917  -0.937  1.00 43.36  ? 1104 ASP A C   1 
ATOM   1028 O  O   . ASP A 1 180 ? -5.784  10.529  -2.010  1.00 55.21  ? 1104 ASP A O   1 
ATOM   1029 C  CB  . ASP A 1 180 ? -5.515  13.346  -0.706  1.00 75.53  ? 1104 ASP A CB  1 
ATOM   1030 C  CG  . ASP A 1 180 ? -6.882  13.899  -0.711  1.00 75.35  ? 1104 ASP A CG  1 
ATOM   1031 O  OD1 . ASP A 1 180 ? -7.293  14.474  0.341   1.00 82.49  ? 1104 ASP A OD1 1 
ATOM   1032 O  OD2 . ASP A 1 180 ? -7.515  13.724  -1.775  1.00 75.35  ? 1104 ASP A OD2 1 
ATOM   1033 N  N   . LYS A 1 181 ? -7.380  10.500  -0.463  1.00 55.97  ? 1105 LYS A N   1 
ATOM   1034 C  CA  . LYS A 1 181 ? -8.264  9.545   -1.174  1.00 60.01  ? 1105 LYS A CA  1 
ATOM   1035 C  C   . LYS A 1 181 ? -8.790  9.932   -2.557  1.00 64.70  ? 1105 LYS A C   1 
ATOM   1036 O  O   . LYS A 1 181 ? -9.351  9.058   -3.265  1.00 64.20  ? 1105 LYS A O   1 
ATOM   1037 C  CB  . LYS A 1 181 ? -9.523  9.297   -0.346  1.00 70.50  ? 1105 LYS A CB  1 
ATOM   1038 C  CG  . LYS A 1 181 ? -9.376  8.248   0.729   1.00 78.39  ? 1105 LYS A CG  1 
ATOM   1039 C  CD  . LYS A 1 181 ? -10.129 6.944   0.426   1.00 87.95  ? 1105 LYS A CD  1 
ATOM   1040 C  CE  . LYS A 1 181 ? -11.273 6.658   1.418   1.00 89.41  ? 1105 LYS A CE  1 
ATOM   1041 N  NZ  . LYS A 1 181 ? -10.938 5.582   2.401   1.00 72.76  ? 1105 LYS A NZ  1 
ATOM   1042 N  N   . SER A 1 182 ? -8.682  11.212  -2.948  1.00 66.06  ? 1106 SER A N   1 
ATOM   1043 C  CA  . SER A 1 182 ? -9.020  11.554  -4.333  1.00 68.45  ? 1106 SER A CA  1 
ATOM   1044 C  C   . SER A 1 182 ? -8.180  10.618  -5.236  1.00 72.57  ? 1106 SER A C   1 
ATOM   1045 O  O   . SER A 1 182 ? -8.682  10.093  -6.221  1.00 74.97  ? 1106 SER A O   1 
ATOM   1046 C  CB  . SER A 1 182 ? -8.800  13.045  -4.634  1.00 70.92  ? 1106 SER A CB  1 
ATOM   1047 O  OG  . SER A 1 182 ? -7.434  13.417  -4.792  1.00 66.34  ? 1106 SER A OG  1 
ATOM   1048 N  N   . LEU A 1 183 ? -6.931  10.367  -4.798  1.00 64.79  ? 1107 LEU A N   1 
ATOM   1049 C  CA  . LEU A 1 183 ? -5.927  9.566   -5.472  1.00 60.35  ? 1107 LEU A CA  1 
ATOM   1050 C  C   . LEU A 1 183 ? -5.381  10.376  -6.632  1.00 60.78  ? 1107 LEU A C   1 
ATOM   1051 O  O   . LEU A 1 183 ? -4.692  9.848   -7.507  1.00 54.16  ? 1107 LEU A O   1 
ATOM   1052 C  CB  . LEU A 1 183 ? -6.459  8.203   -5.898  1.00 64.45  ? 1107 LEU A CB  1 
ATOM   1053 C  CG  . LEU A 1 183 ? -7.030  7.445   -4.712  1.00 65.67  ? 1107 LEU A CG  1 
ATOM   1054 C  CD1 . LEU A 1 183 ? -8.272  6.653   -5.105  1.00 71.39  ? 1107 LEU A CD1 1 
ATOM   1055 C  CD2 . LEU A 1 183 ? -5.921  6.582   -4.143  1.00 64.44  ? 1107 LEU A CD2 1 
ATOM   1056 N  N   . ASN A 1 184 ? -5.631  11.687  -6.606  1.00 63.23  ? 1108 ASN A N   1 
ATOM   1057 C  CA  . ASN A 1 184 ? -5.217  12.569  -7.693  1.00 67.67  ? 1108 ASN A CA  1 
ATOM   1058 C  C   . ASN A 1 184 ? -3.710  12.666  -7.760  1.00 59.93  ? 1108 ASN A C   1 
ATOM   1059 O  O   . ASN A 1 184 ? -3.158  12.761  -8.841  1.00 63.76  ? 1108 ASN A O   1 
ATOM   1060 C  CB  . ASN A 1 184 ? -5.803  13.985  -7.533  1.00 79.99  ? 1108 ASN A CB  1 
ATOM   1061 C  CG  . ASN A 1 184 ? -7.329  14.019  -7.595  1.00 88.77  ? 1108 ASN A CG  1 
ATOM   1062 O  OD1 . ASN A 1 184 ? -7.993  13.021  -7.937  1.00 93.13  ? 1108 ASN A OD1 1 
ATOM   1063 N  ND2 . ASN A 1 184 ? -7.898  15.177  -7.239  1.00 91.45  ? 1108 ASN A ND2 1 
ATOM   1064 N  N   . GLN A 1 185 ? -3.040  12.597  -6.618  1.00 54.71  ? 1109 GLN A N   1 
ATOM   1065 C  CA  . GLN A 1 185 ? -1.559  12.679  -6.607  1.00 54.51  ? 1109 GLN A CA  1 
ATOM   1066 C  C   . GLN A 1 185 ? -0.854  11.330  -6.799  1.00 46.69  ? 1109 GLN A C   1 
ATOM   1067 O  O   . GLN A 1 185 ? 0.382   11.243  -6.632  1.00 44.86  ? 1109 GLN A O   1 
ATOM   1068 C  CB  . GLN A 1 185 ? -1.086  13.319  -5.283  1.00 58.10  ? 1109 GLN A CB  1 
ATOM   1069 C  CG  . GLN A 1 185 ? -1.382  14.799  -5.185  1.00 65.53  ? 1109 GLN A CG  1 
ATOM   1070 C  CD  . GLN A 1 185 ? -0.709  15.509  -6.331  1.00 65.55  ? 1109 GLN A CD  1 
ATOM   1071 O  OE1 . GLN A 1 185 ? 0.511   15.627  -6.348  1.00 76.27  ? 1109 GLN A OE1 1 
ATOM   1072 N  NE2 . GLN A 1 185 ? -1.481  15.888  -7.345  1.00 67.12  ? 1109 GLN A NE2 1 
ATOM   1073 N  N   . LEU A 1 186 ? -1.592  10.297  -7.190  1.00 51.78  ? 1110 LEU A N   1 
ATOM   1074 C  CA  . LEU A 1 186 ? -1.053  8.922   -7.128  1.00 44.53  ? 1110 LEU A CA  1 
ATOM   1075 C  C   . LEU A 1 186 ? 0.228   8.784   -7.873  1.00 51.05  ? 1110 LEU A C   1 
ATOM   1076 O  O   . LEU A 1 186 ? 1.202   8.311   -7.300  1.00 46.26  ? 1110 LEU A O   1 
ATOM   1077 C  CB  . LEU A 1 186 ? -2.078  7.889   -7.606  1.00 50.74  ? 1110 LEU A CB  1 
ATOM   1078 C  CG  . LEU A 1 186 ? -1.716  6.428   -7.296  1.00 50.07  ? 1110 LEU A CG  1 
ATOM   1079 C  CD1 . LEU A 1 186 ? -2.947  5.708   -6.769  1.00 54.90  ? 1110 LEU A CD1 1 
ATOM   1080 C  CD2 . LEU A 1 186 ? -1.128  5.697   -8.484  1.00 48.28  ? 1110 LEU A CD2 1 
ATOM   1081 N  N   . ALA A 1 187 ? 0.256   9.264   -9.128  1.00 47.33  ? 1111 ALA A N   1 
ATOM   1082 C  CA  . ALA A 1 187 ? 1.416   9.072   -9.964  1.00 49.70  ? 1111 ALA A CA  1 
ATOM   1083 C  C   . ALA A 1 187 ? 2.619   9.884   -9.496  1.00 46.11  ? 1111 ALA A C   1 
ATOM   1084 O  O   . ALA A 1 187 ? 3.747   9.428   -9.590  1.00 51.75  ? 1111 ALA A O   1 
ATOM   1085 C  CB  . ALA A 1 187 ? 1.080   9.395   -11.419 1.00 59.21  ? 1111 ALA A CB  1 
ATOM   1086 N  N   . ASN A 1 188 ? 2.373   11.068  -8.962  1.00 54.38  ? 1112 ASN A N   1 
ATOM   1087 C  CA  . ASN A 1 188 ? 3.458   11.892  -8.414  1.00 53.53  ? 1112 ASN A CA  1 
ATOM   1088 C  C   . ASN A 1 188 ? 4.082   11.255  -7.178  1.00 50.85  ? 1112 ASN A C   1 
ATOM   1089 O  O   . ASN A 1 188 ? 5.299   11.154  -7.059  1.00 52.56  ? 1112 ASN A O   1 
ATOM   1090 C  CB  . ASN A 1 188 ? 2.933   13.282  -8.056  1.00 61.38  ? 1112 ASN A CB  1 
ATOM   1091 C  CG  . ASN A 1 188 ? 2.475   14.073  -9.281  1.00 67.90  ? 1112 ASN A CG  1 
ATOM   1092 O  OD1 . ASN A 1 188 ? 2.967   13.868  -10.398 1.00 63.37  ? 1112 ASN A OD1 1 
ATOM   1093 N  ND2 . ASN A 1 188 ? 1.506   14.967  -9.074  1.00 72.56  ? 1112 ASN A ND2 1 
ATOM   1094 N  N   . VAL A 1 189 ? 3.221   10.779  -6.282  1.00 48.67  ? 1113 VAL A N   1 
ATOM   1095 C  CA  . VAL A 1 189 ? 3.665   10.128  -5.040  1.00 40.91  ? 1113 VAL A CA  1 
ATOM   1096 C  C   . VAL A 1 189 ? 4.490   8.909   -5.400  1.00 40.29  ? 1113 VAL A C   1 
ATOM   1097 O  O   . VAL A 1 189 ? 5.560   8.732   -4.859  1.00 37.77  ? 1113 VAL A O   1 
ATOM   1098 C  CB  . VAL A 1 189 ? 2.472   9.828   -4.101  1.00 46.50  ? 1113 VAL A CB  1 
ATOM   1099 C  CG1 . VAL A 1 189 ? 2.831   8.793   -3.043  1.00 43.90  ? 1113 VAL A CG1 1 
ATOM   1100 C  CG2 . VAL A 1 189 ? 2.014   11.145  -3.452  1.00 49.82  ? 1113 VAL A CG2 1 
ATOM   1101 N  N   . ILE A 1 190 ? 4.075   8.128   -6.385  1.00 34.44  ? 1114 ILE A N   1 
ATOM   1102 C  CA  . ILE A 1 190 ? 4.892   6.939   -6.780  1.00 35.97  ? 1114 ILE A CA  1 
ATOM   1103 C  C   . ILE A 1 190 ? 6.225   7.293   -7.417  1.00 36.06  ? 1114 ILE A C   1 
ATOM   1104 O  O   . ILE A 1 190 ? 7.235   6.655   -7.154  1.00 35.11  ? 1114 ILE A O   1 
ATOM   1105 C  CB  . ILE A 1 190 ? 4.033   6.010   -7.606  1.00 35.92  ? 1114 ILE A CB  1 
ATOM   1106 C  CG1 . ILE A 1 190 ? 3.107   5.244   -6.633  1.00 42.83  ? 1114 ILE A CG1 1 
ATOM   1107 C  CG2 . ILE A 1 190 ? 4.843   5.021   -8.400  1.00 37.34  ? 1114 ILE A CG2 1 
ATOM   1108 C  CD1 . ILE A 1 190 ? 1.947   4.614   -7.320  1.00 42.73  ? 1114 ILE A CD1 1 
ATOM   1109 N  N   . ARG A 1 191 ? 6.243   8.353   -8.217  1.00 43.21  ? 1115 ARG A N   1 
ATOM   1110 C  CA  . ARG A 1 191 ? 7.540   8.862   -8.755  1.00 49.23  ? 1115 ARG A CA  1 
ATOM   1111 C  C   . ARG A 1 191 ? 8.490   9.328   -7.686  1.00 39.53  ? 1115 ARG A C   1 
ATOM   1112 O  O   . ARG A 1 191 ? 9.694   9.035   -7.731  1.00 48.43  ? 1115 ARG A O   1 
ATOM   1113 C  CB  . ARG A 1 191 ? 7.309   10.022  -9.718  1.00 55.65  ? 1115 ARG A CB  1 
ATOM   1114 C  CG  . ARG A 1 191 ? 6.682   9.556   -11.022 1.00 58.22  ? 1115 ARG A CG  1 
ATOM   1115 C  CD  . ARG A 1 191 ? 6.897   10.590  -12.124 1.00 60.91  ? 1115 ARG A CD  1 
ATOM   1116 N  NE  . ARG A 1 191 ? 6.272   10.118  -13.360 1.00 55.78  ? 1115 ARG A NE  1 
ATOM   1117 C  CZ  . ARG A 1 191 ? 4.999   10.339  -13.709 1.00 53.30  ? 1115 ARG A CZ  1 
ATOM   1118 N  NH1 . ARG A 1 191 ? 4.158   11.079  -12.946 1.00 50.00  ? 1115 ARG A NH1 1 
ATOM   1119 N  NH2 . ARG A 1 191 ? 4.547   9.805   -14.843 1.00 44.31  ? 1115 ARG A NH2 1 
ATOM   1120 N  N   . GLU A 1 192 ? 7.939   10.018  -6.703  1.00 43.58  ? 1116 GLU A N   1 
ATOM   1121 C  CA  . GLU A 1 192 ? 8.724   10.445  -5.561  1.00 42.08  ? 1116 GLU A CA  1 
ATOM   1122 C  C   . GLU A 1 192 ? 9.258   9.269   -4.797  1.00 42.02  ? 1116 GLU A C   1 
ATOM   1123 O  O   . GLU A 1 192 ? 10.388  9.295   -4.323  1.00 45.76  ? 1116 GLU A O   1 
ATOM   1124 C  CB  . GLU A 1 192 ? 7.854   11.225  -4.577  1.00 54.23  ? 1116 GLU A CB  1 
ATOM   1125 C  CG  . GLU A 1 192 ? 7.351   12.586  -5.002  1.00 63.37  ? 1116 GLU A CG  1 
ATOM   1126 C  CD  . GLU A 1 192 ? 6.839   13.330  -3.782  1.00 74.41  ? 1116 GLU A CD  1 
ATOM   1127 O  OE1 . GLU A 1 192 ? 7.706   13.786  -2.998  1.00 86.38  ? 1116 GLU A OE1 1 
ATOM   1128 O  OE2 . GLU A 1 192 ? 5.600   13.427  -3.569  1.00 75.33  ? 1116 GLU A OE2 1 
ATOM   1129 N  N   . ILE A 1 193 ? 8.428   8.245   -4.594  1.00 39.91  ? 1117 ILE A N   1 
ATOM   1130 C  CA  . ILE A 1 193 ? 8.911   7.058   -3.892  1.00 39.73  ? 1117 ILE A CA  1 
ATOM   1131 C  C   . ILE A 1 193 ? 10.016  6.453   -4.676  1.00 43.98  ? 1117 ILE A C   1 
ATOM   1132 O  O   . ILE A 1 193 ? 11.035  5.992   -4.077  1.00 42.06  ? 1117 ILE A O   1 
ATOM   1133 C  CB  . ILE A 1 193 ? 7.792   6.000   -3.679  1.00 40.77  ? 1117 ILE A CB  1 
ATOM   1134 C  CG1 . ILE A 1 193 ? 6.847   6.494   -2.613  1.00 39.55  ? 1117 ILE A CG1 1 
ATOM   1135 C  CG2 . ILE A 1 193 ? 8.376   4.622   -3.310  1.00 40.71  ? 1117 ILE A CG2 1 
ATOM   1136 C  CD1 . ILE A 1 193 ? 5.548   5.694   -2.535  1.00 43.72  ? 1117 ILE A CD1 1 
ATOM   1137 N  N   . GLU A 1 194 ? 9.815   6.382   -5.995  1.00 42.41  ? 1118 GLU A N   1 
ATOM   1138 C  CA  . GLU A 1 194 ? 10.817  5.712   -6.845  1.00 49.49  ? 1118 GLU A CA  1 
ATOM   1139 C  C   . GLU A 1 194 ? 12.139  6.464   -6.858  1.00 53.06  ? 1118 GLU A C   1 
ATOM   1140 O  O   . GLU A 1 194 ? 13.217  5.838   -6.810  1.00 56.45  ? 1118 GLU A O   1 
ATOM   1141 C  CB  . GLU A 1 194 ? 10.337  5.506   -8.289  1.00 46.26  ? 1118 GLU A CB  1 
ATOM   1142 C  CG  . GLU A 1 194 ? 9.227   4.477   -8.347  1.00 54.50  ? 1118 GLU A CG  1 
ATOM   1143 C  CD  . GLU A 1 194 ? 9.677   3.092   -7.916  1.00 54.80  ? 1118 GLU A CD  1 
ATOM   1144 O  OE1 . GLU A 1 194 ? 10.818  2.723   -8.227  1.00 59.13  ? 1118 GLU A OE1 1 
ATOM   1145 O  OE2 . GLU A 1 194 ? 8.880   2.347   -7.326  1.00 52.20  ? 1118 GLU A OE2 1 
ATOM   1146 N  N   . SER A 1 195 ? 12.068  7.786   -6.897  1.00 54.87  ? 1119 SER A N   1 
ATOM   1147 C  CA  . SER A 1 195 ? 13.309  8.565   -6.822  1.00 71.91  ? 1119 SER A CA  1 
ATOM   1148 C  C   . SER A 1 195 ? 14.133  8.271   -5.535  1.00 72.67  ? 1119 SER A C   1 
ATOM   1149 O  O   . SER A 1 195 ? 15.352  8.206   -5.566  1.00 78.16  ? 1119 SER A O   1 
ATOM   1150 C  CB  . SER A 1 195 ? 12.983  10.041  -6.920  1.00 71.32  ? 1119 SER A CB  1 
ATOM   1151 O  OG  . SER A 1 195 ? 12.056  10.364  -5.910  1.00 87.62  ? 1119 SER A OG  1 
ATOM   1152 N  N   . LYS A 1 196 ? 13.447  8.023   -4.429  1.00 73.96  ? 1120 LYS A N   1 
ATOM   1153 C  CA  . LYS A 1 196 ? 14.081  7.928   -3.127  1.00 70.94  ? 1120 LYS A CA  1 
ATOM   1154 C  C   . LYS A 1 196 ? 14.877  6.625   -2.925  1.00 67.30  ? 1120 LYS A C   1 
ATOM   1155 O  O   . LYS A 1 196 ? 14.815  5.701   -3.741  1.00 74.49  ? 1120 LYS A O   1 
ATOM   1156 C  CB  . LYS A 1 196 ? 12.981  8.088   -2.087  1.00 73.81  ? 1120 LYS A CB  1 
ATOM   1157 C  CG  . LYS A 1 196 ? 13.420  8.604   -0.749  1.00 86.11  ? 1120 LYS A CG  1 
ATOM   1158 C  CD  . LYS A 1 196 ? 12.253  8.516   0.228   1.00 100.46 ? 1120 LYS A CD  1 
ATOM   1159 C  CE  . LYS A 1 196 ? 12.390  9.480   1.396   1.00 109.20 ? 1120 LYS A CE  1 
ATOM   1160 N  NZ  . LYS A 1 196 ? 13.694  9.311   2.096   1.00 114.73 ? 1120 LYS A NZ  1 
HETATM 1161 MG MG  . MG  B 2 .   ? -11.796 3.170   6.240   1.00 47.96  ? 1201 MG  A MG  1 
HETATM 1162 BE BE  . BEF C 3 .   ? -9.715  5.784   5.698   1.00 46.11  ? 1202 BEF A BE  1 
HETATM 1163 F  F1  . BEF C 3 .   ? -10.952 4.856   6.403   1.00 49.78  ? 1202 BEF A F1  1 
HETATM 1164 F  F2  . BEF C 3 .   ? -8.476  6.150   6.797   1.00 48.76  ? 1202 BEF A F2  1 
HETATM 1165 F  F3  . BEF C 3 .   ? -9.998  6.708   4.288   1.00 56.36  ? 1202 BEF A F3  1 
HETATM 1166 O  O   . HOH D 4 .   ? 3.281   -9.551  12.747  1.00 42.52  ? 1301 HOH A O   1 
HETATM 1167 O  O   . HOH D 4 .   ? -5.388  -1.033  15.097  1.00 41.99  ? 1302 HOH A O   1 
HETATM 1168 O  O   . HOH D 4 .   ? 10.625  -3.754  5.788   1.00 37.77  ? 1303 HOH A O   1 
HETATM 1169 O  O   . HOH D 4 .   ? -11.988 -9.409  6.255   1.00 55.41  ? 1304 HOH A O   1 
HETATM 1170 O  O   . HOH D 4 .   ? -12.538 3.617   4.234   1.00 45.00  ? 1305 HOH A O   1 
HETATM 1171 O  O   . HOH D 4 .   ? -0.614  -13.385 -1.071  1.00 32.14  ? 1306 HOH A O   1 
HETATM 1172 O  O   . HOH D 4 .   ? 5.340   0.825   -14.964 1.00 40.35  ? 1307 HOH A O   1 
HETATM 1173 O  O   . HOH D 4 .   ? -10.542 -9.240  8.664   1.00 44.39  ? 1308 HOH A O   1 
HETATM 1174 O  O   . HOH D 4 .   ? -13.066 3.869   7.899   1.00 47.80  ? 1309 HOH A O   1 
HETATM 1175 O  O   . HOH D 4 .   ? 7.980   -1.559  -5.648  1.00 43.09  ? 1310 HOH A O   1 
HETATM 1176 O  O   . HOH D 4 .   ? -2.101  -15.676 -0.239  1.00 40.20  ? 1311 HOH A O   1 
HETATM 1177 O  O   . HOH D 4 .   ? 8.835   -13.015 8.819   1.00 34.81  ? 1312 HOH A O   1 
HETATM 1178 O  O   . HOH D 4 .   ? 6.023   -6.607  -10.612 1.00 55.33  ? 1313 HOH A O   1 
HETATM 1179 O  O   . HOH D 4 .   ? -11.778 5.105   -10.155 1.00 48.37  ? 1314 HOH A O   1 
HETATM 1180 O  O   . HOH D 4 .   ? 14.715  -18.212 -1.902  1.00 51.77  ? 1315 HOH A O   1 
HETATM 1181 O  O   . HOH D 4 .   ? 7.583   0.064   11.416  1.00 52.53  ? 1316 HOH A O   1 
HETATM 1182 O  O   . HOH D 4 .   ? 8.759   -18.003 5.582   1.00 53.98  ? 1317 HOH A O   1 
HETATM 1183 O  O   . HOH D 4 .   ? 11.999  7.330   8.235   1.00 55.97  ? 1318 HOH A O   1 
HETATM 1184 O  O   . HOH D 4 .   ? 9.901   -13.084 -0.257  1.00 36.30  ? 1319 HOH A O   1 
HETATM 1185 O  O   . HOH D 4 .   ? -10.906 -7.603  10.648  1.00 53.63  ? 1320 HOH A O   1 
HETATM 1186 O  O   . HOH D 4 .   ? 7.679   -4.399  -11.047 1.00 59.15  ? 1321 HOH A O   1 
HETATM 1187 O  O   . HOH D 4 .   ? 10.728  0.231   -0.336  1.00 48.78  ? 1322 HOH A O   1 
HETATM 1188 O  O   . HOH D 4 .   ? 9.432   7.673   1.719   1.00 53.22  ? 1323 HOH A O   1 
HETATM 1189 O  O   . HOH D 4 .   ? 10.168  -19.299 3.362   1.00 52.58  ? 1324 HOH A O   1 
HETATM 1190 O  O   . HOH D 4 .   ? 3.167   -14.732 -4.350  1.00 64.98  ? 1325 HOH A O   1 
HETATM 1191 O  O   . HOH D 4 .   ? -6.018  13.950  2.916   1.00 65.25  ? 1326 HOH A O   1 
HETATM 1192 O  O   . HOH D 4 .   ? 4.661   -6.717  -1.012  1.00 30.94  ? 1327 HOH A O   1 
HETATM 1193 O  O   . HOH D 4 .   ? 13.566  -14.820 -3.875  1.00 54.56  ? 1328 HOH A O   1 
HETATM 1194 O  O   . HOH D 4 .   ? 1.162   -12.677 9.619   1.00 31.04  ? 1329 HOH A O   1 
HETATM 1195 O  O   . HOH D 4 .   ? -2.855  1.809   15.338  1.00 52.33  ? 1330 HOH A O   1 
HETATM 1196 O  O   . HOH D 4 .   ? 8.402   -0.619  -8.337  1.00 49.34  ? 1331 HOH A O   1 
HETATM 1197 O  O   . HOH D 4 .   ? -3.833  -12.338 9.208   1.00 37.60  ? 1332 HOH A O   1 
HETATM 1198 O  O   . HOH D 4 .   ? -6.975  17.534  1.610   1.00 60.71  ? 1333 HOH A O   1 
HETATM 1199 O  O   . HOH D 4 .   ? -10.074 4.840   -2.573  1.00 46.12  ? 1334 HOH A O   1 
HETATM 1200 O  O   . HOH D 4 .   ? 8.317   5.907   8.525   1.00 62.86  ? 1335 HOH A O   1 
HETATM 1201 O  O   . HOH D 4 .   ? -11.787 -3.649  8.186   1.00 44.93  ? 1336 HOH A O   1 
HETATM 1202 O  O   . HOH D 4 .   ? -10.737 8.673   -7.848  1.00 66.15  ? 1337 HOH A O   1 
HETATM 1203 O  O   . HOH D 4 .   ? 6.951   14.877  0.191   1.00 52.65  ? 1338 HOH A O   1 
HETATM 1204 O  O   . HOH D 4 .   ? -7.634  -12.865 6.972   1.00 54.95  ? 1339 HOH A O   1 
HETATM 1205 O  O   . HOH D 4 .   ? 12.616  -4.436  -1.088  1.00 35.76  ? 1340 HOH A O   1 
HETATM 1206 O  O   . HOH D 4 .   ? -11.331 -8.964  1.591   1.00 50.34  ? 1341 HOH A O   1 
HETATM 1207 O  O   . HOH D 4 .   ? -5.255  -6.658  15.944  0.50 48.83  ? 1342 HOH A O   1 
HETATM 1208 O  O   . HOH D 4 .   ? -8.724  -9.365  -5.097  1.00 49.06  ? 1343 HOH A O   1 
HETATM 1209 O  O   . HOH D 4 .   ? 5.116   -8.965  -7.637  1.00 48.52  ? 1344 HOH A O   1 
HETATM 1210 O  O   . HOH D 4 .   ? -2.313  10.202  -10.746 1.00 53.59  ? 1345 HOH A O   1 
HETATM 1211 O  O   . HOH D 4 .   ? -8.482  -6.169  10.624  1.00 38.05  ? 1346 HOH A O   1 
HETATM 1212 O  O   . HOH D 4 .   ? 9.837   0.810   9.178   1.00 55.57  ? 1347 HOH A O   1 
HETATM 1213 O  O   . HOH D 4 .   ? 10.307  2.870   8.772   1.00 49.71  ? 1348 HOH A O   1 
HETATM 1214 O  O   . HOH D 4 .   ? -12.085 -1.016  16.443  1.00 52.98  ? 1349 HOH A O   1 
HETATM 1215 O  O   . HOH D 4 .   ? 9.446   -8.010  -6.304  1.00 40.98  ? 1350 HOH A O   1 
HETATM 1216 O  O   . HOH D 4 .   ? 12.431  -13.627 -0.205  1.00 50.23  ? 1351 HOH A O   1 
HETATM 1217 O  O   . HOH D 4 .   ? 14.447  -21.193 -0.156  1.00 61.67  ? 1352 HOH A O   1 
HETATM 1218 O  O   . HOH D 4 .   ? -4.352  17.828  15.726  1.00 60.20  ? 1353 HOH A O   1 
# 
